data_6XBJ
#
_entry.id   6XBJ
#
_cell.length_a   1.00
_cell.length_b   1.00
_cell.length_c   1.00
_cell.angle_alpha   90.00
_cell.angle_beta   90.00
_cell.angle_gamma   90.00
#
_symmetry.space_group_name_H-M   'P 1'
#
loop_
_entity.id
_entity.type
_entity.pdbx_description
1 polymer 'Smoothened homolog'
2 polymer 'Guanine nucleotide-binding protein G(i) subunit alpha-1'
3 polymer 'Guanine nucleotide-binding protein G(I)/G(S)/G(T) subunit beta-1'
4 polymer 'Guanine nucleotide-binding protein G(I)/G(S)/G(O) subunit gamma-2'
5 polymer scFv16
6 non-polymer CHOLESTEROL
#
loop_
_entity_poly.entity_id
_entity_poly.type
_entity_poly.pdbx_seq_one_letter_code
_entity_poly.pdbx_strand_id
1 'polypeptide(L)'
;MAAARPARGPELPLLGLLLLLLLGDPGRGAASSGNATGPGPRSAGGSARRSAAVTGPPPPLSHCGRAAPCEPLRYNVCLG
SVLPYGATSTLLAGDSDSQEEAHGKLVLWSGLRNAPRCWAVIQPLLCAVYMPKCENDRVELPSRTLCQATRGPCAIVERE
RGWPDFLRCTPDRFPEGCTNEVQNIKFNSSGQCEVPLVRTDNPKSWYEDVEGCGIQCQNPLFTEAEHQDMHSYIAAFGAV
TGLCTLFTLATFVADWRNSNRYPAVILFYVNACFFVGSIGWLAQFMDGARREIVCRADGTMRLGEPTSNETLSCVIIFVI
VYYALMAGVVWFVVLTYAWHTSFKALGTTYQPLSGKTSYFHLLTWSLPFVLTVAILAVAQVDGRSVSGICFVGYKNYRYR
AGFVLAPIGLVLIVGGYFLIRGVMTLFSIKSNHPGLLSEKAASKINETMLRLGIFGFLAFGFVLITFSCHFYDFFNQAEW
ERSFRDYVLCQANVTIGLPTKQPIPDCEIKNRPSLLVEKINLFAMFGTGIAMSTWVWTKATLLIWRRTWCRLTGQSDDEP
KRIKKSKMIAKAFSKRHELLQNPGQELSFSMHTVSHDGPVAGLAFDLNEPSADVSSAWAQHVTKMVARRGAILPQDISVT
PVATDYKDDDDK
;
R
2 'polypeptide(L)'
;MGCTLSAEDKAAVERSKMIDRNLREDGEKAAREVKLLLLGAGESGKSTIVKQMKIIHEAGYSEEECKQYKAVVYSNTIQS
IIAIIRAMGRLKIDFGDSARADDARQLFVLAGAAEEGFMTAELAGVIKRLWKDSGVQACFNRSREYQLNDSAAYYLNDLD
RIAQPNYIPTQQDVLRTRVKTTGIVETHFTFKDLHFKMFDVGGQRSERKKWIHCFEGVTAIIFCVALSDYDLVLAEDEEM
NRMHESMKLFDSICNNKWFTDTSIILFLNKKDLFEEKIKKSPLTICYPEYAGSNTYEEAAAYIQCQFEDLNKRKDTKEIY
THFTCATDTKNVQFVFDAVTDVIIKNNLKDCGLF
;
A
3 'polypeptide(L)'
;PGSSGSELDQLRQEAEQLKNQIRDARKACADATLSQITNNIDPVGRIQMRTRRTLRGHLAKIYAMHWGTDSRLLVSASQD
GKLIIWDSYTTNKVHAIPLRSSWVMTCAYAPSGNYVACGGLDNICSIYNLKTREGNVRVSRELAGHTGYLSCCRFLDDNQ
IVTSSGDTTCALWDIETGQQTTTFTGHTGDVMSLSLAPDTRLFVSGACDASAKLWDVREGMCRQTFTGHESDINAICFFP
NGNAFATGSDDATCRLFDLRADQELMTYSHDNIICGITSVSFSKSGRLLLAGYDDFNCNVWDALKADRAGVLAGHDNRVS
CLGVTDDGMAVATGSWDSFLKIWN
;
B
4 'polypeptide(L)' MASNNTASIAQARKLVEQLKMEANIDRIKVSKAAADLMAYCEAHAKEDPLLTPVPASENPFREKKFFCAIL G
5 'polypeptide(L)'
;DVQLVESGGGLVQPGGSRKLSCSASGFAFSSFGMHWVRQAPEKGLEWVAYISSGSGTIYYADTVKGRFTISRDDPKNTLF
LQMTSLRSEDTAMYYCVRSIYYYGSSPFDFWGQGTTLTVSSGGGGSGGGGSGGGGSDIVMTQATSSVPVTPGESVSISCR
SSKSLLHSNGNTYLYWFLQRPGQSPQLLIYRMSNLASGVPDRFSGSGSGTAFTLTISRLEAEDVGVYYCMQHLEYPLTFG
AGTKLELKAAAHHHHHHHH
;
S
#
loop_
_chem_comp.id
_chem_comp.type
_chem_comp.name
_chem_comp.formula
CLR non-polymer CHOLESTEROL 'C27 H46 O'
#
# COMPACT_ATOMS: atom_id res chain seq x y z
N HIS A 63 17.72 65.68 57.50
CA HIS A 63 17.47 64.63 58.56
C HIS A 63 18.49 63.47 58.53
N CYS A 64 19.50 63.50 57.65
CA CYS A 64 20.57 62.46 57.55
C CYS A 64 21.91 63.04 58.01
N GLY A 65 21.92 63.63 59.21
CA GLY A 65 23.09 64.34 59.79
C GLY A 65 23.27 64.06 61.27
N ARG A 66 24.38 63.40 61.63
CA ARG A 66 24.75 63.07 63.03
C ARG A 66 26.09 63.72 63.36
N ALA A 67 26.21 64.32 64.55
CA ALA A 67 27.46 64.92 65.08
C ALA A 67 28.39 63.81 65.57
N ALA A 68 29.47 63.55 64.83
CA ALA A 68 30.45 62.48 65.11
C ALA A 68 31.87 62.94 64.77
N PRO A 69 32.90 62.53 65.56
CA PRO A 69 34.29 62.89 65.27
C PRO A 69 34.87 62.06 64.11
N CYS A 70 35.50 62.73 63.14
CA CYS A 70 36.17 62.13 61.97
C CYS A 70 37.68 62.37 62.05
N GLU A 71 38.45 61.74 61.16
CA GLU A 71 39.93 61.87 61.06
C GLU A 71 40.32 62.15 59.61
N PRO A 72 41.44 62.87 59.34
CA PRO A 72 41.93 63.05 57.98
C PRO A 72 42.35 61.73 57.34
N LEU A 73 41.84 61.44 56.14
CA LEU A 73 42.03 60.16 55.39
C LEU A 73 43.51 59.97 55.03
N ARG A 74 43.91 58.71 54.78
CA ARG A 74 45.27 58.33 54.29
C ARG A 74 45.20 57.46 53.02
N TYR A 75 44.02 56.96 52.63
CA TYR A 75 43.79 56.21 51.36
C TYR A 75 42.72 56.93 50.53
N ASN A 76 43.09 57.41 49.34
CA ASN A 76 42.31 58.38 48.52
C ASN A 76 41.76 57.70 47.24
N VAL A 77 41.75 56.36 47.19
CA VAL A 77 41.45 55.55 45.96
C VAL A 77 40.21 54.70 46.21
N CYS A 78 39.28 54.68 45.23
CA CYS A 78 38.06 53.81 45.21
C CYS A 78 38.25 52.68 44.19
N LEU A 79 39.46 52.12 44.12
CA LEU A 79 39.87 50.99 43.24
C LEU A 79 39.54 51.32 41.77
N GLY A 80 40.16 52.38 41.23
CA GLY A 80 40.05 52.77 39.82
C GLY A 80 39.70 54.23 39.58
N SER A 81 39.34 54.99 40.63
CA SER A 81 39.08 56.46 40.56
C SER A 81 39.72 57.19 41.75
N VAL A 82 39.66 58.52 41.70
CA VAL A 82 40.14 59.44 42.77
C VAL A 82 38.96 59.83 43.67
N LEU A 83 39.26 60.11 44.95
CA LEU A 83 38.28 60.66 45.93
C LEU A 83 38.45 62.18 45.98
N PRO A 84 37.43 62.98 45.58
CA PRO A 84 37.57 64.44 45.46
C PRO A 84 37.49 65.25 46.77
N TYR A 85 37.58 64.59 47.93
CA TYR A 85 37.48 65.17 49.29
C TYR A 85 38.74 64.85 50.12
N GLY A 86 38.83 65.42 51.33
CA GLY A 86 39.98 65.31 52.24
C GLY A 86 39.57 65.04 53.68
N ALA A 87 38.62 64.13 53.90
CA ALA A 87 38.22 63.61 55.24
C ALA A 87 37.38 62.34 55.10
N THR A 88 37.55 61.39 56.04
CA THR A 88 36.81 60.10 56.12
C THR A 88 36.39 59.82 57.56
N SER A 89 35.27 59.10 57.73
CA SER A 89 34.80 58.52 59.01
C SER A 89 34.72 56.99 58.89
N THR A 90 34.55 56.29 60.02
CA THR A 90 34.37 54.81 60.08
C THR A 90 33.18 54.42 60.98
N LEU A 91 32.50 55.38 61.62
CA LEU A 91 31.45 55.12 62.63
C LEU A 91 30.22 54.47 61.97
N LEU A 92 29.90 54.89 60.73
CA LEU A 92 28.83 54.28 59.89
C LEU A 92 29.15 52.79 59.68
N ALA A 93 30.42 52.47 59.42
CA ALA A 93 30.91 51.08 59.24
C ALA A 93 31.03 50.41 60.61
N GLY A 94 29.96 49.74 61.06
CA GLY A 94 29.91 48.93 62.29
C GLY A 94 30.95 47.82 62.32
N ASP A 95 31.32 47.27 61.16
CA ASP A 95 32.31 46.16 61.02
C ASP A 95 33.71 46.66 61.43
N SER A 96 34.21 47.73 60.81
CA SER A 96 35.57 48.29 61.00
C SER A 96 35.54 49.35 62.10
N ASP A 97 36.70 49.68 62.67
CA ASP A 97 36.86 50.68 63.76
C ASP A 97 37.70 51.87 63.26
N SER A 98 38.91 51.59 62.76
CA SER A 98 39.90 52.59 62.29
C SER A 98 40.11 52.47 60.77
N GLN A 99 40.99 53.30 60.21
CA GLN A 99 41.27 53.42 58.75
C GLN A 99 41.91 52.12 58.23
N GLU A 100 42.81 51.51 59.01
CA GLU A 100 43.59 50.30 58.61
C GLU A 100 42.65 49.11 58.46
N GLU A 101 41.77 48.88 59.44
CA GLU A 101 40.72 47.81 59.41
C GLU A 101 39.73 48.10 58.28
N ALA A 102 39.36 49.38 58.08
CA ALA A 102 38.47 49.84 56.99
C ALA A 102 39.04 49.44 55.62
N HIS A 103 40.32 49.73 55.37
CA HIS A 103 41.03 49.33 54.13
C HIS A 103 41.15 47.80 54.05
N GLY A 104 41.50 47.16 55.17
CA GLY A 104 41.48 45.69 55.29
C GLY A 104 40.18 45.11 54.75
N LYS A 105 39.04 45.59 55.26
CA LYS A 105 37.68 45.17 54.82
C LYS A 105 37.45 45.55 53.36
N LEU A 106 37.90 46.74 52.93
CA LEU A 106 37.81 47.19 51.50
C LEU A 106 38.47 46.14 50.60
N VAL A 107 39.71 45.73 50.91
CA VAL A 107 40.50 44.75 50.11
C VAL A 107 39.84 43.37 50.19
N LEU A 108 39.16 43.04 51.31
CA LEU A 108 38.40 41.78 51.46
C LEU A 108 37.15 41.80 50.56
N TRP A 109 36.42 42.93 50.52
CA TRP A 109 35.23 43.11 49.64
C TRP A 109 35.65 43.30 48.17
N SER A 110 36.91 43.67 47.90
CA SER A 110 37.50 43.83 46.54
C SER A 110 37.42 42.53 45.72
N GLY A 111 37.27 41.37 46.38
CA GLY A 111 37.06 40.05 45.75
C GLY A 111 35.82 39.98 44.87
N LEU A 112 34.95 41.00 44.92
CA LEU A 112 33.75 41.14 44.03
C LEU A 112 34.16 41.74 42.67
N ARG A 113 35.43 41.66 42.26
CA ARG A 113 35.89 42.02 40.89
C ARG A 113 35.01 41.28 39.86
N ASN A 114 34.77 39.98 40.07
CA ASN A 114 33.84 39.14 39.28
C ASN A 114 32.40 39.62 39.46
N ALA A 115 31.48 39.17 38.61
CA ALA A 115 30.04 39.57 38.58
C ALA A 115 29.95 41.09 38.44
N PRO A 116 30.31 41.66 37.25
CA PRO A 116 30.51 43.11 37.12
C PRO A 116 29.25 43.96 37.37
N ARG A 117 28.07 43.42 37.04
CA ARG A 117 26.76 44.14 37.15
C ARG A 117 26.47 44.46 38.63
N CYS A 118 27.11 43.74 39.57
CA CYS A 118 27.06 44.01 41.03
C CYS A 118 28.25 44.86 41.49
N TRP A 119 29.46 44.60 40.95
CA TRP A 119 30.71 45.31 41.32
C TRP A 119 30.58 46.80 40.98
N ALA A 120 30.17 47.11 39.75
CA ALA A 120 30.01 48.48 39.22
C ALA A 120 29.02 49.29 40.08
N VAL A 121 27.97 48.65 40.61
CA VAL A 121 26.88 49.30 41.38
C VAL A 121 27.20 49.32 42.88
N ILE A 122 28.05 48.42 43.39
CA ILE A 122 28.43 48.38 44.85
C ILE A 122 29.60 49.35 45.13
N GLN A 123 30.52 49.55 44.17
CA GLN A 123 31.76 50.38 44.35
C GLN A 123 31.44 51.74 44.97
N PRO A 124 30.40 52.48 44.52
CA PRO A 124 29.97 53.69 45.22
C PRO A 124 29.72 53.42 46.72
N LEU A 125 28.84 52.46 47.03
CA LEU A 125 28.53 52.01 48.42
C LEU A 125 29.83 51.62 49.16
N LEU A 126 30.71 50.84 48.50
CA LEU A 126 31.98 50.34 49.10
C LEU A 126 32.80 51.52 49.63
N CYS A 127 33.14 52.49 48.76
CA CYS A 127 33.99 53.66 49.10
C CYS A 127 33.13 54.90 49.42
N ALA A 128 31.85 54.71 49.80
CA ALA A 128 30.99 55.73 50.45
C ALA A 128 30.74 55.35 51.92
N VAL A 129 30.30 54.11 52.18
CA VAL A 129 29.96 53.63 53.55
C VAL A 129 31.23 53.57 54.40
N TYR A 130 32.37 53.21 53.80
CA TYR A 130 33.70 53.15 54.47
C TYR A 130 34.41 54.51 54.40
N MET A 131 34.23 55.27 53.32
CA MET A 131 34.83 56.63 53.14
C MET A 131 33.73 57.65 52.89
N PRO A 132 32.93 58.01 53.93
CA PRO A 132 31.98 59.12 53.84
C PRO A 132 32.73 60.46 53.97
N LYS A 133 32.00 61.57 54.10
CA LYS A 133 32.59 62.92 54.30
C LYS A 133 31.98 63.56 55.55
N CYS A 134 32.83 64.17 56.39
CA CYS A 134 32.45 64.96 57.59
C CYS A 134 32.62 66.45 57.30
N GLU A 135 31.58 67.25 57.52
CA GLU A 135 31.57 68.73 57.36
C GLU A 135 31.41 69.38 58.74
N ASN A 136 32.52 69.61 59.44
CA ASN A 136 32.60 70.15 60.83
C ASN A 136 31.91 69.18 61.79
N ASP A 137 32.41 67.93 61.86
CA ASP A 137 31.85 66.81 62.65
C ASP A 137 30.35 66.66 62.31
N ARG A 138 30.09 66.25 61.06
CA ARG A 138 28.74 65.89 60.55
C ARG A 138 28.93 64.69 59.61
N VAL A 139 28.45 63.49 60.00
CA VAL A 139 28.61 62.24 59.19
C VAL A 139 27.31 62.04 58.39
N GLU A 140 27.45 61.89 57.06
CA GLU A 140 26.34 61.69 56.10
C GLU A 140 26.06 60.19 55.95
N LEU A 141 24.81 59.78 56.16
CA LEU A 141 24.34 58.37 56.04
C LEU A 141 23.52 58.25 54.76
N PRO A 142 23.79 57.27 53.86
CA PRO A 142 23.18 57.26 52.53
C PRO A 142 21.65 57.12 52.54
N SER A 143 21.02 57.49 51.43
CA SER A 143 19.56 57.45 51.21
C SER A 143 19.15 56.07 50.67
N ARG A 144 17.85 55.85 50.44
CA ARG A 144 17.28 54.54 50.04
C ARG A 144 17.84 54.06 48.70
N THR A 145 18.12 54.98 47.76
CA THR A 145 18.59 54.70 46.38
C THR A 145 19.80 53.76 46.39
N LEU A 146 20.84 54.06 47.18
CA LEU A 146 22.13 53.30 47.18
C LEU A 146 21.88 51.90 47.74
N CYS A 147 21.25 51.77 48.90
CA CYS A 147 20.88 50.47 49.53
C CYS A 147 20.04 49.67 48.53
N GLN A 148 18.84 50.18 48.18
CA GLN A 148 17.83 49.48 47.33
C GLN A 148 18.42 49.06 45.97
N ALA A 149 19.45 49.75 45.48
CA ALA A 149 20.17 49.39 44.23
C ALA A 149 20.83 48.01 44.35
N THR A 150 21.36 47.65 45.53
CA THR A 150 22.25 46.46 45.73
C THR A 150 21.68 45.53 46.82
N ARG A 151 20.36 45.27 46.81
CA ARG A 151 19.68 44.38 47.78
C ARG A 151 19.17 43.13 47.06
N GLY A 152 18.15 43.27 46.20
CA GLY A 152 17.52 42.17 45.44
C GLY A 152 18.46 41.57 44.39
N PRO A 153 18.82 42.32 43.33
CA PRO A 153 19.64 41.78 42.23
C PRO A 153 21.09 41.40 42.57
N CYS A 154 21.59 41.82 43.75
CA CYS A 154 22.96 41.53 44.25
C CYS A 154 22.89 41.01 45.68
N ALA A 155 22.23 39.86 45.87
CA ALA A 155 22.07 39.13 47.16
C ALA A 155 23.01 37.92 47.17
N ILE A 156 24.25 38.07 46.70
CA ILE A 156 25.29 37.00 46.71
C ILE A 156 25.83 36.83 48.14
N VAL A 157 25.92 37.93 48.90
CA VAL A 157 26.64 37.99 50.21
C VAL A 157 25.82 37.22 51.26
N GLU A 158 24.51 37.51 51.38
CA GLU A 158 23.60 36.89 52.38
C GLU A 158 23.68 35.36 52.30
N ARG A 159 23.72 34.81 51.08
CA ARG A 159 23.89 33.36 50.84
C ARG A 159 25.35 32.94 51.07
N GLU A 160 26.31 33.82 50.75
CA GLU A 160 27.77 33.52 50.87
C GLU A 160 28.17 33.57 52.35
N ARG A 161 28.23 34.77 52.94
CA ARG A 161 28.65 35.01 54.35
C ARG A 161 27.45 35.47 55.18
N GLY A 162 26.75 36.52 54.73
CA GLY A 162 25.71 37.24 55.48
C GLY A 162 26.14 38.69 55.70
N TRP A 163 25.30 39.64 55.30
CA TRP A 163 25.52 41.10 55.49
C TRP A 163 25.42 41.38 56.99
N PRO A 164 26.50 41.82 57.70
CA PRO A 164 26.38 42.19 59.11
C PRO A 164 25.46 43.40 59.33
N ASP A 165 25.31 43.82 60.59
CA ASP A 165 24.39 44.91 61.05
C ASP A 165 24.66 46.21 60.26
N PHE A 166 25.89 46.43 59.80
CA PHE A 166 26.32 47.68 59.11
C PHE A 166 25.78 47.74 57.68
N LEU A 167 25.69 46.60 56.98
CA LEU A 167 25.22 46.52 55.57
C LEU A 167 23.69 46.48 55.50
N ARG A 168 23.03 45.83 56.47
CA ARG A 168 21.55 45.83 56.59
C ARG A 168 21.08 47.25 56.91
N CYS A 169 20.64 47.98 55.87
CA CYS A 169 20.33 49.43 55.91
C CYS A 169 19.01 49.64 56.68
N THR A 170 19.10 50.24 57.87
CA THR A 170 17.96 50.53 58.79
C THR A 170 17.50 51.96 58.54
N PRO A 171 16.24 52.33 58.92
CA PRO A 171 15.78 53.72 58.77
C PRO A 171 16.63 54.76 59.53
N ASP A 172 17.33 54.34 60.59
CA ASP A 172 18.29 55.18 61.37
C ASP A 172 19.63 55.24 60.64
N ARG A 173 20.16 54.11 60.18
CA ARG A 173 21.54 54.01 59.59
C ARG A 173 21.54 54.49 58.13
N PHE A 174 20.43 54.29 57.42
CA PHE A 174 20.20 54.78 56.04
C PHE A 174 18.89 55.56 56.02
N PRO A 175 18.92 56.90 56.20
CA PRO A 175 17.70 57.73 56.08
C PRO A 175 17.04 57.67 54.69
N GLU A 176 15.86 58.30 54.56
CA GLU A 176 14.96 58.18 53.39
C GLU A 176 14.96 59.48 52.59
N GLY A 177 15.59 59.48 51.40
CA GLY A 177 15.54 60.57 50.41
C GLY A 177 16.20 61.84 50.91
N CYS A 178 17.54 61.82 51.05
CA CYS A 178 18.40 63.00 51.34
C CYS A 178 19.60 63.00 50.37
N THR A 179 20.57 63.88 50.61
CA THR A 179 21.77 64.09 49.74
C THR A 179 22.68 62.87 49.80
N ASN A 180 23.23 62.45 48.66
CA ASN A 180 24.18 61.31 48.51
C ASN A 180 25.56 61.83 48.13
N GLU A 181 25.63 62.70 47.11
CA GLU A 181 26.87 63.39 46.64
C GLU A 181 27.77 62.40 45.87
N VAL A 182 27.45 61.10 45.87
CA VAL A 182 28.28 60.00 45.26
C VAL A 182 28.14 60.01 43.72
N GLN A 183 27.21 60.80 43.17
CA GLN A 183 26.91 60.87 41.71
C GLN A 183 28.09 61.47 40.93
N ASN A 184 28.97 62.22 41.61
CA ASN A 184 30.16 62.89 41.01
C ASN A 184 31.10 61.86 40.39
N ILE A 185 31.41 60.77 41.11
CA ILE A 185 32.35 59.71 40.65
C ILE A 185 31.54 58.54 40.08
N LYS A 186 31.86 58.13 38.84
CA LYS A 186 31.21 57.04 38.09
C LYS A 186 32.29 56.05 37.62
N PHE A 187 32.15 54.77 37.99
CA PHE A 187 33.07 53.66 37.63
C PHE A 187 32.33 52.70 36.68
N ASN A 188 31.99 53.21 35.51
CA ASN A 188 31.11 52.52 34.52
C ASN A 188 31.83 51.31 33.94
N SER A 189 33.08 51.48 33.48
CA SER A 189 33.87 50.43 32.81
C SER A 189 34.41 49.43 33.85
N SER A 190 33.66 48.35 34.07
CA SER A 190 34.09 47.17 34.87
C SER A 190 33.57 45.89 34.20
N GLY A 191 34.49 45.02 33.75
CA GLY A 191 34.15 43.76 33.05
C GLY A 191 35.08 42.62 33.43
N GLN A 192 34.57 41.65 34.21
CA GLN A 192 35.39 40.54 34.77
C GLN A 192 34.57 39.26 34.87
N CYS A 193 34.97 38.23 34.11
CA CYS A 193 34.44 36.84 34.20
C CYS A 193 35.61 35.86 34.05
N GLU A 194 35.93 35.14 35.13
CA GLU A 194 37.17 34.32 35.31
C GLU A 194 37.13 33.09 34.40
N VAL A 195 38.13 32.20 34.51
CA VAL A 195 38.41 31.10 33.54
C VAL A 195 37.16 30.23 33.33
N PRO A 196 36.43 29.79 34.40
CA PRO A 196 35.17 29.07 34.21
C PRO A 196 33.94 29.96 33.90
N LEU A 197 34.12 31.27 33.68
CA LEU A 197 33.03 32.26 33.47
C LEU A 197 33.22 32.98 32.13
N VAL A 198 32.15 33.57 31.60
CA VAL A 198 32.17 34.45 30.38
C VAL A 198 31.15 35.58 30.57
N ARG A 199 31.45 36.77 30.02
CA ARG A 199 30.59 37.98 30.10
C ARG A 199 29.30 37.73 29.32
N THR A 200 28.15 37.90 29.98
CA THR A 200 26.78 37.68 29.46
C THR A 200 25.89 38.84 29.91
N ASP A 201 24.73 39.05 29.26
CA ASP A 201 23.85 40.23 29.49
C ASP A 201 22.37 39.84 29.51
N ASN A 202 22.04 38.56 29.79
CA ASN A 202 20.66 38.01 29.81
C ASN A 202 20.48 37.12 31.05
N PRO A 203 19.53 37.42 31.97
CA PRO A 203 19.40 36.67 33.23
C PRO A 203 19.05 35.18 33.06
N LYS A 204 18.48 34.81 31.92
CA LYS A 204 18.16 33.40 31.52
C LYS A 204 19.42 32.53 31.50
N SER A 205 20.49 32.97 30.82
CA SER A 205 21.66 32.13 30.43
C SER A 205 22.87 32.40 31.34
N TRP A 206 22.62 32.86 32.58
CA TRP A 206 23.65 33.13 33.61
C TRP A 206 23.81 31.91 34.53
N TYR A 207 24.85 31.94 35.37
CA TYR A 207 24.99 31.06 36.56
C TYR A 207 24.09 31.64 37.66
N GLU A 208 22.83 31.19 37.68
CA GLU A 208 21.67 31.86 38.36
C GLU A 208 22.06 32.41 39.74
N ASP A 209 22.92 31.68 40.48
CA ASP A 209 23.41 32.07 41.84
C ASP A 209 24.29 33.32 41.74
N VAL A 210 25.20 33.39 40.75
CA VAL A 210 26.15 34.53 40.52
C VAL A 210 25.72 35.27 39.26
N GLU A 211 25.19 36.49 39.42
CA GLU A 211 24.68 37.33 38.29
C GLU A 211 25.85 37.97 37.53
N GLY A 212 25.58 38.48 36.33
CA GLY A 212 26.56 39.13 35.44
C GLY A 212 27.23 38.12 34.51
N CYS A 213 28.04 37.23 35.08
CA CYS A 213 28.81 36.19 34.34
C CYS A 213 27.97 34.91 34.18
N GLY A 214 28.46 33.98 33.35
CA GLY A 214 27.86 32.65 33.11
C GLY A 214 28.92 31.59 32.90
N ILE A 215 28.62 30.34 33.26
CA ILE A 215 29.55 29.16 33.17
C ILE A 215 29.80 28.89 31.69
N GLN A 216 31.07 28.78 31.28
CA GLN A 216 31.49 28.81 29.86
C GLN A 216 31.06 27.51 29.15
N CYS A 217 31.11 27.54 27.82
CA CYS A 217 30.58 26.52 26.87
C CYS A 217 31.22 25.15 27.12
N GLN A 218 32.52 25.11 27.41
CA GLN A 218 33.24 23.87 27.84
C GLN A 218 32.90 23.59 29.31
N ASN A 219 32.50 22.35 29.62
CA ASN A 219 32.18 21.90 31.00
C ASN A 219 33.46 21.96 31.83
N PRO A 220 33.52 22.77 32.91
CA PRO A 220 34.76 23.02 33.64
C PRO A 220 35.27 21.86 34.52
N LEU A 221 34.42 20.85 34.76
CA LEU A 221 34.75 19.67 35.60
C LEU A 221 35.87 18.89 34.91
N PHE A 222 35.71 18.57 33.62
CA PHE A 222 36.64 17.72 32.82
C PHE A 222 37.55 18.62 31.97
N THR A 223 38.80 18.18 31.78
CA THR A 223 39.85 18.88 30.98
C THR A 223 39.70 18.50 29.50
N GLU A 224 40.45 19.18 28.63
CA GLU A 224 40.40 19.03 27.14
C GLU A 224 40.85 17.62 26.74
N ALA A 225 41.87 17.07 27.41
CA ALA A 225 42.39 15.71 27.21
C ALA A 225 41.28 14.68 27.40
N GLU A 226 40.51 14.81 28.49
CA GLU A 226 39.35 13.94 28.85
C GLU A 226 38.28 14.06 27.75
N HIS A 227 37.96 15.29 27.35
CA HIS A 227 37.01 15.64 26.26
C HIS A 227 37.43 14.94 24.95
N GLN A 228 38.70 15.10 24.54
CA GLN A 228 39.26 14.50 23.29
C GLN A 228 39.17 12.97 23.36
N ASP A 229 39.49 12.39 24.52
CA ASP A 229 39.42 10.92 24.78
C ASP A 229 37.97 10.45 24.60
N MET A 230 37.02 11.13 25.24
CA MET A 230 35.56 10.87 25.10
C MET A 230 35.16 10.97 23.61
N HIS A 231 35.57 12.05 22.95
CA HIS A 231 35.26 12.38 21.52
C HIS A 231 35.77 11.26 20.61
N SER A 232 37.02 10.82 20.80
CA SER A 232 37.63 9.70 20.04
C SER A 232 36.79 8.42 20.22
N TYR A 233 36.39 8.13 21.47
CA TYR A 233 35.58 6.94 21.85
C TYR A 233 34.20 7.00 21.17
N ILE A 234 33.43 8.08 21.39
CA ILE A 234 32.06 8.25 20.81
C ILE A 234 32.14 8.15 19.27
N ALA A 235 33.13 8.79 18.66
CA ALA A 235 33.34 8.82 17.18
C ALA A 235 33.52 7.38 16.67
N ALA A 236 34.49 6.66 17.24
CA ALA A 236 34.82 5.26 16.91
C ALA A 236 33.56 4.39 17.03
N PHE A 237 32.89 4.42 18.18
CA PHE A 237 31.76 3.50 18.52
C PHE A 237 30.53 3.85 17.67
N GLY A 238 30.25 5.14 17.47
CA GLY A 238 29.21 5.64 16.54
C GLY A 238 29.43 5.13 15.13
N ALA A 239 30.69 5.20 14.65
CA ALA A 239 31.12 4.72 13.32
C ALA A 239 30.83 3.22 13.18
N VAL A 240 31.24 2.40 14.16
CA VAL A 240 31.10 0.91 14.14
C VAL A 240 29.60 0.58 14.02
N THR A 241 28.76 1.18 14.87
CA THR A 241 27.28 0.99 14.88
C THR A 241 26.70 1.45 13.54
N GLY A 242 27.06 2.65 13.08
CA GLY A 242 26.65 3.21 11.79
C GLY A 242 26.86 2.22 10.65
N LEU A 243 28.08 1.68 10.54
CA LEU A 243 28.49 0.72 9.47
C LEU A 243 27.68 -0.58 9.58
N CYS A 244 27.56 -1.14 10.80
CA CYS A 244 26.82 -2.40 11.09
C CYS A 244 25.36 -2.27 10.65
N THR A 245 24.69 -1.20 11.08
CA THR A 245 23.27 -0.89 10.76
C THR A 245 23.13 -0.65 9.24
N LEU A 246 24.08 0.08 8.64
CA LEU A 246 24.05 0.38 7.17
C LEU A 246 24.22 -0.91 6.37
N PHE A 247 25.08 -1.84 6.83
CA PHE A 247 25.24 -3.20 6.25
C PHE A 247 23.88 -3.93 6.25
N THR A 248 23.15 -3.87 7.36
CA THR A 248 21.80 -4.50 7.50
C THR A 248 20.83 -3.88 6.49
N LEU A 249 20.81 -2.54 6.38
CA LEU A 249 19.96 -1.81 5.40
C LEU A 249 20.34 -2.24 3.98
N ALA A 250 21.64 -2.36 3.70
CA ALA A 250 22.18 -2.83 2.39
C ALA A 250 21.69 -4.24 2.09
N THR A 251 21.69 -5.14 3.09
CA THR A 251 21.18 -6.54 2.98
C THR A 251 19.68 -6.54 2.66
N PHE A 252 18.89 -5.67 3.30
CA PHE A 252 17.41 -5.63 3.16
C PHE A 252 17.03 -5.04 1.81
N VAL A 253 17.73 -4.00 1.34
CA VAL A 253 17.48 -3.37 0.01
C VAL A 253 17.99 -4.32 -1.11
N ALA A 254 18.98 -5.18 -0.83
CA ALA A 254 19.59 -6.11 -1.82
C ALA A 254 18.52 -6.99 -2.48
N ASP A 255 17.57 -7.52 -1.72
CA ASP A 255 16.56 -8.51 -2.21
C ASP A 255 15.13 -7.97 -2.03
N TRP A 256 14.93 -6.65 -2.01
CA TRP A 256 13.64 -5.98 -1.66
C TRP A 256 12.48 -6.56 -2.49
N ARG A 257 11.29 -6.63 -1.87
CA ARG A 257 10.01 -7.19 -2.38
C ARG A 257 10.00 -8.72 -2.32
N ASN A 258 11.15 -9.37 -2.09
CA ASN A 258 11.24 -10.79 -1.64
C ASN A 258 11.44 -10.81 -0.11
N SER A 259 12.04 -9.76 0.46
CA SER A 259 12.27 -9.55 1.91
C SER A 259 11.35 -8.45 2.46
N ASN A 260 10.27 -8.12 1.75
CA ASN A 260 9.24 -7.13 2.18
C ASN A 260 8.13 -7.84 2.97
N ARG A 261 8.25 -9.16 3.17
CA ARG A 261 7.52 -9.95 4.22
C ARG A 261 7.67 -9.23 5.56
N TYR A 262 6.62 -9.21 6.38
CA TYR A 262 6.35 -8.10 7.33
C TYR A 262 7.27 -8.13 8.55
N PRO A 263 7.33 -9.20 9.39
CA PRO A 263 8.20 -9.17 10.59
C PRO A 263 9.68 -8.88 10.31
N ALA A 264 10.18 -9.29 9.15
CA ALA A 264 11.53 -8.95 8.63
C ALA A 264 11.61 -7.44 8.35
N VAL A 265 10.56 -6.87 7.74
CA VAL A 265 10.45 -5.41 7.45
C VAL A 265 10.49 -4.61 8.76
N ILE A 266 9.81 -5.11 9.81
CA ILE A 266 9.84 -4.51 11.17
C ILE A 266 11.31 -4.42 11.61
N LEU A 267 12.06 -5.51 11.44
CA LEU A 267 13.50 -5.60 11.80
C LEU A 267 14.30 -4.57 10.99
N PHE A 268 14.02 -4.44 9.69
CA PHE A 268 14.62 -3.43 8.77
C PHE A 268 14.40 -2.03 9.35
N TYR A 269 13.17 -1.71 9.77
CA TYR A 269 12.78 -0.39 10.33
C TYR A 269 13.58 -0.11 11.61
N VAL A 270 13.68 -1.10 12.51
CA VAL A 270 14.48 -1.01 13.78
C VAL A 270 15.90 -0.56 13.41
N ASN A 271 16.54 -1.27 12.48
CA ASN A 271 17.96 -1.05 12.08
C ASN A 271 18.12 0.33 11.44
N ALA A 272 17.20 0.71 10.54
CA ALA A 272 17.19 2.02 9.84
C ALA A 272 17.03 3.15 10.86
N CYS A 273 16.13 2.96 11.84
CA CYS A 273 15.85 3.94 12.92
C CYS A 273 17.12 4.18 13.75
N PHE A 274 17.80 3.12 14.17
CA PHE A 274 19.06 3.17 14.97
C PHE A 274 20.21 3.72 14.13
N PHE A 275 20.21 3.46 12.81
CA PHE A 275 21.18 4.07 11.85
C PHE A 275 21.04 5.60 11.88
N VAL A 276 19.80 6.11 11.75
CA VAL A 276 19.48 7.57 11.80
C VAL A 276 19.93 8.14 13.16
N GLY A 277 19.70 7.40 14.24
CA GLY A 277 20.17 7.73 15.60
C GLY A 277 21.69 7.83 15.65
N SER A 278 22.39 6.85 15.09
CA SER A 278 23.88 6.74 15.10
C SER A 278 24.52 7.89 14.31
N ILE A 279 23.96 8.27 13.15
CA ILE A 279 24.45 9.42 12.34
C ILE A 279 24.08 10.73 13.05
N GLY A 280 22.95 10.75 13.77
CA GLY A 280 22.58 11.84 14.69
C GLY A 280 23.70 12.12 15.69
N TRP A 281 24.20 11.07 16.35
CA TRP A 281 25.32 11.17 17.32
C TRP A 281 26.60 11.71 16.65
N LEU A 282 26.75 11.51 15.33
CA LEU A 282 27.94 11.95 14.53
C LEU A 282 27.61 13.18 13.68
N ALA A 283 26.69 14.05 14.14
CA ALA A 283 26.46 15.39 13.54
C ALA A 283 27.61 16.33 13.94
N GLN A 284 28.27 16.04 15.08
CA GLN A 284 29.57 16.63 15.48
C GLN A 284 30.70 15.96 14.67
N PHE A 285 31.95 16.39 14.86
CA PHE A 285 33.18 15.91 14.18
C PHE A 285 33.24 16.45 12.74
N MET A 286 32.55 17.56 12.46
CA MET A 286 32.73 18.37 11.23
C MET A 286 33.82 19.42 11.52
N ASP A 287 33.96 20.45 10.68
CA ASP A 287 34.94 21.55 10.85
C ASP A 287 34.90 22.09 12.28
N GLY A 288 33.71 22.52 12.74
CA GLY A 288 33.47 22.99 14.11
C GLY A 288 32.00 22.84 14.51
N ALA A 289 31.36 21.75 14.08
CA ALA A 289 29.92 21.46 14.27
C ALA A 289 29.57 21.48 15.76
N ARG A 290 30.48 21.01 16.63
CA ARG A 290 30.33 21.07 18.10
C ARG A 290 30.18 22.53 18.53
N ARG A 291 31.01 23.44 17.98
CA ARG A 291 31.04 24.88 18.36
C ARG A 291 29.77 25.62 17.89
N GLU A 292 28.91 25.01 17.06
CA GLU A 292 27.57 25.55 16.70
C GLU A 292 26.46 24.75 17.40
N ILE A 293 26.65 23.44 17.62
CA ILE A 293 25.62 22.53 18.21
C ILE A 293 25.56 22.76 19.73
N VAL A 294 26.55 22.30 20.50
CA VAL A 294 26.54 22.35 22.00
C VAL A 294 26.67 23.81 22.45
N CYS A 295 27.44 24.61 21.70
CA CYS A 295 28.02 25.90 22.13
C CYS A 295 27.07 27.05 21.76
N ARG A 296 26.77 27.94 22.71
CA ARG A 296 25.91 29.14 22.50
C ARG A 296 26.72 30.21 21.74
N ALA A 297 26.02 31.25 21.26
CA ALA A 297 26.59 32.37 20.48
C ALA A 297 27.59 33.18 21.31
N ASP A 298 27.34 33.32 22.61
CA ASP A 298 28.12 34.17 23.56
C ASP A 298 29.37 33.42 24.04
N GLY A 299 29.26 32.11 24.32
CA GLY A 299 30.35 31.25 24.80
C GLY A 299 30.01 30.48 26.07
N THR A 300 28.73 30.18 26.31
CA THR A 300 28.24 29.35 27.45
C THR A 300 27.58 28.08 26.89
N MET A 301 27.25 27.14 27.77
CA MET A 301 26.49 25.90 27.41
C MET A 301 25.04 26.28 27.14
N ARG A 302 24.34 25.48 26.34
CA ARG A 302 22.96 25.75 25.87
C ARG A 302 21.95 25.15 26.84
N LEU A 303 20.89 25.90 27.19
CA LEU A 303 19.75 25.46 28.04
C LEU A 303 18.46 26.07 27.49
N GLY A 304 17.31 25.59 27.98
CA GLY A 304 15.96 26.02 27.55
C GLY A 304 15.86 26.07 26.04
N GLU A 305 16.14 24.93 25.38
CA GLU A 305 16.49 24.78 23.95
C GLU A 305 15.73 25.79 23.08
N PRO A 306 14.38 25.81 23.04
CA PRO A 306 13.65 26.73 22.17
C PRO A 306 13.53 28.10 22.84
N THR A 307 14.32 29.07 22.39
CA THR A 307 14.36 30.46 22.90
C THR A 307 14.17 31.44 21.73
N SER A 308 13.41 32.52 21.96
CA SER A 308 12.99 33.53 20.95
C SER A 308 14.21 34.11 20.22
N ASN A 309 15.33 34.29 20.92
CA ASN A 309 16.59 34.88 20.38
C ASN A 309 17.37 33.81 19.59
N GLU A 310 17.77 32.72 20.28
CA GLU A 310 18.81 31.78 19.78
C GLU A 310 18.26 30.89 18.66
N THR A 311 19.17 30.45 17.77
CA THR A 311 18.88 29.69 16.53
C THR A 311 18.57 28.22 16.86
N LEU A 312 17.86 27.54 15.96
CA LEU A 312 17.56 26.08 16.03
C LEU A 312 18.74 25.32 15.43
N SER A 313 19.86 25.25 16.17
CA SER A 313 21.12 24.57 15.77
C SER A 313 21.13 23.12 16.27
N CYS A 314 20.78 22.87 17.53
CA CYS A 314 20.90 21.53 18.18
C CYS A 314 19.56 20.98 18.70
N VAL A 315 18.46 21.75 18.64
CA VAL A 315 17.07 21.22 18.81
C VAL A 315 16.84 20.14 17.75
N ILE A 316 17.31 20.39 16.52
CA ILE A 316 17.20 19.46 15.36
C ILE A 316 18.03 18.20 15.66
N ILE A 317 19.25 18.34 16.18
CA ILE A 317 20.13 17.16 16.46
C ILE A 317 19.64 16.45 17.73
N PHE A 318 18.92 17.16 18.61
CA PHE A 318 18.22 16.54 19.77
C PHE A 318 17.04 15.69 19.27
N VAL A 319 16.12 16.30 18.49
CA VAL A 319 14.86 15.63 18.05
C VAL A 319 15.21 14.39 17.22
N ILE A 320 16.24 14.48 16.35
CA ILE A 320 16.75 13.33 15.54
C ILE A 320 17.10 12.18 16.49
N VAL A 321 18.08 12.37 17.38
CA VAL A 321 18.61 11.31 18.30
C VAL A 321 17.46 10.77 19.19
N TYR A 322 16.63 11.65 19.76
CA TYR A 322 15.56 11.26 20.71
C TYR A 322 14.47 10.47 19.96
N TYR A 323 13.98 10.97 18.83
CA TYR A 323 12.94 10.30 17.99
C TYR A 323 13.49 8.95 17.51
N ALA A 324 14.70 8.94 16.96
CA ALA A 324 15.42 7.72 16.50
C ALA A 324 15.40 6.66 17.60
N LEU A 325 15.90 7.02 18.78
CA LEU A 325 15.99 6.13 19.98
C LEU A 325 14.59 5.57 20.30
N MET A 326 13.64 6.46 20.60
CA MET A 326 12.30 6.11 21.12
C MET A 326 11.54 5.26 20.09
N ALA A 327 11.60 5.63 18.80
CA ALA A 327 11.02 4.84 17.70
C ALA A 327 11.70 3.46 17.65
N GLY A 328 13.04 3.42 17.78
CA GLY A 328 13.83 2.17 17.82
C GLY A 328 13.32 1.19 18.86
N VAL A 329 13.21 1.63 20.12
CA VAL A 329 12.87 0.79 21.31
C VAL A 329 11.39 0.37 21.22
N VAL A 330 10.52 1.25 20.73
CA VAL A 330 9.06 0.97 20.53
C VAL A 330 8.92 -0.08 19.41
N TRP A 331 9.57 0.16 18.27
CA TRP A 331 9.63 -0.80 17.13
C TRP A 331 10.03 -2.19 17.62
N PHE A 332 11.05 -2.27 18.49
CA PHE A 332 11.52 -3.54 19.11
C PHE A 332 10.34 -4.23 19.82
N VAL A 333 9.59 -3.49 20.64
CA VAL A 333 8.40 -4.03 21.38
C VAL A 333 7.39 -4.57 20.36
N VAL A 334 7.12 -3.82 19.30
CA VAL A 334 6.12 -4.20 18.24
C VAL A 334 6.61 -5.48 17.54
N LEU A 335 7.93 -5.57 17.26
CA LEU A 335 8.58 -6.79 16.71
C LEU A 335 8.29 -8.00 17.62
N THR A 336 8.59 -7.86 18.92
CA THR A 336 8.43 -8.93 19.94
C THR A 336 6.98 -9.40 19.97
N TYR A 337 6.02 -8.47 19.93
CA TYR A 337 4.57 -8.76 19.84
C TYR A 337 4.28 -9.55 18.56
N ALA A 338 4.77 -9.06 17.41
CA ALA A 338 4.61 -9.70 16.08
C ALA A 338 5.12 -11.14 16.13
N TRP A 339 6.28 -11.37 16.76
CA TRP A 339 6.89 -12.72 16.92
C TRP A 339 5.96 -13.62 17.75
N HIS A 340 5.55 -13.18 18.94
CA HIS A 340 4.61 -13.93 19.83
C HIS A 340 3.38 -14.36 19.05
N THR A 341 2.74 -13.42 18.35
CA THR A 341 1.47 -13.61 17.60
C THR A 341 1.69 -14.58 16.44
N SER A 342 2.81 -14.44 15.71
CA SER A 342 3.19 -15.35 14.60
C SER A 342 3.40 -16.77 15.15
N PHE A 343 4.28 -16.92 16.16
CA PHE A 343 4.71 -18.22 16.74
C PHE A 343 3.52 -18.98 17.34
N LYS A 344 2.54 -18.27 17.91
CA LYS A 344 1.25 -18.87 18.39
C LYS A 344 0.59 -19.65 17.24
N ALA A 345 0.74 -19.18 16.00
CA ALA A 345 0.19 -19.80 14.77
C ALA A 345 1.34 -20.36 13.91
N LEU A 346 2.27 -21.13 14.51
CA LEU A 346 3.32 -21.86 13.76
C LEU A 346 2.67 -23.13 13.17
N GLY A 347 2.49 -23.14 11.84
CA GLY A 347 1.58 -24.07 11.13
C GLY A 347 0.21 -23.45 10.95
N THR A 348 -0.75 -24.23 10.42
CA THR A 348 -2.19 -23.86 10.23
C THR A 348 -2.37 -22.78 9.15
N THR A 349 -1.28 -22.35 8.47
CA THR A 349 -1.22 -21.35 7.38
C THR A 349 -2.20 -20.19 7.62
N TYR A 350 -2.30 -19.71 8.87
CA TYR A 350 -3.16 -18.59 9.30
C TYR A 350 -2.23 -17.49 9.85
N GLN A 351 -2.14 -16.36 9.14
CA GLN A 351 -1.26 -15.21 9.50
C GLN A 351 -2.13 -14.12 10.11
N PRO A 352 -2.25 -14.04 11.45
CA PRO A 352 -3.20 -13.12 12.10
C PRO A 352 -2.78 -11.64 12.02
N LEU A 353 -1.48 -11.37 12.10
CA LEU A 353 -0.88 -10.00 12.06
C LEU A 353 -0.90 -9.41 10.64
N SER A 354 -1.45 -10.12 9.65
CA SER A 354 -1.58 -9.69 8.23
C SER A 354 -2.43 -8.42 8.10
N GLY A 355 -3.46 -8.27 8.94
CA GLY A 355 -4.54 -7.26 8.77
C GLY A 355 -4.41 -6.05 9.68
N LYS A 356 -3.34 -5.95 10.49
CA LYS A 356 -3.15 -4.88 11.52
C LYS A 356 -1.76 -4.25 11.39
N THR A 357 -1.27 -4.11 10.15
CA THR A 357 0.08 -3.56 9.83
C THR A 357 0.05 -2.03 10.01
N SER A 358 -0.99 -1.37 9.49
CA SER A 358 -1.22 0.10 9.56
C SER A 358 -1.18 0.56 11.03
N TYR A 359 -1.85 -0.15 11.93
CA TYR A 359 -1.98 0.19 13.37
C TYR A 359 -0.61 0.06 14.05
N PHE A 360 0.20 -0.93 13.67
CA PHE A 360 1.63 -1.02 14.08
C PHE A 360 2.31 0.29 13.71
N HIS A 361 2.38 0.60 12.41
CA HIS A 361 3.00 1.82 11.83
C HIS A 361 2.55 3.05 12.62
N LEU A 362 1.25 3.32 12.68
CA LEU A 362 0.68 4.54 13.30
C LEU A 362 1.16 4.67 14.75
N LEU A 363 0.98 3.63 15.58
CA LEU A 363 1.35 3.65 17.03
C LEU A 363 2.86 3.91 17.18
N THR A 364 3.69 3.05 16.55
CA THR A 364 5.17 3.06 16.69
C THR A 364 5.77 4.38 16.18
N TRP A 365 5.24 4.94 15.09
CA TRP A 365 5.74 6.23 14.52
C TRP A 365 5.26 7.41 15.37
N SER A 366 4.04 7.37 15.90
CA SER A 366 3.37 8.54 16.55
C SER A 366 3.77 8.70 18.03
N LEU A 367 4.04 7.62 18.76
CA LEU A 367 4.28 7.68 20.24
C LEU A 367 5.55 8.49 20.56
N PRO A 368 6.70 8.25 19.88
CA PRO A 368 7.87 9.11 20.07
C PRO A 368 7.60 10.58 19.70
N PHE A 369 6.76 10.81 18.68
CA PHE A 369 6.39 12.15 18.17
C PHE A 369 5.73 12.96 19.29
N VAL A 370 4.67 12.43 19.90
CA VAL A 370 3.92 13.12 21.01
C VAL A 370 4.86 13.29 22.21
N LEU A 371 5.78 12.33 22.44
CA LEU A 371 6.72 12.36 23.59
C LEU A 371 7.78 13.47 23.38
N THR A 372 8.36 13.57 22.18
CA THR A 372 9.42 14.56 21.85
C THR A 372 8.81 15.98 21.81
N VAL A 373 7.58 16.12 21.32
CA VAL A 373 6.83 17.43 21.30
C VAL A 373 6.54 17.82 22.75
N ALA A 374 6.19 16.86 23.62
CA ALA A 374 5.99 17.07 25.08
C ALA A 374 7.28 17.58 25.71
N ILE A 375 8.44 17.06 25.28
CA ILE A 375 9.79 17.52 25.76
C ILE A 375 10.08 18.94 25.26
N LEU A 376 9.65 19.30 24.05
CA LEU A 376 9.82 20.69 23.53
C LEU A 376 8.81 21.64 24.19
N ALA A 377 7.64 21.12 24.59
CA ALA A 377 6.58 21.88 25.29
C ALA A 377 7.14 22.40 26.63
N VAL A 378 7.31 21.50 27.61
CA VAL A 378 8.17 21.76 28.81
C VAL A 378 9.58 21.91 28.27
N ALA A 379 10.29 23.01 28.55
CA ALA A 379 11.57 23.32 27.87
C ALA A 379 12.77 23.01 28.76
N GLN A 380 13.30 21.79 28.68
CA GLN A 380 14.40 21.29 29.57
C GLN A 380 15.60 20.76 28.78
N VAL A 381 15.41 20.28 27.54
CA VAL A 381 16.51 19.75 26.69
C VAL A 381 17.61 20.81 26.61
N ASP A 382 18.85 20.39 26.87
CA ASP A 382 20.07 21.25 26.91
C ASP A 382 21.24 20.47 26.28
N GLY A 383 22.39 21.15 26.11
CA GLY A 383 23.62 20.61 25.50
C GLY A 383 24.65 20.22 26.54
N ARG A 384 25.42 19.16 26.26
CA ARG A 384 26.58 18.69 27.08
C ARG A 384 27.84 18.67 26.21
N SER A 385 28.93 19.23 26.75
CA SER A 385 30.23 19.45 26.07
C SER A 385 30.89 18.11 25.68
N VAL A 386 30.86 17.12 26.58
CA VAL A 386 31.59 15.82 26.42
C VAL A 386 30.88 14.97 25.35
N SER A 387 29.62 14.59 25.59
CA SER A 387 28.77 13.81 24.66
C SER A 387 28.60 14.60 23.34
N GLY A 388 28.61 15.93 23.43
CA GLY A 388 28.57 16.84 22.27
C GLY A 388 27.23 16.78 21.53
N ILE A 389 26.17 16.38 22.23
CA ILE A 389 24.78 16.25 21.69
C ILE A 389 23.83 16.81 22.75
N CYS A 390 22.93 17.71 22.34
CA CYS A 390 21.84 18.26 23.18
C CYS A 390 20.83 17.14 23.47
N PHE A 391 20.66 16.78 24.75
CA PHE A 391 19.68 15.74 25.20
C PHE A 391 18.86 16.30 26.36
N VAL A 392 17.74 15.64 26.66
CA VAL A 392 16.72 16.10 27.66
C VAL A 392 17.32 16.09 29.07
N GLY A 393 17.10 17.18 29.81
CA GLY A 393 17.19 17.27 31.29
C GLY A 393 18.54 16.85 31.85
N TYR A 394 19.55 17.72 31.77
CA TYR A 394 20.86 17.56 32.46
C TYR A 394 20.84 18.30 33.81
N LYS A 395 20.28 19.51 33.83
CA LYS A 395 20.18 20.36 35.05
C LYS A 395 19.16 19.75 36.02
N ASN A 396 17.96 19.39 35.52
CA ASN A 396 16.88 18.77 36.33
C ASN A 396 16.87 17.26 36.09
N TYR A 397 17.07 16.49 37.17
CA TYR A 397 17.04 15.01 37.23
C TYR A 397 15.67 14.48 36.78
N ARG A 398 14.59 15.17 37.16
CA ARG A 398 13.18 14.69 37.15
C ARG A 398 12.74 14.41 35.71
N TYR A 399 12.98 15.36 34.80
CA TYR A 399 12.46 15.36 33.40
C TYR A 399 13.15 14.26 32.60
N ARG A 400 14.48 14.20 32.63
CA ARG A 400 15.28 13.09 32.02
C ARG A 400 14.84 11.76 32.61
N ALA A 401 14.81 11.67 33.95
CA ALA A 401 14.40 10.44 34.69
C ALA A 401 13.09 9.93 34.10
N GLY A 402 12.03 10.73 34.19
CA GLY A 402 10.68 10.38 33.68
C GLY A 402 10.72 10.00 32.21
N PHE A 403 11.05 10.95 31.33
CA PHE A 403 10.83 10.87 29.86
C PHE A 403 11.81 9.93 29.17
N VAL A 404 12.88 9.47 29.82
CA VAL A 404 13.87 8.53 29.20
C VAL A 404 13.84 7.16 29.91
N LEU A 405 13.45 7.06 31.19
CA LEU A 405 13.51 5.76 31.92
C LEU A 405 12.12 5.13 32.07
N ALA A 406 11.03 5.91 32.13
CA ALA A 406 9.65 5.37 32.12
C ALA A 406 9.39 4.64 30.81
N PRO A 407 9.70 5.23 29.63
CA PRO A 407 9.48 4.54 28.35
C PRO A 407 10.27 3.24 28.21
N ILE A 408 11.56 3.26 28.59
CA ILE A 408 12.49 2.10 28.49
C ILE A 408 12.07 1.04 29.52
N GLY A 409 11.63 1.49 30.71
CA GLY A 409 10.93 0.65 31.71
C GLY A 409 9.79 -0.13 31.07
N LEU A 410 8.79 0.58 30.53
CA LEU A 410 7.63 0.01 29.79
C LEU A 410 8.13 -0.98 28.72
N VAL A 411 9.08 -0.54 27.88
CA VAL A 411 9.65 -1.35 26.75
C VAL A 411 10.20 -2.67 27.29
N LEU A 412 11.10 -2.60 28.29
CA LEU A 412 11.74 -3.81 28.91
C LEU A 412 10.66 -4.79 29.39
N ILE A 413 9.67 -4.30 30.15
CA ILE A 413 8.64 -5.14 30.83
C ILE A 413 7.80 -5.84 29.76
N VAL A 414 7.23 -5.08 28.81
CA VAL A 414 6.34 -5.59 27.72
C VAL A 414 7.16 -6.55 26.84
N GLY A 415 8.34 -6.10 26.38
CA GLY A 415 9.28 -6.93 25.60
C GLY A 415 9.55 -8.26 26.28
N GLY A 416 10.00 -8.21 27.54
CA GLY A 416 10.32 -9.39 28.38
C GLY A 416 9.17 -10.38 28.44
N TYR A 417 7.96 -9.89 28.77
CA TYR A 417 6.72 -10.71 28.87
C TYR A 417 6.48 -11.44 27.54
N PHE A 418 6.30 -10.69 26.45
CA PHE A 418 6.00 -11.21 25.09
C PHE A 418 7.09 -12.19 24.65
N LEU A 419 8.36 -11.84 24.90
CA LEU A 419 9.52 -12.67 24.46
C LEU A 419 9.48 -14.03 25.16
N ILE A 420 9.32 -14.06 26.49
CA ILE A 420 9.20 -15.30 27.30
C ILE A 420 7.98 -16.11 26.82
N ARG A 421 6.84 -15.45 26.55
CA ARG A 421 5.61 -16.10 26.04
C ARG A 421 5.90 -16.79 24.69
N GLY A 422 6.56 -16.08 23.77
CA GLY A 422 6.97 -16.61 22.45
C GLY A 422 7.89 -17.81 22.56
N VAL A 423 8.87 -17.78 23.46
CA VAL A 423 9.88 -18.87 23.66
C VAL A 423 9.16 -20.10 24.24
N MET A 424 8.30 -19.90 25.25
CA MET A 424 7.45 -20.96 25.86
C MET A 424 6.60 -21.63 24.77
N THR A 425 6.01 -20.83 23.87
CA THR A 425 5.19 -21.31 22.72
C THR A 425 6.04 -22.26 21.85
N LEU A 426 7.09 -21.73 21.20
CA LEU A 426 7.86 -22.52 20.20
C LEU A 426 8.83 -23.50 20.89
N PHE A 427 8.86 -23.57 22.23
CA PHE A 427 9.41 -24.75 22.98
C PHE A 427 8.36 -25.86 23.03
N SER A 428 7.12 -25.52 23.39
CA SER A 428 5.96 -26.44 23.51
C SER A 428 5.54 -26.99 22.14
N ILE A 429 5.99 -26.35 21.05
CA ILE A 429 5.55 -26.61 19.64
C ILE A 429 5.64 -28.12 19.31
N LYS A 430 6.65 -28.83 19.82
CA LYS A 430 6.82 -30.29 19.59
C LYS A 430 5.63 -31.04 20.21
N SER A 431 5.45 -30.94 21.53
CA SER A 431 4.45 -31.69 22.32
C SER A 431 3.02 -31.27 21.95
N ASN A 432 2.84 -30.04 21.45
CA ASN A 432 1.51 -29.49 21.03
C ASN A 432 1.32 -29.63 19.51
N HIS A 433 2.19 -30.38 18.81
CA HIS A 433 2.08 -30.68 17.34
C HIS A 433 1.51 -32.08 17.17
N PRO A 434 0.27 -32.23 16.65
CA PRO A 434 -0.37 -33.55 16.49
C PRO A 434 0.46 -34.61 15.70
N GLY A 435 1.11 -34.20 14.62
CA GLY A 435 1.98 -35.06 13.79
C GLY A 435 3.32 -35.34 14.48
N LEU A 436 4.39 -35.48 13.69
CA LEU A 436 5.80 -35.47 14.16
C LEU A 436 6.59 -34.46 13.33
N LEU A 437 7.46 -33.68 13.98
CA LEU A 437 8.38 -32.72 13.30
C LEU A 437 9.48 -33.51 12.60
N SER A 438 9.73 -33.19 11.33
CA SER A 438 10.90 -33.70 10.56
C SER A 438 12.19 -33.22 11.24
N GLU A 439 13.24 -34.05 11.22
CA GLU A 439 14.52 -33.80 11.93
C GLU A 439 15.08 -32.42 11.54
N LYS A 440 15.05 -32.09 10.24
CA LYS A 440 15.56 -30.82 9.68
C LYS A 440 14.85 -29.62 10.34
N ALA A 441 13.55 -29.73 10.62
CA ALA A 441 12.72 -28.64 11.21
C ALA A 441 13.10 -28.40 12.67
N ALA A 442 13.07 -29.46 13.49
CA ALA A 442 13.35 -29.44 14.94
C ALA A 442 14.69 -28.72 15.22
N SER A 443 15.68 -28.90 14.35
CA SER A 443 16.98 -28.17 14.36
C SER A 443 16.73 -26.66 14.23
N LYS A 444 15.94 -26.25 13.23
CA LYS A 444 15.66 -24.82 12.90
C LYS A 444 14.85 -24.15 14.02
N ILE A 445 13.91 -24.88 14.64
CA ILE A 445 13.08 -24.35 15.77
C ILE A 445 13.96 -24.18 17.02
N ASN A 446 14.79 -25.18 17.33
CA ASN A 446 15.67 -25.19 18.53
C ASN A 446 16.78 -24.12 18.39
N GLU A 447 17.20 -23.81 17.15
CA GLU A 447 18.11 -22.67 16.85
C GLU A 447 17.41 -21.37 17.23
N THR A 448 16.31 -21.04 16.53
CA THR A 448 15.54 -19.78 16.66
C THR A 448 15.02 -19.60 18.10
N MET A 449 14.91 -20.69 18.86
CA MET A 449 14.58 -20.66 20.31
C MET A 449 15.77 -20.13 21.12
N LEU A 450 16.98 -20.66 20.87
CA LEU A 450 18.23 -20.17 21.51
C LEU A 450 18.52 -18.74 21.03
N ARG A 451 18.13 -18.41 19.79
CA ARG A 451 18.39 -17.09 19.16
C ARG A 451 17.67 -15.97 19.94
N LEU A 452 16.43 -16.22 20.38
CA LEU A 452 15.66 -15.25 21.21
C LEU A 452 16.18 -15.26 22.65
N GLY A 453 16.45 -16.44 23.22
CA GLY A 453 17.01 -16.62 24.58
C GLY A 453 18.19 -15.69 24.82
N ILE A 454 19.31 -15.93 24.14
CA ILE A 454 20.57 -15.12 24.20
C ILE A 454 20.21 -13.65 24.04
N PHE A 455 19.40 -13.31 23.03
CA PHE A 455 18.96 -11.91 22.74
C PHE A 455 18.07 -11.42 23.89
N GLY A 456 17.23 -12.29 24.45
CA GLY A 456 16.35 -12.00 25.60
C GLY A 456 17.14 -11.66 26.84
N PHE A 457 18.28 -12.31 27.03
CA PHE A 457 19.23 -12.06 28.15
C PHE A 457 20.06 -10.80 27.84
N LEU A 458 20.55 -10.67 26.61
CA LEU A 458 21.42 -9.55 26.15
C LEU A 458 20.64 -8.22 26.22
N ALA A 459 19.39 -8.23 25.78
CA ALA A 459 18.46 -7.08 25.82
C ALA A 459 18.20 -6.65 27.28
N PHE A 460 18.28 -7.58 28.24
CA PHE A 460 18.10 -7.29 29.69
C PHE A 460 19.31 -6.51 30.20
N GLY A 461 20.52 -7.01 29.90
CA GLY A 461 21.80 -6.39 30.26
C GLY A 461 21.88 -4.93 29.81
N PHE A 462 21.54 -4.67 28.55
CA PHE A 462 21.65 -3.33 27.90
C PHE A 462 20.67 -2.32 28.52
N VAL A 463 19.58 -2.78 29.14
CA VAL A 463 18.64 -1.93 29.93
C VAL A 463 19.15 -1.85 31.38
N LEU A 464 19.72 -2.93 31.93
CA LEU A 464 20.21 -2.94 33.34
C LEU A 464 21.51 -2.14 33.47
N ILE A 465 22.31 -1.99 32.40
CA ILE A 465 23.57 -1.20 32.38
C ILE A 465 23.22 0.28 32.56
N THR A 466 22.34 0.82 31.71
CA THR A 466 21.95 2.26 31.68
C THR A 466 21.33 2.68 33.02
N PHE A 467 20.47 1.85 33.61
CA PHE A 467 19.79 2.12 34.91
C PHE A 467 20.83 2.24 36.03
N SER A 468 21.84 1.37 36.02
CA SER A 468 23.02 1.41 36.94
C SER A 468 23.80 2.72 36.73
N CYS A 469 24.00 3.10 35.47
CA CYS A 469 24.78 4.31 35.06
C CYS A 469 24.01 5.60 35.42
N HIS A 470 22.68 5.57 35.42
CA HIS A 470 21.81 6.75 35.69
C HIS A 470 21.68 7.01 37.19
N PHE A 471 21.21 6.00 37.94
CA PHE A 471 21.05 6.10 39.42
C PHE A 471 22.39 6.52 40.03
N TYR A 472 23.52 6.09 39.46
CA TYR A 472 24.88 6.60 39.79
C TYR A 472 24.91 8.14 39.65
N ASP A 473 24.38 8.68 38.55
CA ASP A 473 24.27 10.15 38.29
C ASP A 473 23.34 10.77 39.34
N PHE A 474 22.12 10.22 39.50
CA PHE A 474 21.05 10.78 40.37
C PHE A 474 21.48 10.74 41.85
N PHE A 475 22.36 9.82 42.23
CA PHE A 475 22.96 9.69 43.59
C PHE A 475 23.69 10.98 43.96
N ASN A 476 24.73 11.33 43.17
CA ASN A 476 25.74 12.38 43.50
C ASN A 476 25.53 13.64 42.65
N GLN A 477 24.44 13.72 41.86
CA GLN A 477 24.05 14.97 41.13
C GLN A 477 23.96 16.13 42.13
N ALA A 478 23.48 15.86 43.35
CA ALA A 478 23.45 16.82 44.48
C ALA A 478 24.88 17.15 44.94
N GLU A 479 25.75 16.13 45.04
CA GLU A 479 27.15 16.26 45.52
C GLU A 479 27.96 17.13 44.55
N TRP A 480 27.75 16.95 43.24
CA TRP A 480 28.51 17.65 42.16
C TRP A 480 28.13 19.12 42.10
N GLU A 481 26.82 19.43 42.04
CA GLU A 481 26.28 20.82 41.94
C GLU A 481 26.74 21.65 43.15
N ARG A 482 26.92 21.01 44.31
CA ARG A 482 27.45 21.64 45.56
C ARG A 482 28.95 21.94 45.39
N SER A 483 29.76 20.90 45.17
CA SER A 483 31.25 20.95 45.11
C SER A 483 31.70 21.88 43.96
N PHE A 484 31.04 21.78 42.79
CA PHE A 484 31.26 22.65 41.61
C PHE A 484 31.05 24.12 42.00
N ARG A 485 29.94 24.42 42.68
CA ARG A 485 29.64 25.78 43.22
C ARG A 485 30.73 26.19 44.20
N ASP A 486 31.10 25.28 45.12
CA ASP A 486 32.13 25.52 46.17
C ASP A 486 33.49 25.84 45.52
N TYR A 487 33.81 25.20 44.38
CA TYR A 487 35.08 25.38 43.64
C TYR A 487 35.20 26.82 43.11
N VAL A 488 34.16 27.34 42.47
CA VAL A 488 34.18 28.69 41.81
C VAL A 488 34.16 29.78 42.90
N LEU A 489 33.50 29.51 44.03
CA LEU A 489 33.60 30.33 45.27
C LEU A 489 35.06 30.30 45.76
N CYS A 490 35.64 29.11 45.89
CA CYS A 490 37.07 28.91 46.28
C CYS A 490 37.99 29.53 45.22
N GLN A 491 37.56 29.58 43.94
CA GLN A 491 38.23 30.34 42.84
C GLN A 491 37.98 31.84 43.04
N ALA A 492 36.81 32.24 43.57
CA ALA A 492 36.44 33.64 43.86
C ALA A 492 37.24 34.17 45.07
N ASN A 493 37.69 33.30 45.98
CA ASN A 493 38.52 33.68 47.16
C ASN A 493 39.87 34.22 46.68
N VAL A 494 40.60 33.41 45.89
CA VAL A 494 41.92 33.79 45.28
C VAL A 494 41.68 34.92 44.27
N ASP A 506 46.31 24.52 44.65
CA ASP A 506 45.11 25.28 45.11
C ASP A 506 44.05 24.29 45.61
N CYS A 507 42.78 24.71 45.69
CA CYS A 507 41.61 23.86 46.04
C CYS A 507 41.01 23.25 44.76
N GLU A 508 40.67 21.96 44.80
CA GLU A 508 40.20 21.14 43.66
C GLU A 508 38.76 20.68 43.92
N ILE A 509 38.19 19.91 42.97
CA ILE A 509 36.84 19.29 43.07
C ILE A 509 36.95 18.06 43.98
N LYS A 510 35.97 17.86 44.87
CA LYS A 510 35.88 16.68 45.76
C LYS A 510 35.76 15.41 44.90
N ASN A 511 34.73 15.37 44.06
CA ASN A 511 34.42 14.26 43.13
C ASN A 511 33.88 14.84 41.82
N ARG A 512 34.61 14.67 40.73
CA ARG A 512 34.13 14.99 39.35
C ARG A 512 33.44 13.74 38.81
N PRO A 513 32.29 13.86 38.09
CA PRO A 513 31.70 12.72 37.40
C PRO A 513 32.73 11.95 36.56
N SER A 514 32.93 10.67 36.86
CA SER A 514 33.88 9.77 36.14
C SER A 514 33.40 9.60 34.69
N LEU A 515 34.32 9.60 33.72
CA LEU A 515 34.01 9.40 32.29
C LEU A 515 33.64 7.93 32.02
N LEU A 516 34.05 7.01 32.90
CA LEU A 516 33.77 5.55 32.79
C LEU A 516 32.26 5.35 32.59
N VAL A 517 31.43 5.89 33.50
CA VAL A 517 29.94 5.71 33.49
C VAL A 517 29.35 6.29 32.19
N GLU A 518 29.86 7.43 31.72
CA GLU A 518 29.46 8.07 30.43
C GLU A 518 29.83 7.15 29.27
N LYS A 519 31.06 6.60 29.27
CA LYS A 519 31.53 5.63 28.25
C LYS A 519 30.62 4.39 28.25
N ILE A 520 30.30 3.87 29.43
CA ILE A 520 29.43 2.65 29.61
C ILE A 520 28.00 2.97 29.17
N ASN A 521 27.51 4.19 29.43
CA ASN A 521 26.17 4.68 28.99
C ASN A 521 26.11 4.68 27.45
N LEU A 522 27.09 5.32 26.80
CA LEU A 522 27.27 5.33 25.33
C LEU A 522 27.39 3.88 24.81
N PHE A 523 28.13 3.02 25.51
CA PHE A 523 28.28 1.58 25.17
C PHE A 523 26.92 0.90 25.19
N ALA A 524 26.14 1.10 26.26
CA ALA A 524 24.77 0.56 26.41
C ALA A 524 23.96 0.94 25.17
N MET A 525 23.89 2.24 24.84
CA MET A 525 23.10 2.76 23.69
C MET A 525 23.47 1.99 22.43
N PHE A 526 24.73 2.08 22.00
CA PHE A 526 25.19 1.60 20.68
C PHE A 526 25.22 0.06 20.66
N GLY A 527 25.39 -0.59 21.82
CA GLY A 527 25.20 -2.04 21.99
C GLY A 527 23.79 -2.45 21.59
N THR A 528 22.78 -1.70 22.05
CA THR A 528 21.34 -1.90 21.70
C THR A 528 21.16 -1.70 20.20
N GLY A 529 21.81 -0.66 19.65
CA GLY A 529 21.88 -0.40 18.20
C GLY A 529 22.47 -1.57 17.43
N ILE A 530 23.50 -2.23 17.99
CA ILE A 530 24.21 -3.39 17.38
C ILE A 530 23.33 -4.63 17.44
N ALA A 531 22.81 -4.99 18.63
CA ALA A 531 22.11 -6.28 18.88
C ALA A 531 20.98 -6.51 17.86
N MET A 532 20.27 -5.45 17.46
CA MET A 532 19.12 -5.52 16.51
C MET A 532 19.60 -5.82 15.08
N SER A 533 20.92 -5.81 14.83
CA SER A 533 21.56 -6.01 13.50
C SER A 533 22.21 -7.40 13.39
N THR A 534 22.11 -8.25 14.43
CA THR A 534 22.79 -9.58 14.47
C THR A 534 21.94 -10.66 13.78
N TRP A 535 20.66 -10.40 13.51
CA TRP A 535 19.70 -11.40 12.98
C TRP A 535 20.00 -11.70 11.51
N VAL A 536 20.46 -10.69 10.76
CA VAL A 536 20.80 -10.79 9.31
C VAL A 536 22.15 -11.50 9.11
N TRP A 537 22.90 -11.79 10.19
CA TRP A 537 24.09 -12.67 10.16
C TRP A 537 23.64 -14.13 10.10
N THR A 538 23.51 -14.67 8.87
CA THR A 538 23.08 -16.06 8.55
C THR A 538 24.31 -16.89 8.18
N LEU B 5 -17.16 15.61 -5.21
CA LEU B 5 -17.95 14.46 -5.76
C LEU B 5 -19.39 14.94 -6.06
N SER B 6 -20.37 14.01 -6.02
CA SER B 6 -21.81 14.24 -6.31
C SER B 6 -22.66 13.38 -5.36
N ALA B 7 -23.98 13.36 -5.56
CA ALA B 7 -24.93 12.56 -4.75
C ALA B 7 -24.82 11.06 -5.11
N GLU B 8 -24.69 10.74 -6.40
CA GLU B 8 -24.63 9.36 -6.91
C GLU B 8 -23.23 8.76 -6.71
N ASP B 9 -22.18 9.52 -7.02
CA ASP B 9 -20.76 9.07 -6.96
C ASP B 9 -20.39 8.62 -5.54
N LYS B 10 -20.96 9.27 -4.50
CA LYS B 10 -20.79 8.88 -3.07
C LYS B 10 -21.24 7.43 -2.87
N ALA B 11 -22.46 7.12 -3.29
CA ALA B 11 -23.08 5.76 -3.23
C ALA B 11 -22.27 4.78 -4.09
N ALA B 12 -21.73 5.23 -5.24
CA ALA B 12 -20.86 4.44 -6.14
C ALA B 12 -19.56 4.06 -5.41
N VAL B 13 -18.91 5.04 -4.74
CA VAL B 13 -17.67 4.82 -3.94
C VAL B 13 -17.98 3.94 -2.73
N GLU B 14 -19.17 4.08 -2.14
CA GLU B 14 -19.63 3.20 -1.01
C GLU B 14 -19.71 1.75 -1.52
N ARG B 15 -20.35 1.52 -2.67
CA ARG B 15 -20.42 0.18 -3.32
C ARG B 15 -19.00 -0.34 -3.56
N SER B 16 -18.11 0.51 -4.10
CA SER B 16 -16.68 0.20 -4.35
C SER B 16 -16.04 -0.37 -3.07
N LYS B 17 -16.13 0.38 -1.96
CA LYS B 17 -15.56 -0.02 -0.64
C LYS B 17 -16.19 -1.34 -0.15
N MET B 18 -17.51 -1.47 -0.27
CA MET B 18 -18.28 -2.66 0.21
C MET B 18 -17.75 -3.93 -0.48
N ILE B 19 -17.68 -3.94 -1.82
CA ILE B 19 -17.25 -5.13 -2.61
C ILE B 19 -15.74 -5.33 -2.46
N ASP B 20 -14.98 -4.24 -2.24
CA ASP B 20 -13.52 -4.29 -1.94
C ASP B 20 -13.30 -5.04 -0.62
N ARG B 21 -14.08 -4.71 0.42
CA ARG B 21 -14.06 -5.41 1.74
C ARG B 21 -14.37 -6.90 1.54
N ASN B 22 -15.45 -7.20 0.82
CA ASN B 22 -15.90 -8.59 0.51
C ASN B 22 -14.79 -9.34 -0.24
N LEU B 23 -14.13 -8.67 -1.19
CA LEU B 23 -13.01 -9.25 -2.00
C LEU B 23 -11.84 -9.63 -1.09
N ARG B 24 -11.41 -8.69 -0.22
CA ARG B 24 -10.30 -8.89 0.75
C ARG B 24 -10.63 -10.04 1.72
N GLU B 25 -11.87 -10.09 2.22
CA GLU B 25 -12.36 -11.12 3.17
C GLU B 25 -12.30 -12.51 2.53
N ASP B 26 -12.77 -12.62 1.27
CA ASP B 26 -12.69 -13.88 0.47
C ASP B 26 -11.22 -14.24 0.25
N GLY B 27 -10.36 -13.24 0.03
CA GLY B 27 -8.90 -13.39 -0.06
C GLY B 27 -8.31 -14.12 1.13
N GLU B 28 -8.65 -13.66 2.35
CA GLU B 28 -8.26 -14.28 3.64
C GLU B 28 -8.72 -15.75 3.67
N LYS B 29 -10.02 -15.97 3.43
CA LYS B 29 -10.68 -17.30 3.53
C LYS B 29 -10.13 -18.26 2.46
N ALA B 30 -9.66 -17.73 1.32
CA ALA B 30 -9.04 -18.51 0.21
C ALA B 30 -7.58 -18.86 0.55
N ALA B 31 -6.84 -17.92 1.15
CA ALA B 31 -5.42 -18.10 1.58
C ALA B 31 -5.33 -19.09 2.75
N ARG B 32 -6.43 -19.34 3.48
CA ARG B 32 -6.48 -20.23 4.67
C ARG B 32 -6.31 -21.70 4.25
N GLU B 33 -6.59 -22.04 2.98
CA GLU B 33 -6.52 -23.44 2.45
C GLU B 33 -5.18 -23.65 1.73
N VAL B 34 -4.54 -24.79 2.00
CA VAL B 34 -3.23 -25.18 1.39
C VAL B 34 -3.52 -25.90 0.07
N LYS B 35 -2.75 -25.57 -0.97
CA LYS B 35 -2.91 -26.11 -2.35
C LYS B 35 -1.84 -27.18 -2.59
N LEU B 36 -2.17 -28.19 -3.40
CA LEU B 36 -1.29 -29.35 -3.71
C LEU B 36 -1.49 -29.76 -5.18
N LEU B 37 -0.60 -29.30 -6.06
CA LEU B 37 -0.58 -29.70 -7.49
C LEU B 37 -0.21 -31.18 -7.57
N LEU B 38 -1.06 -31.97 -8.24
CA LEU B 38 -0.90 -33.44 -8.38
C LEU B 38 -0.45 -33.75 -9.82
N LEU B 39 0.86 -33.88 -10.02
CA LEU B 39 1.46 -34.44 -11.27
C LEU B 39 1.39 -35.97 -11.21
N GLY B 40 1.81 -36.63 -12.30
CA GLY B 40 1.88 -38.10 -12.41
C GLY B 40 1.83 -38.51 -13.87
N ALA B 41 2.72 -39.42 -14.27
CA ALA B 41 2.83 -39.96 -15.65
C ALA B 41 1.55 -40.71 -16.02
N GLY B 42 1.37 -41.02 -17.31
CA GLY B 42 0.19 -41.75 -17.83
C GLY B 42 0.07 -43.13 -17.20
N GLU B 43 -1.00 -43.36 -16.44
CA GLU B 43 -1.31 -44.62 -15.70
C GLU B 43 -0.29 -44.81 -14.57
N SER B 44 0.11 -43.72 -13.89
CA SER B 44 1.05 -43.73 -12.74
C SER B 44 0.33 -44.18 -11.46
N GLY B 45 -1.01 -44.11 -11.44
CA GLY B 45 -1.87 -44.51 -10.30
C GLY B 45 -2.47 -43.32 -9.56
N LYS B 46 -2.67 -42.19 -10.24
CA LYS B 46 -3.27 -40.95 -9.67
C LYS B 46 -4.63 -41.29 -9.04
N SER B 47 -5.39 -42.17 -9.70
CA SER B 47 -6.68 -42.75 -9.22
C SER B 47 -6.52 -43.37 -7.82
N THR B 48 -5.42 -44.11 -7.59
CA THR B 48 -5.14 -44.82 -6.31
C THR B 48 -5.09 -43.81 -5.16
N ILE B 49 -4.19 -42.82 -5.27
CA ILE B 49 -3.94 -41.82 -4.20
C ILE B 49 -5.14 -40.87 -4.08
N VAL B 50 -5.75 -40.44 -5.19
CA VAL B 50 -6.89 -39.48 -5.18
C VAL B 50 -8.11 -40.12 -4.48
N LYS B 51 -8.32 -41.44 -4.65
CA LYS B 51 -9.39 -42.19 -3.94
C LYS B 51 -8.93 -42.57 -2.53
N GLN B 52 -7.61 -42.72 -2.30
CA GLN B 52 -7.02 -42.96 -0.95
C GLN B 52 -7.30 -41.76 -0.02
N MET B 53 -7.19 -40.52 -0.53
CA MET B 53 -7.27 -39.27 0.28
C MET B 53 -8.67 -39.13 0.90
N LYS B 54 -9.70 -39.04 0.07
CA LYS B 54 -11.12 -38.83 0.49
C LYS B 54 -11.78 -40.19 0.75
N GLY B 183 -11.34 -31.72 -18.35
CA GLY B 183 -10.42 -30.63 -17.97
C GLY B 183 -9.74 -30.89 -16.63
N ILE B 184 -9.50 -29.83 -15.84
CA ILE B 184 -8.93 -29.91 -14.47
C ILE B 184 -9.98 -30.50 -13.52
N VAL B 185 -9.55 -31.16 -12.45
CA VAL B 185 -10.44 -31.66 -11.36
C VAL B 185 -9.87 -31.22 -10.01
N GLU B 186 -10.68 -30.55 -9.20
CA GLU B 186 -10.29 -29.92 -7.90
C GLU B 186 -10.98 -30.71 -6.77
N THR B 187 -10.21 -31.52 -6.02
CA THR B 187 -10.70 -32.37 -4.91
C THR B 187 -10.33 -31.69 -3.58
N HIS B 188 -11.34 -31.39 -2.75
CA HIS B 188 -11.23 -30.74 -1.42
C HIS B 188 -11.41 -31.79 -0.33
N PHE B 189 -10.36 -32.08 0.44
CA PHE B 189 -10.39 -32.94 1.66
C PHE B 189 -9.72 -32.19 2.82
N THR B 190 -10.20 -32.48 4.03
CA THR B 190 -9.74 -31.89 5.32
C THR B 190 -9.13 -33.00 6.18
N PHE B 191 -8.04 -32.69 6.90
CA PHE B 191 -7.37 -33.61 7.87
C PHE B 191 -6.62 -32.79 8.93
N LYS B 192 -6.84 -33.14 10.20
CA LYS B 192 -6.15 -32.55 11.39
C LYS B 192 -6.28 -31.02 11.39
N ASP B 193 -7.44 -30.51 10.96
CA ASP B 193 -7.76 -29.06 10.84
C ASP B 193 -6.80 -28.41 9.82
N LEU B 194 -6.74 -28.96 8.61
CA LEU B 194 -6.17 -28.30 7.40
C LEU B 194 -7.02 -28.68 6.18
N HIS B 195 -7.47 -27.68 5.42
CA HIS B 195 -8.24 -27.85 4.16
C HIS B 195 -7.28 -27.93 2.99
N PHE B 196 -7.08 -29.15 2.44
CA PHE B 196 -6.22 -29.40 1.26
C PHE B 196 -7.02 -29.24 -0.02
N LYS B 197 -6.33 -29.01 -1.13
CA LYS B 197 -6.89 -29.03 -2.51
C LYS B 197 -5.88 -29.72 -3.43
N MET B 198 -6.34 -30.68 -4.25
CA MET B 198 -5.48 -31.33 -5.28
C MET B 198 -6.08 -31.08 -6.65
N PHE B 199 -5.27 -30.54 -7.56
CA PHE B 199 -5.60 -30.33 -8.99
C PHE B 199 -4.88 -31.43 -9.79
N ASP B 200 -5.51 -32.60 -9.91
CA ASP B 200 -5.04 -33.68 -10.81
C ASP B 200 -5.21 -33.19 -12.26
N VAL B 201 -4.21 -32.43 -12.74
CA VAL B 201 -4.17 -31.79 -14.09
C VAL B 201 -3.79 -32.83 -15.14
N GLY B 202 -3.17 -33.95 -14.73
CA GLY B 202 -2.75 -35.08 -15.58
C GLY B 202 -3.82 -35.50 -16.59
N GLY B 203 -5.10 -35.32 -16.25
CA GLY B 203 -6.25 -35.46 -17.16
C GLY B 203 -6.35 -34.28 -18.13
N GLN B 204 -5.32 -34.08 -18.94
CA GLN B 204 -5.20 -33.01 -19.97
C GLN B 204 -3.96 -33.29 -20.84
N ARG B 205 -4.12 -33.33 -22.16
CA ARG B 205 -3.00 -33.43 -23.14
C ARG B 205 -2.93 -32.13 -23.94
N SER B 206 -2.05 -31.22 -23.52
CA SER B 206 -1.72 -29.93 -24.21
C SER B 206 -0.25 -29.59 -23.94
N GLU B 207 0.22 -28.45 -24.46
CA GLU B 207 1.60 -27.93 -24.23
C GLU B 207 1.75 -27.59 -22.73
N ARG B 208 2.38 -28.48 -21.96
CA ARG B 208 2.62 -28.33 -20.50
C ARG B 208 3.22 -26.95 -20.22
N LYS B 209 4.23 -26.54 -21.00
CA LYS B 209 5.08 -25.34 -20.72
C LYS B 209 4.28 -24.04 -20.88
N LYS B 210 3.00 -24.10 -21.29
CA LYS B 210 2.13 -22.91 -21.52
C LYS B 210 1.24 -22.61 -20.31
N TRP B 211 0.72 -23.63 -19.60
CA TRP B 211 -0.24 -23.44 -18.48
C TRP B 211 0.39 -23.75 -17.12
N ILE B 212 1.61 -24.31 -17.05
CA ILE B 212 2.23 -24.79 -15.77
C ILE B 212 2.56 -23.60 -14.86
N HIS B 213 2.77 -22.39 -15.42
CA HIS B 213 3.08 -21.15 -14.65
C HIS B 213 1.87 -20.68 -13.83
N CYS B 214 0.67 -21.22 -14.11
CA CYS B 214 -0.59 -20.98 -13.34
C CYS B 214 -0.47 -21.53 -11.90
N PHE B 215 0.52 -22.38 -11.62
CA PHE B 215 0.65 -23.18 -10.37
C PHE B 215 1.83 -22.72 -9.50
N GLU B 216 2.61 -21.70 -9.91
CA GLU B 216 3.67 -21.13 -9.06
C GLU B 216 2.99 -20.48 -7.84
N GLY B 217 3.52 -20.75 -6.63
CA GLY B 217 2.90 -20.34 -5.36
C GLY B 217 2.11 -21.46 -4.70
N VAL B 218 1.96 -22.61 -5.36
CA VAL B 218 1.41 -23.86 -4.75
C VAL B 218 2.40 -24.32 -3.67
N THR B 219 1.90 -24.90 -2.57
CA THR B 219 2.69 -25.29 -1.38
C THR B 219 3.69 -26.39 -1.76
N ALA B 220 3.18 -27.57 -2.13
CA ALA B 220 3.98 -28.74 -2.58
C ALA B 220 3.46 -29.25 -3.93
N ILE B 221 4.18 -30.21 -4.51
CA ILE B 221 3.83 -30.89 -5.79
C ILE B 221 3.79 -32.40 -5.53
N ILE B 222 2.59 -32.96 -5.29
CA ILE B 222 2.43 -34.43 -5.06
C ILE B 222 2.61 -35.14 -6.41
N PHE B 223 3.76 -35.79 -6.58
CA PHE B 223 4.24 -36.41 -7.83
C PHE B 223 4.29 -37.93 -7.64
N CYS B 224 3.16 -38.61 -7.84
CA CYS B 224 3.06 -40.09 -7.73
C CYS B 224 3.84 -40.73 -8.88
N VAL B 225 4.60 -41.81 -8.59
CA VAL B 225 5.28 -42.63 -9.63
C VAL B 225 4.88 -44.09 -9.43
N ALA B 226 4.37 -44.72 -10.50
CA ALA B 226 4.14 -46.18 -10.62
C ALA B 226 5.48 -46.91 -10.42
N LEU B 227 5.60 -47.71 -9.36
CA LEU B 227 6.84 -48.46 -9.01
C LEU B 227 6.86 -49.81 -9.75
N SER B 228 5.69 -50.32 -10.17
CA SER B 228 5.55 -51.50 -11.05
C SER B 228 5.90 -51.17 -12.51
N ASP B 229 6.31 -49.92 -12.78
CA ASP B 229 6.53 -49.35 -14.13
C ASP B 229 7.98 -49.57 -14.60
N TYR B 230 8.80 -50.25 -13.81
CA TYR B 230 10.22 -50.57 -14.13
C TYR B 230 10.29 -51.62 -15.25
N ASP B 231 9.23 -52.42 -15.42
CA ASP B 231 9.19 -53.61 -16.31
C ASP B 231 8.72 -53.22 -17.72
N LEU B 232 7.74 -52.30 -17.84
CA LEU B 232 7.04 -52.00 -19.11
C LEU B 232 7.93 -51.15 -20.04
N VAL B 233 7.46 -50.90 -21.27
CA VAL B 233 8.18 -50.15 -22.34
C VAL B 233 7.24 -49.08 -22.93
N ASN B 241 11.36 -48.48 -20.38
CA ASN B 241 11.24 -47.14 -21.03
C ASN B 241 10.26 -46.24 -20.26
N ARG B 242 9.15 -46.79 -19.78
CA ARG B 242 8.08 -46.07 -19.04
C ARG B 242 8.64 -45.44 -17.77
N MET B 243 9.57 -46.13 -17.08
CA MET B 243 10.27 -45.62 -15.87
C MET B 243 11.12 -44.40 -16.23
N HIS B 244 11.89 -44.49 -17.32
CA HIS B 244 12.72 -43.38 -17.88
C HIS B 244 11.82 -42.21 -18.28
N GLU B 245 10.66 -42.49 -18.88
CA GLU B 245 9.63 -41.47 -19.23
C GLU B 245 9.22 -40.72 -17.96
N SER B 246 8.82 -41.45 -16.91
CA SER B 246 8.37 -40.89 -15.60
C SER B 246 9.51 -40.08 -14.95
N MET B 247 10.73 -40.62 -14.97
CA MET B 247 11.95 -39.95 -14.44
C MET B 247 12.22 -38.64 -15.20
N LYS B 248 12.13 -38.66 -16.53
CA LYS B 248 12.37 -37.48 -17.40
C LYS B 248 11.31 -36.41 -17.14
N LEU B 249 10.05 -36.80 -16.92
CA LEU B 249 8.96 -35.86 -16.54
C LEU B 249 9.29 -35.25 -15.17
N PHE B 250 9.73 -36.07 -14.20
CA PHE B 250 10.19 -35.61 -12.87
C PHE B 250 11.33 -34.59 -13.06
N ASP B 251 12.30 -34.89 -13.92
CA ASP B 251 13.48 -34.04 -14.20
C ASP B 251 13.02 -32.67 -14.74
N SER B 252 12.06 -32.68 -15.67
CA SER B 252 11.51 -31.45 -16.31
C SER B 252 10.63 -30.66 -15.32
N ILE B 253 9.94 -31.34 -14.39
CA ILE B 253 9.03 -30.68 -13.41
C ILE B 253 9.80 -30.22 -12.16
N CYS B 254 10.95 -30.83 -11.86
CA CYS B 254 11.73 -30.61 -10.61
C CYS B 254 12.81 -29.54 -10.81
N ASN B 255 13.21 -29.23 -12.04
CA ASN B 255 14.22 -28.17 -12.36
C ASN B 255 13.55 -27.05 -13.18
N ASN B 256 12.21 -27.00 -13.20
CA ASN B 256 11.43 -25.98 -13.95
C ASN B 256 11.59 -24.64 -13.26
N LYS B 257 11.55 -23.55 -14.03
CA LYS B 257 11.86 -22.15 -13.60
C LYS B 257 10.98 -21.73 -12.42
N TRP B 258 9.70 -22.13 -12.41
CA TRP B 258 8.65 -21.59 -11.51
C TRP B 258 8.61 -22.36 -10.18
N PHE B 259 9.06 -23.62 -10.14
CA PHE B 259 8.87 -24.54 -8.99
C PHE B 259 10.10 -24.54 -8.06
N THR B 260 11.06 -23.64 -8.29
CA THR B 260 12.41 -23.56 -7.64
C THR B 260 12.32 -23.75 -6.11
N ASP B 261 11.28 -23.20 -5.46
CA ASP B 261 11.14 -23.18 -3.97
C ASP B 261 10.15 -24.27 -3.50
N THR B 262 9.30 -24.82 -4.37
CA THR B 262 8.18 -25.71 -3.98
C THR B 262 8.73 -27.11 -3.68
N SER B 263 8.64 -27.56 -2.43
CA SER B 263 9.11 -28.89 -1.95
C SER B 263 8.28 -29.99 -2.63
N ILE B 264 8.94 -30.92 -3.32
CA ILE B 264 8.31 -32.01 -4.11
C ILE B 264 8.20 -33.27 -3.25
N ILE B 265 6.97 -33.62 -2.85
CA ILE B 265 6.62 -34.99 -2.33
C ILE B 265 6.62 -35.91 -3.56
N LEU B 266 6.88 -37.20 -3.38
CA LEU B 266 6.64 -38.23 -4.43
C LEU B 266 6.22 -39.54 -3.76
N PHE B 267 5.17 -40.16 -4.29
CA PHE B 267 4.56 -41.43 -3.79
C PHE B 267 4.96 -42.56 -4.73
N LEU B 268 5.80 -43.47 -4.23
CA LEU B 268 6.16 -44.74 -4.92
C LEU B 268 5.04 -45.76 -4.66
N ASN B 269 3.94 -45.60 -5.39
CA ASN B 269 2.69 -46.39 -5.25
C ASN B 269 2.84 -47.74 -5.97
N LYS B 270 1.92 -48.67 -5.71
CA LYS B 270 1.89 -50.05 -6.29
C LYS B 270 3.23 -50.75 -6.01
N LYS B 271 3.68 -50.74 -4.75
CA LYS B 271 4.96 -51.35 -4.31
C LYS B 271 4.83 -52.88 -4.31
N ASP B 272 3.62 -53.42 -4.08
CA ASP B 272 3.34 -54.87 -3.95
C ASP B 272 3.62 -55.58 -5.27
N LEU B 273 3.17 -55.03 -6.41
CA LEU B 273 3.35 -55.62 -7.75
C LEU B 273 4.84 -55.63 -8.11
N PHE B 274 5.55 -54.51 -7.87
CA PHE B 274 7.02 -54.39 -8.02
C PHE B 274 7.73 -55.40 -7.10
N GLU B 275 7.25 -55.57 -5.87
CA GLU B 275 7.82 -56.49 -4.84
C GLU B 275 7.72 -57.94 -5.33
N GLU B 276 6.59 -58.32 -5.93
CA GLU B 276 6.37 -59.67 -6.52
C GLU B 276 7.19 -59.82 -7.81
N LYS B 277 7.34 -58.74 -8.59
CA LYS B 277 7.88 -58.78 -9.98
C LYS B 277 9.40 -58.97 -10.01
N ILE B 278 10.14 -58.48 -9.00
CA ILE B 278 11.64 -58.46 -8.97
C ILE B 278 12.20 -59.88 -9.11
N LYS B 279 11.54 -60.89 -8.52
CA LYS B 279 12.01 -62.30 -8.49
C LYS B 279 11.98 -62.90 -9.91
N LYS B 280 11.12 -62.38 -10.80
CA LYS B 280 11.00 -62.82 -12.22
C LYS B 280 12.09 -62.14 -13.06
N SER B 281 12.07 -60.81 -13.14
CA SER B 281 13.01 -59.98 -13.94
C SER B 281 13.80 -59.06 -13.00
N PRO B 282 15.14 -58.91 -13.16
CA PRO B 282 15.92 -58.05 -12.27
C PRO B 282 15.74 -56.58 -12.66
N LEU B 283 16.15 -55.67 -11.78
CA LEU B 283 16.02 -54.20 -11.98
C LEU B 283 16.93 -53.73 -13.13
N THR B 284 17.85 -54.60 -13.56
CA THR B 284 18.84 -54.37 -14.66
C THR B 284 18.12 -54.07 -15.98
N ILE B 285 16.89 -54.56 -16.17
CA ILE B 285 16.06 -54.34 -17.40
C ILE B 285 16.03 -52.84 -17.75
N CYS B 286 15.80 -51.96 -16.76
CA CYS B 286 15.61 -50.50 -16.93
C CYS B 286 16.80 -49.69 -16.42
N TYR B 287 17.58 -50.23 -15.47
CA TYR B 287 18.83 -49.61 -14.94
C TYR B 287 20.01 -50.52 -15.24
N PRO B 288 20.63 -50.43 -16.44
CA PRO B 288 21.77 -51.28 -16.80
C PRO B 288 22.99 -51.06 -15.90
N GLU B 289 23.21 -49.81 -15.45
CA GLU B 289 24.33 -49.40 -14.57
C GLU B 289 24.13 -49.96 -13.15
N TYR B 290 22.90 -50.28 -12.75
CA TYR B 290 22.55 -50.81 -11.39
C TYR B 290 23.53 -51.93 -10.99
N ALA B 291 24.11 -51.81 -9.80
CA ALA B 291 25.05 -52.79 -9.19
C ALA B 291 24.74 -52.93 -7.70
N GLY B 292 23.92 -53.91 -7.34
CA GLY B 292 23.52 -54.20 -5.95
C GLY B 292 22.75 -55.51 -5.82
N SER B 293 22.17 -55.76 -4.65
CA SER B 293 21.36 -56.98 -4.34
C SER B 293 20.02 -56.91 -5.09
N ASN B 294 19.48 -58.07 -5.48
CA ASN B 294 18.17 -58.19 -6.18
C ASN B 294 17.06 -58.46 -5.15
N THR B 295 17.20 -57.93 -3.93
CA THR B 295 16.20 -57.98 -2.83
C THR B 295 15.31 -56.75 -2.95
N TYR B 296 14.00 -56.90 -2.73
CA TYR B 296 12.98 -55.81 -2.78
C TYR B 296 13.47 -54.58 -2.00
N GLU B 297 13.89 -54.80 -0.74
CA GLU B 297 14.20 -53.73 0.25
C GLU B 297 15.29 -52.80 -0.29
N GLU B 298 16.37 -53.35 -0.84
CA GLU B 298 17.54 -52.56 -1.35
C GLU B 298 17.20 -51.98 -2.72
N ALA B 299 16.54 -52.76 -3.58
CA ALA B 299 16.11 -52.36 -4.94
C ALA B 299 15.24 -51.10 -4.87
N ALA B 300 14.22 -51.10 -4.02
CA ALA B 300 13.29 -49.97 -3.77
C ALA B 300 14.07 -48.73 -3.29
N ALA B 301 15.01 -48.94 -2.35
CA ALA B 301 15.89 -47.89 -1.79
C ALA B 301 16.76 -47.28 -2.90
N TYR B 302 17.30 -48.11 -3.80
CA TYR B 302 18.09 -47.65 -4.98
C TYR B 302 17.22 -46.78 -5.88
N ILE B 303 16.02 -47.25 -6.23
CA ILE B 303 15.02 -46.50 -7.07
C ILE B 303 14.75 -45.14 -6.42
N GLN B 304 14.46 -45.14 -5.12
CA GLN B 304 14.16 -43.92 -4.32
C GLN B 304 15.32 -42.93 -4.43
N CYS B 305 16.54 -43.40 -4.14
CA CYS B 305 17.80 -42.61 -4.19
C CYS B 305 18.03 -42.08 -5.61
N GLN B 306 17.74 -42.89 -6.64
CA GLN B 306 17.92 -42.52 -8.07
C GLN B 306 17.01 -41.32 -8.40
N PHE B 307 15.77 -41.29 -7.89
CA PHE B 307 14.84 -40.14 -8.05
C PHE B 307 15.31 -38.96 -7.19
N GLU B 308 15.60 -39.20 -5.90
CA GLU B 308 16.02 -38.13 -4.96
C GLU B 308 17.34 -37.49 -5.41
N ASP B 309 18.07 -38.12 -6.33
CA ASP B 309 19.29 -37.56 -7.00
C ASP B 309 18.91 -36.49 -8.03
N LEU B 310 17.76 -36.61 -8.73
CA LEU B 310 17.44 -35.83 -9.96
C LEU B 310 17.60 -34.31 -9.72
N ASN B 311 17.05 -33.78 -8.63
CA ASN B 311 17.00 -32.32 -8.34
C ASN B 311 18.42 -31.73 -8.42
N LYS B 312 18.60 -30.74 -9.30
CA LYS B 312 19.89 -30.02 -9.49
C LYS B 312 20.08 -29.06 -8.31
N ARG B 313 19.01 -28.40 -7.88
CA ARG B 313 18.95 -27.53 -6.67
C ARG B 313 18.55 -28.40 -5.47
N LYS B 314 19.42 -28.49 -4.46
CA LYS B 314 19.25 -29.41 -3.29
C LYS B 314 18.98 -28.65 -1.98
N ASP B 315 19.45 -27.40 -1.86
CA ASP B 315 19.43 -26.62 -0.58
C ASP B 315 18.07 -25.92 -0.39
N THR B 316 17.31 -25.70 -1.45
CA THR B 316 16.04 -24.91 -1.46
C THR B 316 14.83 -25.83 -1.29
N LYS B 317 14.78 -26.92 -2.06
CA LYS B 317 13.60 -27.83 -2.16
C LYS B 317 14.00 -29.23 -1.70
N GLU B 318 13.57 -29.64 -0.51
CA GLU B 318 13.78 -31.02 0.03
C GLU B 318 12.71 -31.93 -0.58
N ILE B 319 13.12 -33.12 -1.05
CA ILE B 319 12.24 -34.13 -1.70
C ILE B 319 11.89 -35.19 -0.66
N TYR B 320 10.65 -35.16 -0.15
CA TYR B 320 10.11 -36.17 0.80
C TYR B 320 9.60 -37.36 0.00
N THR B 321 9.51 -38.52 0.64
CA THR B 321 9.20 -39.83 0.00
C THR B 321 8.37 -40.70 0.94
N HIS B 322 7.43 -41.47 0.37
CA HIS B 322 6.63 -42.49 1.08
C HIS B 322 6.15 -43.56 0.09
N PHE B 323 6.08 -44.81 0.56
CA PHE B 323 5.46 -45.97 -0.14
C PHE B 323 4.04 -46.14 0.40
N THR B 324 3.06 -46.32 -0.49
CA THR B 324 1.61 -46.26 -0.18
C THR B 324 1.22 -47.46 0.69
N CYS B 325 1.10 -47.26 2.00
CA CYS B 325 0.58 -48.25 2.98
C CYS B 325 -0.93 -48.43 2.75
N ALA B 326 -1.30 -49.42 1.93
CA ALA B 326 -2.68 -49.67 1.45
C ALA B 326 -3.64 -49.93 2.62
N THR B 327 -3.22 -50.72 3.61
CA THR B 327 -4.04 -51.20 4.76
C THR B 327 -3.96 -50.23 5.95
N ASP B 328 -3.47 -49.00 5.74
CA ASP B 328 -3.39 -47.96 6.81
C ASP B 328 -3.71 -46.58 6.22
N THR B 329 -3.84 -45.57 7.10
CA THR B 329 -4.19 -44.16 6.78
C THR B 329 -2.94 -43.28 6.79
N LYS B 330 -1.74 -43.88 6.64
CA LYS B 330 -0.43 -43.18 6.80
C LYS B 330 -0.12 -42.34 5.55
N ASN B 331 -0.85 -42.53 4.45
CA ASN B 331 -0.69 -41.76 3.19
C ASN B 331 -1.06 -40.30 3.45
N VAL B 332 -2.29 -40.04 3.94
CA VAL B 332 -2.79 -38.69 4.32
C VAL B 332 -1.92 -38.14 5.45
N GLN B 333 -1.56 -38.99 6.42
CA GLN B 333 -0.68 -38.63 7.58
C GLN B 333 0.67 -38.10 7.06
N PHE B 334 1.26 -38.77 6.07
CA PHE B 334 2.57 -38.38 5.48
C PHE B 334 2.41 -37.08 4.70
N VAL B 335 1.35 -36.95 3.88
CA VAL B 335 0.97 -35.70 3.17
C VAL B 335 0.94 -34.57 4.21
N PHE B 336 0.26 -34.78 5.33
CA PHE B 336 0.12 -33.79 6.43
C PHE B 336 1.51 -33.41 6.97
N ASP B 337 2.33 -34.42 7.33
CA ASP B 337 3.70 -34.22 7.90
C ASP B 337 4.58 -33.44 6.92
N ALA B 338 4.53 -33.80 5.64
CA ALA B 338 5.25 -33.11 4.53
C ALA B 338 4.84 -31.63 4.48
N VAL B 339 3.54 -31.37 4.36
CA VAL B 339 2.96 -30.00 4.18
C VAL B 339 3.21 -29.16 5.43
N THR B 340 3.02 -29.72 6.63
CA THR B 340 3.22 -28.99 7.92
C THR B 340 4.70 -28.60 8.04
N ASP B 341 5.62 -29.48 7.63
CA ASP B 341 7.08 -29.21 7.61
C ASP B 341 7.37 -27.99 6.71
N VAL B 342 6.96 -28.05 5.44
CA VAL B 342 7.21 -26.95 4.45
C VAL B 342 6.51 -25.66 4.93
N ILE B 343 5.32 -25.77 5.53
CA ILE B 343 4.59 -24.60 6.10
C ILE B 343 5.42 -23.98 7.22
N ILE B 344 5.92 -24.80 8.17
CA ILE B 344 6.75 -24.32 9.32
C ILE B 344 7.99 -23.59 8.78
N LYS B 345 8.69 -24.21 7.82
CA LYS B 345 9.94 -23.68 7.20
C LYS B 345 9.64 -22.32 6.55
N ASN B 346 8.60 -22.25 5.71
CA ASN B 346 8.13 -21.00 5.04
C ASN B 346 7.77 -19.95 6.09
N ASN B 347 7.00 -20.34 7.11
CA ASN B 347 6.45 -19.44 8.17
C ASN B 347 7.59 -18.90 9.04
N LEU B 348 8.66 -19.67 9.28
CA LEU B 348 9.83 -19.18 10.06
C LEU B 348 10.68 -18.25 9.17
N LYS B 349 10.93 -18.62 7.92
CA LYS B 349 11.58 -17.74 6.91
C LYS B 349 10.82 -16.42 6.82
N ASP B 350 9.48 -16.46 6.97
CA ASP B 350 8.61 -15.26 7.04
C ASP B 350 9.00 -14.38 8.25
N CYS B 351 9.28 -14.99 9.40
CA CYS B 351 9.54 -14.28 10.69
C CYS B 351 10.92 -13.58 10.66
N GLY B 352 11.80 -13.89 9.69
CA GLY B 352 13.12 -13.26 9.54
C GLY B 352 14.15 -13.88 10.47
N LEU B 353 14.02 -15.18 10.74
CA LEU B 353 14.91 -15.98 11.63
C LEU B 353 15.33 -17.26 10.90
N PHE B 354 14.35 -18.07 10.46
CA PHE B 354 14.51 -19.33 9.68
C PHE B 354 15.07 -20.43 10.57
N ASP C 9 -0.01 -41.09 -49.90
CA ASP C 9 1.14 -42.06 -49.82
C ASP C 9 2.46 -41.34 -50.13
N GLN C 10 2.52 -40.59 -51.24
CA GLN C 10 3.71 -39.83 -51.69
C GLN C 10 3.38 -38.34 -51.86
N LEU C 11 2.17 -37.89 -51.47
CA LEU C 11 1.66 -36.52 -51.72
C LEU C 11 2.43 -35.47 -50.90
N ARG C 12 3.22 -35.89 -49.90
CA ARG C 12 4.13 -35.03 -49.10
C ARG C 12 5.10 -34.27 -50.02
N GLN C 13 5.58 -34.89 -51.10
CA GLN C 13 6.50 -34.26 -52.08
C GLN C 13 5.76 -33.15 -52.84
N GLU C 14 4.47 -33.37 -53.16
CA GLU C 14 3.62 -32.38 -53.89
C GLU C 14 3.27 -31.24 -52.93
N ALA C 15 3.01 -31.54 -51.65
CA ALA C 15 2.82 -30.52 -50.58
C ALA C 15 4.07 -29.63 -50.49
N GLU C 16 5.26 -30.25 -50.52
CA GLU C 16 6.57 -29.54 -50.57
C GLU C 16 6.64 -28.69 -51.85
N GLN C 17 6.26 -29.27 -53.00
CA GLN C 17 6.23 -28.57 -54.32
C GLN C 17 5.39 -27.29 -54.20
N LEU C 18 4.14 -27.41 -53.73
CA LEU C 18 3.20 -26.26 -53.58
C LEU C 18 3.78 -25.24 -52.59
N LYS C 19 4.36 -25.70 -51.46
CA LYS C 19 4.99 -24.82 -50.44
C LYS C 19 6.11 -23.97 -51.07
N ASN C 20 6.95 -24.60 -51.90
CA ASN C 20 8.06 -23.93 -52.63
C ASN C 20 7.46 -22.89 -53.61
N GLN C 21 6.41 -23.28 -54.36
CA GLN C 21 5.68 -22.39 -55.30
C GLN C 21 5.15 -21.16 -54.54
N ILE C 22 4.50 -21.38 -53.40
CA ILE C 22 3.98 -20.29 -52.52
C ILE C 22 5.12 -19.33 -52.18
N ARG C 23 6.22 -19.85 -51.61
CA ARG C 23 7.40 -19.06 -51.18
C ARG C 23 7.94 -18.28 -52.39
N ASP C 24 8.07 -18.94 -53.55
CA ASP C 24 8.51 -18.31 -54.83
C ASP C 24 7.59 -17.14 -55.19
N ALA C 25 6.26 -17.37 -55.16
CA ALA C 25 5.21 -16.41 -55.56
C ALA C 25 5.24 -15.17 -54.64
N ARG C 26 5.21 -15.38 -53.32
CA ARG C 26 5.21 -14.28 -52.32
C ARG C 26 6.58 -13.58 -52.31
N LYS C 27 7.66 -14.29 -52.67
CA LYS C 27 9.03 -13.72 -52.78
C LYS C 27 9.14 -12.78 -53.98
N ALA C 28 8.71 -13.22 -55.17
CA ALA C 28 8.87 -12.50 -56.46
C ALA C 28 8.00 -11.24 -56.53
N CYS C 29 7.19 -10.96 -55.49
CA CYS C 29 6.31 -9.76 -55.38
C CYS C 29 6.84 -8.78 -54.33
N ALA C 30 8.05 -9.00 -53.79
CA ALA C 30 8.69 -8.17 -52.74
C ALA C 30 9.77 -7.28 -53.37
N ASP C 31 9.53 -5.96 -53.42
CA ASP C 31 10.48 -4.94 -53.94
C ASP C 31 10.61 -3.75 -52.99
N ALA C 32 9.86 -3.70 -51.88
CA ALA C 32 9.76 -2.53 -50.97
C ALA C 32 10.76 -2.67 -49.82
N THR C 33 10.58 -3.69 -48.97
CA THR C 33 11.27 -3.84 -47.66
C THR C 33 10.92 -2.60 -46.83
N LEU C 34 9.67 -2.51 -46.35
CA LEU C 34 8.98 -1.30 -45.82
C LEU C 34 9.95 -0.30 -45.18
N SER C 35 10.88 -0.81 -44.35
CA SER C 35 12.00 -0.05 -43.71
C SER C 35 12.71 0.87 -44.72
N GLN C 36 12.72 0.49 -46.01
CA GLN C 36 13.29 1.30 -47.12
C GLN C 36 12.34 2.45 -47.48
N ILE C 37 11.04 2.19 -47.63
CA ILE C 37 10.02 3.20 -48.05
C ILE C 37 9.84 4.23 -46.93
N THR C 38 9.81 3.79 -45.67
CA THR C 38 9.58 4.64 -44.47
C THR C 38 10.76 5.59 -44.18
N ASN C 39 11.85 5.53 -44.97
CA ASN C 39 13.10 6.31 -44.74
C ASN C 39 12.80 7.82 -44.63
N ASN C 40 11.78 8.32 -45.34
CA ASN C 40 11.43 9.76 -45.41
C ASN C 40 10.77 10.23 -44.10
N ILE C 41 9.83 9.45 -43.53
CA ILE C 41 8.98 9.91 -42.40
C ILE C 41 9.89 10.28 -41.21
N ASP C 42 9.63 11.45 -40.60
CA ASP C 42 10.31 11.92 -39.37
C ASP C 42 9.91 11.00 -38.22
N PRO C 43 10.79 10.78 -37.21
CA PRO C 43 10.43 9.96 -36.06
C PRO C 43 9.37 10.63 -35.17
N VAL C 44 8.83 9.88 -34.20
CA VAL C 44 7.77 10.34 -33.24
C VAL C 44 8.41 11.06 -32.05
N GLY C 45 9.71 11.42 -32.14
CA GLY C 45 10.48 12.02 -31.03
C GLY C 45 10.76 10.98 -29.95
N ARG C 46 10.42 11.30 -28.70
CA ARG C 46 10.41 10.36 -27.55
C ARG C 46 9.12 10.58 -26.75
N ILE C 47 8.33 9.52 -26.57
CA ILE C 47 7.06 9.52 -25.78
C ILE C 47 7.32 8.82 -24.45
N GLN C 48 7.07 9.52 -23.33
CA GLN C 48 7.10 8.96 -21.95
C GLN C 48 5.68 9.13 -21.38
N MET C 49 5.05 8.01 -20.99
CA MET C 49 3.68 7.98 -20.44
C MET C 49 3.75 7.78 -18.92
N ARG C 50 3.18 8.72 -18.16
CA ARG C 50 3.12 8.68 -16.68
C ARG C 50 1.89 7.86 -16.26
N THR C 51 2.06 6.89 -15.36
CA THR C 51 0.97 6.11 -14.71
C THR C 51 -0.04 7.10 -14.11
N ARG C 52 -1.26 7.10 -14.64
CA ARG C 52 -2.37 8.02 -14.22
C ARG C 52 -3.11 7.40 -13.03
N ARG C 53 -3.46 6.12 -13.13
CA ARG C 53 -4.20 5.36 -12.07
C ARG C 53 -3.60 3.96 -11.93
N THR C 54 -3.62 3.44 -10.69
CA THR C 54 -3.14 2.09 -10.31
C THR C 54 -4.34 1.32 -9.74
N LEU C 55 -5.12 0.66 -10.60
CA LEU C 55 -6.33 -0.12 -10.23
C LEU C 55 -5.89 -1.35 -9.42
N ARG C 56 -6.09 -1.34 -8.10
CA ARG C 56 -5.57 -2.38 -7.18
C ARG C 56 -6.72 -3.02 -6.39
N GLY C 57 -7.23 -4.15 -6.90
CA GLY C 57 -8.28 -4.97 -6.23
C GLY C 57 -7.83 -6.41 -6.02
N HIS C 58 -7.04 -6.95 -6.94
CA HIS C 58 -6.72 -8.41 -7.02
C HIS C 58 -5.72 -8.80 -5.92
N LEU C 59 -5.71 -10.09 -5.56
CA LEU C 59 -4.82 -10.69 -4.53
C LEU C 59 -4.02 -11.86 -5.14
N ALA C 60 -3.88 -11.90 -6.47
CA ALA C 60 -3.13 -12.92 -7.22
C ALA C 60 -2.82 -12.38 -8.62
N LYS C 61 -2.18 -13.20 -9.47
CA LYS C 61 -1.78 -12.83 -10.85
C LYS C 61 -3.06 -12.59 -11.68
N ILE C 62 -3.06 -11.52 -12.50
CA ILE C 62 -4.15 -11.19 -13.46
C ILE C 62 -3.65 -11.53 -14.87
N TYR C 63 -4.48 -12.16 -15.69
CA TYR C 63 -4.07 -12.84 -16.96
C TYR C 63 -4.65 -12.15 -18.21
N ALA C 64 -5.71 -11.35 -18.07
CA ALA C 64 -6.40 -10.71 -19.20
C ALA C 64 -7.01 -9.37 -18.79
N MET C 65 -7.33 -8.55 -19.79
CA MET C 65 -8.25 -7.41 -19.68
C MET C 65 -8.85 -7.14 -21.07
N HIS C 66 -9.94 -6.39 -21.13
CA HIS C 66 -10.61 -5.97 -22.40
C HIS C 66 -11.44 -4.70 -22.15
N TRP C 67 -11.00 -3.58 -22.73
CA TRP C 67 -11.73 -2.30 -22.70
C TRP C 67 -13.08 -2.48 -23.42
N GLY C 68 -14.18 -2.40 -22.66
CA GLY C 68 -15.53 -2.23 -23.22
C GLY C 68 -15.56 -1.04 -24.17
N THR C 69 -16.41 -1.09 -25.20
CA THR C 69 -16.47 -0.08 -26.29
C THR C 69 -16.85 1.31 -25.75
N ASP C 70 -17.33 1.38 -24.49
CA ASP C 70 -17.54 2.63 -23.72
C ASP C 70 -16.24 3.46 -23.66
N SER C 71 -15.07 2.82 -23.72
CA SER C 71 -13.72 3.43 -23.55
C SER C 71 -13.53 3.87 -22.10
N ARG C 72 -14.30 3.29 -21.16
CA ARG C 72 -14.30 3.65 -19.72
C ARG C 72 -14.18 2.37 -18.87
N LEU C 73 -15.15 1.45 -18.99
CA LEU C 73 -15.15 0.18 -18.20
C LEU C 73 -14.16 -0.79 -18.84
N LEU C 74 -13.21 -1.29 -18.04
CA LEU C 74 -12.36 -2.46 -18.37
C LEU C 74 -12.71 -3.59 -17.40
N VAL C 75 -12.77 -4.82 -17.90
CA VAL C 75 -12.92 -6.07 -17.10
C VAL C 75 -11.55 -6.73 -17.03
N SER C 76 -11.06 -7.03 -15.81
CA SER C 76 -9.75 -7.68 -15.57
C SER C 76 -9.97 -9.00 -14.82
N ALA C 77 -9.65 -10.13 -15.47
CA ALA C 77 -9.83 -11.49 -14.93
C ALA C 77 -8.51 -12.00 -14.34
N SER C 78 -8.57 -12.45 -13.08
CA SER C 78 -7.39 -12.84 -12.25
C SER C 78 -7.45 -14.33 -11.90
N GLN C 79 -6.40 -14.82 -11.23
CA GLN C 79 -6.28 -16.22 -10.75
C GLN C 79 -6.87 -16.37 -9.34
N ASP C 80 -7.37 -15.28 -8.73
CA ASP C 80 -8.03 -15.30 -7.40
C ASP C 80 -9.37 -16.04 -7.49
N GLY C 81 -9.86 -16.33 -8.70
CA GLY C 81 -11.19 -16.91 -8.90
C GLY C 81 -12.27 -15.84 -8.80
N LYS C 82 -11.91 -14.60 -9.18
CA LYS C 82 -12.81 -13.42 -9.19
C LYS C 82 -12.35 -12.46 -10.30
N LEU C 83 -13.16 -12.27 -11.35
CA LEU C 83 -12.96 -11.15 -12.32
C LEU C 83 -13.85 -9.99 -11.87
N ILE C 84 -13.27 -8.79 -11.84
CA ILE C 84 -13.94 -7.53 -11.36
C ILE C 84 -13.98 -6.57 -12.55
N ILE C 85 -15.10 -5.86 -12.70
CA ILE C 85 -15.31 -4.86 -13.78
C ILE C 85 -14.97 -3.49 -13.19
N TRP C 86 -13.83 -2.92 -13.57
CA TRP C 86 -13.32 -1.62 -13.06
C TRP C 86 -14.05 -0.48 -13.74
N ASP C 87 -13.85 0.74 -13.22
CA ASP C 87 -14.26 2.03 -13.81
C ASP C 87 -13.02 2.91 -13.90
N SER C 88 -12.41 2.98 -15.10
CA SER C 88 -11.03 3.50 -15.34
C SER C 88 -10.91 5.00 -15.02
N TYR C 89 -12.03 5.73 -14.93
CA TYR C 89 -12.06 7.19 -14.66
C TYR C 89 -11.89 7.47 -13.16
N THR C 90 -12.61 6.76 -12.29
CA THR C 90 -12.68 7.05 -10.84
C THR C 90 -12.10 5.90 -9.99
N THR C 91 -11.49 4.88 -10.62
CA THR C 91 -10.82 3.73 -9.95
C THR C 91 -11.85 2.82 -9.25
N ASN C 92 -13.14 3.19 -9.26
CA ASN C 92 -14.24 2.45 -8.56
C ASN C 92 -14.41 1.08 -9.21
N LYS C 93 -14.85 0.10 -8.42
CA LYS C 93 -15.29 -1.24 -8.90
C LYS C 93 -16.82 -1.25 -8.92
N VAL C 94 -17.42 -1.85 -9.95
CA VAL C 94 -18.90 -1.87 -10.17
C VAL C 94 -19.47 -3.29 -10.03
N HIS C 95 -18.66 -4.33 -10.29
CA HIS C 95 -19.02 -5.76 -10.05
C HIS C 95 -17.79 -6.53 -9.54
N ALA C 96 -18.03 -7.54 -8.70
CA ALA C 96 -17.04 -8.57 -8.29
C ALA C 96 -17.62 -9.95 -8.60
N ILE C 97 -17.55 -10.34 -9.88
CA ILE C 97 -18.21 -11.58 -10.43
C ILE C 97 -17.44 -12.79 -9.91
N PRO C 98 -17.98 -13.54 -8.91
CA PRO C 98 -17.30 -14.69 -8.35
C PRO C 98 -17.46 -15.91 -9.26
N LEU C 99 -16.42 -16.23 -10.05
CA LEU C 99 -16.52 -17.28 -11.11
C LEU C 99 -16.30 -18.64 -10.46
N ARG C 100 -16.96 -19.67 -11.00
CA ARG C 100 -17.02 -21.04 -10.41
C ARG C 100 -15.62 -21.68 -10.44
N SER C 101 -14.92 -21.57 -11.57
CA SER C 101 -13.55 -22.14 -11.78
C SER C 101 -12.50 -21.10 -11.37
N SER C 102 -11.64 -21.44 -10.41
CA SER C 102 -10.56 -20.57 -9.86
C SER C 102 -9.58 -20.17 -10.97
N TRP C 103 -9.27 -21.08 -11.88
CA TRP C 103 -8.28 -20.86 -12.98
C TRP C 103 -8.96 -20.08 -14.11
N VAL C 104 -8.31 -18.99 -14.53
CA VAL C 104 -8.78 -18.09 -15.63
C VAL C 104 -7.56 -17.71 -16.46
N MET C 105 -7.67 -17.84 -17.79
CA MET C 105 -6.58 -17.59 -18.77
C MET C 105 -6.98 -16.53 -19.81
N THR C 106 -8.22 -16.03 -19.76
CA THR C 106 -8.73 -15.00 -20.71
C THR C 106 -9.89 -14.22 -20.09
N CYS C 107 -10.32 -13.18 -20.81
CA CYS C 107 -11.48 -12.32 -20.47
C CYS C 107 -11.89 -11.50 -21.69
N ALA C 108 -13.20 -11.36 -21.91
CA ALA C 108 -13.81 -10.60 -23.03
C ALA C 108 -14.85 -9.62 -22.48
N TYR C 109 -15.33 -8.73 -23.34
CA TYR C 109 -16.38 -7.71 -23.04
C TYR C 109 -17.14 -7.42 -24.33
N ALA C 110 -18.41 -7.83 -24.39
CA ALA C 110 -19.29 -7.72 -25.58
C ALA C 110 -19.47 -6.25 -25.95
N PRO C 111 -19.32 -5.86 -27.24
CA PRO C 111 -19.30 -4.44 -27.62
C PRO C 111 -20.51 -3.60 -27.17
N SER C 112 -21.67 -4.23 -27.01
CA SER C 112 -22.91 -3.59 -26.49
C SER C 112 -22.72 -3.12 -25.04
N GLY C 113 -21.88 -3.82 -24.27
CA GLY C 113 -21.60 -3.54 -22.85
C GLY C 113 -22.48 -4.35 -21.91
N ASN C 114 -23.26 -5.30 -22.46
CA ASN C 114 -24.19 -6.16 -21.71
C ASN C 114 -23.44 -7.37 -21.14
N TYR C 115 -22.95 -8.25 -22.02
CA TYR C 115 -22.30 -9.53 -21.64
C TYR C 115 -20.82 -9.31 -21.29
N VAL C 116 -20.26 -10.25 -20.53
CA VAL C 116 -18.80 -10.37 -20.24
C VAL C 116 -18.48 -11.86 -20.14
N ALA C 117 -17.55 -12.36 -20.96
CA ALA C 117 -17.21 -13.78 -21.08
C ALA C 117 -15.88 -14.06 -20.39
N CYS C 118 -15.93 -14.79 -19.26
CA CYS C 118 -14.76 -15.44 -18.64
C CYS C 118 -14.38 -16.67 -19.48
N GLY C 119 -13.61 -17.59 -18.90
CA GLY C 119 -13.10 -18.81 -19.56
C GLY C 119 -11.67 -19.05 -19.15
N GLY C 120 -11.35 -20.26 -18.71
CA GLY C 120 -10.07 -20.57 -18.04
C GLY C 120 -9.48 -21.89 -18.51
N LEU C 121 -9.04 -22.70 -17.54
CA LEU C 121 -8.18 -23.90 -17.77
C LEU C 121 -9.05 -25.17 -17.88
N ASP C 122 -10.37 -25.06 -17.71
CA ASP C 122 -11.32 -26.22 -17.73
C ASP C 122 -12.32 -26.08 -18.89
N ASN C 123 -11.90 -25.52 -20.02
CA ASN C 123 -12.49 -25.74 -21.37
C ASN C 123 -13.86 -25.07 -21.56
N ILE C 124 -14.36 -24.33 -20.56
CA ILE C 124 -15.74 -23.76 -20.58
C ILE C 124 -15.64 -22.23 -20.55
N CYS C 125 -15.52 -21.60 -21.72
CA CYS C 125 -15.85 -20.16 -21.89
C CYS C 125 -17.29 -20.05 -21.37
N SER C 126 -17.41 -19.44 -20.18
CA SER C 126 -18.67 -19.31 -19.40
C SER C 126 -19.03 -17.82 -19.36
N ILE C 127 -20.02 -17.43 -20.17
CA ILE C 127 -20.43 -16.02 -20.35
C ILE C 127 -21.28 -15.60 -19.14
N TYR C 128 -21.24 -14.30 -18.80
CA TYR C 128 -22.03 -13.67 -17.71
C TYR C 128 -22.94 -12.58 -18.30
N ASN C 129 -23.86 -12.08 -17.48
CA ASN C 129 -24.89 -11.07 -17.84
C ASN C 129 -24.85 -9.94 -16.81
N LEU C 130 -24.65 -8.69 -17.23
CA LEU C 130 -24.44 -7.50 -16.35
C LEU C 130 -25.72 -6.67 -16.27
N LYS C 131 -26.20 -6.17 -17.41
CA LYS C 131 -27.47 -5.40 -17.51
C LYS C 131 -28.62 -6.42 -17.41
N THR C 132 -28.98 -6.74 -16.18
CA THR C 132 -30.07 -7.68 -15.81
C THR C 132 -30.98 -6.99 -14.78
N ARG C 133 -32.12 -7.60 -14.50
CA ARG C 133 -32.94 -7.31 -13.29
C ARG C 133 -32.25 -7.99 -12.10
N GLU C 134 -32.73 -7.71 -10.89
CA GLU C 134 -32.38 -8.45 -9.64
C GLU C 134 -31.01 -8.02 -9.08
N GLY C 135 -30.28 -7.10 -9.74
CA GLY C 135 -28.98 -6.60 -9.28
C GLY C 135 -27.82 -7.51 -9.67
N ASN C 136 -27.69 -8.66 -8.98
CA ASN C 136 -26.53 -9.58 -9.09
C ASN C 136 -26.40 -10.13 -10.52
N VAL C 137 -25.21 -10.64 -10.85
CA VAL C 137 -24.85 -11.18 -12.20
C VAL C 137 -24.96 -12.71 -12.16
N ARG C 138 -25.57 -13.30 -13.19
CA ARG C 138 -25.79 -14.77 -13.33
C ARG C 138 -24.88 -15.32 -14.45
N VAL C 139 -24.84 -16.66 -14.56
CA VAL C 139 -24.16 -17.39 -15.68
C VAL C 139 -25.24 -17.70 -16.73
N SER C 140 -25.26 -16.95 -17.83
CA SER C 140 -26.22 -17.12 -18.95
C SER C 140 -25.99 -18.48 -19.62
N ARG C 141 -24.73 -18.81 -19.93
CA ARG C 141 -24.33 -20.07 -20.62
C ARG C 141 -22.96 -20.56 -20.12
N GLU C 142 -22.68 -21.85 -20.35
CA GLU C 142 -21.37 -22.51 -20.12
C GLU C 142 -21.00 -23.29 -21.38
N LEU C 143 -20.23 -22.67 -22.28
CA LEU C 143 -20.00 -23.21 -23.65
C LEU C 143 -18.94 -24.32 -23.58
N ALA C 144 -19.36 -25.55 -23.30
CA ALA C 144 -18.51 -26.77 -23.22
C ALA C 144 -18.48 -27.45 -24.59
N GLY C 145 -17.39 -28.18 -24.86
CA GLY C 145 -17.13 -28.85 -26.16
C GLY C 145 -15.64 -29.05 -26.43
N HIS C 146 -14.80 -28.09 -26.02
CA HIS C 146 -13.32 -28.13 -26.16
C HIS C 146 -12.73 -29.23 -25.28
N THR C 147 -11.56 -29.76 -25.67
CA THR C 147 -10.82 -30.85 -24.97
C THR C 147 -9.40 -30.41 -24.59
N GLY C 148 -9.07 -29.11 -24.70
CA GLY C 148 -7.79 -28.53 -24.27
C GLY C 148 -7.97 -27.57 -23.11
N TYR C 149 -7.73 -26.28 -23.34
CA TYR C 149 -8.04 -25.15 -22.41
C TYR C 149 -8.28 -23.87 -23.23
N LEU C 150 -9.29 -23.08 -22.84
CA LEU C 150 -9.56 -21.73 -23.41
C LEU C 150 -8.33 -20.84 -23.21
N SER C 151 -7.90 -20.13 -24.25
CA SER C 151 -6.69 -19.25 -24.27
C SER C 151 -7.09 -17.78 -24.45
N CYS C 152 -8.03 -17.52 -25.37
CA CYS C 152 -8.74 -16.22 -25.51
C CYS C 152 -10.22 -16.51 -25.80
N CYS C 153 -11.13 -15.61 -25.39
CA CYS C 153 -12.52 -15.49 -25.90
C CYS C 153 -12.69 -14.07 -26.44
N ARG C 154 -13.40 -13.88 -27.55
CA ARG C 154 -13.72 -12.54 -28.11
C ARG C 154 -15.17 -12.52 -28.62
N PHE C 155 -15.84 -11.38 -28.47
CA PHE C 155 -17.27 -11.17 -28.84
C PHE C 155 -17.36 -10.57 -30.25
N LEU C 156 -18.19 -11.18 -31.10
CA LEU C 156 -18.61 -10.60 -32.40
C LEU C 156 -19.80 -9.66 -32.15
N ASP C 157 -20.92 -10.24 -31.69
CA ASP C 157 -22.13 -9.53 -31.19
C ASP C 157 -22.56 -10.22 -29.90
N ASP C 158 -23.64 -9.75 -29.27
CA ASP C 158 -24.19 -10.28 -27.99
C ASP C 158 -24.60 -11.76 -28.12
N ASN C 159 -24.60 -12.32 -29.34
CA ASN C 159 -25.04 -13.70 -29.66
C ASN C 159 -23.86 -14.62 -30.01
N GLN C 160 -22.83 -14.10 -30.69
CA GLN C 160 -21.73 -14.92 -31.27
C GLN C 160 -20.40 -14.59 -30.57
N ILE C 161 -19.74 -15.63 -30.05
CA ILE C 161 -18.42 -15.57 -29.35
C ILE C 161 -17.51 -16.61 -30.00
N VAL C 162 -16.39 -16.17 -30.58
CA VAL C 162 -15.28 -17.05 -31.06
C VAL C 162 -14.44 -17.43 -29.83
N THR C 163 -13.82 -18.61 -29.87
CA THR C 163 -12.89 -19.11 -28.83
C THR C 163 -11.63 -19.67 -29.48
N SER C 164 -10.55 -19.72 -28.70
CA SER C 164 -9.18 -20.14 -29.07
C SER C 164 -8.70 -21.14 -28.01
N SER C 165 -9.00 -22.42 -28.23
CA SER C 165 -8.77 -23.52 -27.25
C SER C 165 -7.35 -24.08 -27.38
N GLY C 166 -7.02 -25.07 -26.56
CA GLY C 166 -5.75 -25.83 -26.58
C GLY C 166 -5.88 -27.16 -27.29
N ASP C 167 -7.00 -27.38 -28.02
CA ASP C 167 -7.24 -28.56 -28.88
C ASP C 167 -6.81 -28.27 -30.32
N THR C 168 -6.07 -27.17 -30.55
CA THR C 168 -5.56 -26.72 -31.88
C THR C 168 -6.74 -26.25 -32.76
N THR C 169 -7.89 -25.93 -32.17
CA THR C 169 -9.17 -25.64 -32.88
C THR C 169 -9.81 -24.37 -32.30
N CYS C 170 -9.79 -23.29 -33.08
CA CYS C 170 -10.66 -22.10 -32.87
C CYS C 170 -12.08 -22.44 -33.32
N ALA C 171 -13.07 -22.21 -32.45
CA ALA C 171 -14.50 -22.50 -32.71
C ALA C 171 -15.33 -21.22 -32.50
N LEU C 172 -16.26 -20.95 -33.42
CA LEU C 172 -17.31 -19.92 -33.29
C LEU C 172 -18.53 -20.56 -32.63
N TRP C 173 -18.99 -20.00 -31.51
CA TRP C 173 -20.15 -20.50 -30.72
C TRP C 173 -21.41 -19.68 -31.04
N ASP C 174 -22.56 -20.21 -30.60
CA ASP C 174 -23.89 -19.53 -30.62
C ASP C 174 -24.41 -19.51 -29.18
N ILE C 175 -24.34 -18.35 -28.52
CA ILE C 175 -24.75 -18.16 -27.09
C ILE C 175 -26.18 -18.67 -26.89
N GLU C 176 -27.08 -18.37 -27.83
CA GLU C 176 -28.55 -18.63 -27.72
C GLU C 176 -28.83 -20.08 -27.30
N THR C 177 -28.13 -21.05 -27.92
CA THR C 177 -28.34 -22.51 -27.74
C THR C 177 -27.17 -23.15 -26.99
N GLY C 178 -25.93 -22.75 -27.32
CA GLY C 178 -24.69 -23.20 -26.66
C GLY C 178 -24.09 -24.42 -27.34
N GLN C 179 -23.89 -24.34 -28.65
CA GLN C 179 -23.26 -25.40 -29.50
C GLN C 179 -22.31 -24.74 -30.52
N GLN C 180 -21.22 -25.43 -30.86
CA GLN C 180 -20.24 -24.98 -31.89
C GLN C 180 -20.91 -24.99 -33.26
N THR C 181 -21.21 -23.81 -33.82
CA THR C 181 -21.85 -23.67 -35.16
C THR C 181 -20.82 -24.01 -36.24
N THR C 182 -19.55 -23.64 -36.02
CA THR C 182 -18.40 -23.92 -36.93
C THR C 182 -17.16 -24.22 -36.09
N THR C 183 -16.26 -25.08 -36.60
CA THR C 183 -14.99 -25.49 -35.97
C THR C 183 -13.85 -25.32 -36.99
N PHE C 184 -12.97 -24.34 -36.77
CA PHE C 184 -11.81 -24.02 -37.66
C PHE C 184 -10.62 -24.87 -37.20
N THR C 185 -10.23 -25.85 -38.02
CA THR C 185 -9.21 -26.90 -37.69
C THR C 185 -8.13 -26.93 -38.78
N GLY C 186 -7.08 -26.12 -38.61
CA GLY C 186 -5.91 -26.05 -39.51
C GLY C 186 -4.58 -26.17 -38.78
N HIS C 187 -4.50 -25.74 -37.52
CA HIS C 187 -3.24 -25.59 -36.74
C HIS C 187 -2.69 -26.97 -36.32
N THR C 188 -1.45 -26.98 -35.83
CA THR C 188 -0.68 -28.19 -35.42
C THR C 188 -0.63 -28.27 -33.89
N GLY C 189 -0.15 -27.20 -33.23
CA GLY C 189 -0.03 -27.09 -31.77
C GLY C 189 -1.14 -26.24 -31.17
N ASP C 190 -0.97 -25.82 -29.90
CA ASP C 190 -1.93 -24.96 -29.14
C ASP C 190 -2.24 -23.68 -29.93
N VAL C 191 -3.39 -23.06 -29.64
CA VAL C 191 -3.75 -21.69 -30.12
C VAL C 191 -3.70 -20.76 -28.91
N MET C 192 -2.67 -19.91 -28.85
CA MET C 192 -2.30 -19.11 -27.64
C MET C 192 -2.98 -17.73 -27.66
N SER C 193 -3.39 -17.23 -28.83
CA SER C 193 -4.02 -15.89 -28.97
C SER C 193 -4.90 -15.82 -30.23
N LEU C 194 -5.86 -14.89 -30.21
CA LEU C 194 -6.89 -14.66 -31.25
C LEU C 194 -7.28 -13.18 -31.22
N SER C 195 -7.63 -12.61 -32.38
CA SER C 195 -8.03 -11.19 -32.53
C SER C 195 -9.01 -11.01 -33.69
N LEU C 196 -10.12 -10.32 -33.44
CA LEU C 196 -11.17 -10.01 -34.45
C LEU C 196 -10.73 -8.84 -35.34
N ALA C 197 -11.46 -8.62 -36.43
CA ALA C 197 -11.32 -7.46 -37.34
C ALA C 197 -12.22 -6.34 -36.87
N PRO C 198 -11.84 -5.05 -37.09
CA PRO C 198 -12.75 -3.92 -36.89
C PRO C 198 -14.11 -4.03 -37.60
N ASP C 199 -14.18 -4.79 -38.71
CA ASP C 199 -15.44 -5.08 -39.45
C ASP C 199 -16.03 -6.44 -39.01
N THR C 200 -15.32 -7.21 -38.18
CA THR C 200 -15.77 -8.49 -37.56
C THR C 200 -16.09 -9.53 -38.64
N ARG C 201 -15.43 -9.44 -39.82
CA ARG C 201 -15.73 -10.26 -41.03
C ARG C 201 -14.70 -11.38 -41.20
N LEU C 202 -13.54 -11.28 -40.56
CA LEU C 202 -12.46 -12.29 -40.63
C LEU C 202 -11.47 -12.04 -39.48
N PHE C 203 -11.17 -13.09 -38.71
CA PHE C 203 -10.24 -13.03 -37.54
C PHE C 203 -9.00 -13.86 -37.87
N VAL C 204 -7.92 -13.59 -37.13
CA VAL C 204 -6.62 -14.31 -37.20
C VAL C 204 -6.37 -14.96 -35.84
N SER C 205 -5.83 -16.19 -35.84
CA SER C 205 -5.47 -16.95 -34.62
C SER C 205 -3.97 -17.25 -34.65
N GLY C 206 -3.23 -16.75 -33.64
CA GLY C 206 -1.80 -17.02 -33.46
C GLY C 206 -1.59 -18.34 -32.74
N ALA C 207 -1.15 -19.38 -33.46
CA ALA C 207 -0.96 -20.75 -32.93
C ALA C 207 0.24 -20.78 -31.98
N CYS C 208 0.64 -21.98 -31.52
CA CYS C 208 1.80 -22.21 -30.60
C CYS C 208 2.95 -22.91 -31.33
N ASP C 209 2.86 -23.07 -32.66
CA ASP C 209 3.90 -23.72 -33.50
C ASP C 209 4.38 -22.73 -34.58
N ALA C 210 4.41 -21.43 -34.25
CA ALA C 210 4.99 -20.34 -35.08
C ALA C 210 4.30 -20.31 -36.46
N SER C 211 2.97 -20.32 -36.47
CA SER C 211 2.11 -20.08 -37.66
C SER C 211 0.91 -19.24 -37.23
N ALA C 212 0.77 -18.05 -37.80
CA ALA C 212 -0.39 -17.15 -37.60
C ALA C 212 -1.27 -17.25 -38.85
N LYS C 213 -2.44 -17.89 -38.73
CA LYS C 213 -3.37 -18.14 -39.86
C LYS C 213 -4.51 -17.11 -39.82
N LEU C 214 -4.92 -16.64 -41.00
CA LEU C 214 -6.12 -15.80 -41.20
C LEU C 214 -7.29 -16.70 -41.59
N TRP C 215 -8.28 -16.84 -40.70
CA TRP C 215 -9.54 -17.56 -40.94
C TRP C 215 -10.54 -16.64 -41.64
N ASP C 216 -11.68 -17.19 -42.06
CA ASP C 216 -12.89 -16.44 -42.47
C ASP C 216 -14.01 -16.81 -41.49
N VAL C 217 -14.60 -15.80 -40.83
CA VAL C 217 -15.56 -15.98 -39.70
C VAL C 217 -16.84 -16.67 -40.20
N ARG C 218 -17.22 -16.48 -41.47
CA ARG C 218 -18.45 -17.02 -42.09
C ARG C 218 -18.27 -18.50 -42.43
N GLU C 219 -17.44 -18.82 -43.44
CA GLU C 219 -17.33 -20.18 -44.03
C GLU C 219 -16.51 -21.09 -43.09
N GLY C 220 -15.25 -20.73 -42.86
CA GLY C 220 -14.27 -21.52 -42.09
C GLY C 220 -13.19 -22.14 -42.98
N MET C 221 -12.76 -21.39 -44.00
CA MET C 221 -11.62 -21.75 -44.90
C MET C 221 -10.46 -20.78 -44.61
N CYS C 222 -9.35 -21.28 -44.06
CA CYS C 222 -8.13 -20.49 -43.77
C CYS C 222 -7.57 -19.93 -45.09
N ARG C 223 -7.95 -18.69 -45.42
CA ARG C 223 -7.68 -18.04 -46.73
C ARG C 223 -6.17 -17.89 -46.95
N GLN C 224 -5.42 -17.57 -45.88
CA GLN C 224 -3.94 -17.41 -45.91
C GLN C 224 -3.33 -18.12 -44.69
N THR C 225 -2.01 -18.32 -44.72
CA THR C 225 -1.19 -18.92 -43.64
C THR C 225 0.19 -18.25 -43.63
N PHE C 226 0.51 -17.50 -42.58
CA PHE C 226 1.79 -16.75 -42.43
C PHE C 226 2.74 -17.53 -41.51
N THR C 227 4.02 -17.55 -41.88
CA THR C 227 5.15 -18.15 -41.13
C THR C 227 6.32 -17.17 -41.13
N GLY C 228 7.26 -17.32 -40.20
CA GLY C 228 8.45 -16.47 -40.05
C GLY C 228 9.11 -16.64 -38.70
N HIS C 229 8.29 -16.75 -37.64
CA HIS C 229 8.73 -16.99 -36.24
C HIS C 229 9.39 -18.37 -36.11
N GLU C 230 10.25 -18.52 -35.10
CA GLU C 230 10.99 -19.78 -34.77
C GLU C 230 10.37 -20.47 -33.54
N SER C 231 9.69 -19.71 -32.66
CA SER C 231 9.12 -20.21 -31.37
C SER C 231 7.64 -19.83 -31.26
N ASP C 232 7.00 -20.15 -30.12
CA ASP C 232 5.57 -19.88 -29.82
C ASP C 232 5.26 -18.39 -30.03
N ILE C 233 4.04 -18.08 -30.49
CA ILE C 233 3.49 -16.69 -30.60
C ILE C 233 2.32 -16.57 -29.61
N ASN C 234 2.36 -15.56 -28.74
CA ASN C 234 1.51 -15.43 -27.52
C ASN C 234 0.58 -14.21 -27.60
N ALA C 235 0.53 -13.49 -28.73
CA ALA C 235 -0.30 -12.28 -28.89
C ALA C 235 -0.50 -11.94 -30.36
N ILE C 236 -1.73 -11.57 -30.73
CA ILE C 236 -2.11 -11.02 -32.06
C ILE C 236 -3.00 -9.80 -31.84
N CYS C 237 -2.95 -8.83 -32.76
CA CYS C 237 -3.87 -7.66 -32.82
C CYS C 237 -3.85 -7.08 -34.24
N PHE C 238 -5.03 -6.79 -34.79
CA PHE C 238 -5.18 -6.18 -36.14
C PHE C 238 -4.72 -4.72 -36.09
N PHE C 239 -3.99 -4.31 -37.13
CA PHE C 239 -3.86 -2.90 -37.57
C PHE C 239 -5.28 -2.36 -37.71
N PRO C 240 -5.66 -1.24 -37.05
CA PRO C 240 -7.04 -0.74 -37.09
C PRO C 240 -7.65 -0.54 -38.49
N ASN C 241 -6.82 -0.45 -39.54
CA ASN C 241 -7.22 -0.45 -40.97
C ASN C 241 -7.89 -1.79 -41.32
N GLY C 242 -7.25 -2.91 -40.93
CA GLY C 242 -7.70 -4.29 -41.20
C GLY C 242 -7.04 -4.88 -42.43
N ASN C 243 -5.79 -4.48 -42.72
CA ASN C 243 -4.93 -5.05 -43.81
C ASN C 243 -3.52 -5.32 -43.28
N ALA C 244 -3.38 -5.51 -41.96
CA ALA C 244 -2.10 -5.80 -41.28
C ALA C 244 -2.39 -6.19 -39.84
N PHE C 245 -1.50 -6.98 -39.24
CA PHE C 245 -1.63 -7.47 -37.84
C PHE C 245 -0.25 -7.83 -37.30
N ALA C 246 0.04 -7.38 -36.08
CA ALA C 246 1.25 -7.71 -35.32
C ALA C 246 1.14 -9.16 -34.86
N THR C 247 2.29 -9.76 -34.56
CA THR C 247 2.43 -11.05 -33.84
C THR C 247 3.43 -10.81 -32.72
N GLY C 248 3.11 -11.19 -31.48
CA GLY C 248 4.06 -11.22 -30.35
C GLY C 248 4.53 -12.64 -30.16
N SER C 249 5.84 -12.88 -30.11
CA SER C 249 6.45 -14.24 -30.08
C SER C 249 7.31 -14.43 -28.83
N ASP C 250 7.86 -15.63 -28.65
CA ASP C 250 8.87 -15.94 -27.59
C ASP C 250 10.28 -15.71 -28.14
N ASP C 251 10.41 -15.39 -29.43
CA ASP C 251 11.69 -14.99 -30.08
C ASP C 251 12.06 -13.54 -29.71
N ALA C 252 11.13 -12.78 -29.10
CA ALA C 252 11.26 -11.35 -28.71
C ALA C 252 11.05 -10.44 -29.93
N THR C 253 10.62 -11.01 -31.06
CA THR C 253 10.52 -10.32 -32.37
C THR C 253 9.02 -10.11 -32.67
N CYS C 254 8.44 -8.99 -32.26
CA CYS C 254 7.09 -8.56 -32.68
C CYS C 254 7.16 -8.20 -34.19
N ARG C 255 6.65 -9.07 -35.05
CA ARG C 255 6.70 -8.91 -36.54
C ARG C 255 5.34 -8.43 -37.04
N LEU C 256 5.37 -7.33 -37.82
CA LEU C 256 4.19 -6.75 -38.52
C LEU C 256 4.04 -7.47 -39.88
N PHE C 257 3.09 -8.40 -39.97
CA PHE C 257 2.67 -9.10 -41.21
C PHE C 257 1.70 -8.23 -42.01
N ASP C 258 1.31 -8.68 -43.20
CA ASP C 258 0.31 -8.03 -44.09
C ASP C 258 -0.68 -9.09 -44.60
N LEU C 259 -1.92 -8.67 -44.87
CA LEU C 259 -3.03 -9.56 -45.29
C LEU C 259 -3.07 -9.72 -46.82
N ARG C 260 -2.69 -8.68 -47.57
CA ARG C 260 -2.76 -8.65 -49.06
C ARG C 260 -1.39 -9.01 -49.67
N ALA C 261 -0.29 -8.54 -49.08
CA ALA C 261 1.10 -8.84 -49.52
C ALA C 261 1.44 -10.30 -49.23
N ASP C 262 0.80 -10.91 -48.23
CA ASP C 262 0.84 -12.36 -47.90
C ASP C 262 2.13 -12.73 -47.15
N GLN C 263 3.01 -11.77 -46.84
CA GLN C 263 4.35 -12.02 -46.24
C GLN C 263 4.62 -11.03 -45.10
N GLU C 264 5.69 -11.29 -44.34
CA GLU C 264 6.26 -10.37 -43.31
C GLU C 264 6.70 -9.07 -44.01
N LEU C 265 6.49 -7.92 -43.36
CA LEU C 265 6.85 -6.57 -43.89
C LEU C 265 8.08 -6.03 -43.16
N MET C 266 8.08 -6.05 -41.82
CA MET C 266 9.27 -5.69 -41.01
C MET C 266 9.23 -6.43 -39.66
N THR C 267 10.34 -6.33 -38.91
CA THR C 267 10.59 -7.03 -37.63
C THR C 267 11.00 -6.01 -36.57
N TYR C 268 10.39 -6.06 -35.39
CA TYR C 268 10.71 -5.22 -34.20
C TYR C 268 11.49 -6.07 -33.19
N SER C 269 12.82 -5.96 -33.21
CA SER C 269 13.74 -6.76 -32.36
C SER C 269 14.95 -5.91 -31.95
N HIS C 270 15.26 -5.88 -30.65
CA HIS C 270 16.48 -5.24 -30.07
C HIS C 270 17.38 -6.35 -29.51
N ASP C 271 18.66 -6.36 -29.91
CA ASP C 271 19.63 -7.45 -29.63
C ASP C 271 19.96 -7.52 -28.13
N ASN C 272 19.58 -6.51 -27.33
CA ASN C 272 19.71 -6.52 -25.84
C ASN C 272 18.45 -7.13 -25.18
N ILE C 273 17.43 -7.50 -25.97
CA ILE C 273 16.20 -8.20 -25.48
C ILE C 273 16.39 -9.72 -25.63
N ILE C 274 15.98 -10.49 -24.63
CA ILE C 274 16.02 -11.98 -24.61
C ILE C 274 14.63 -12.56 -24.30
N CYS C 275 13.85 -11.93 -23.41
CA CYS C 275 12.54 -12.42 -22.90
C CYS C 275 11.48 -12.39 -24.02
N GLY C 276 10.41 -13.18 -23.84
CA GLY C 276 9.31 -13.34 -24.83
C GLY C 276 8.26 -12.26 -24.71
N ILE C 277 7.41 -12.13 -25.74
CA ILE C 277 6.25 -11.19 -25.79
C ILE C 277 5.05 -11.90 -25.15
N THR C 278 4.17 -11.15 -24.48
CA THR C 278 2.91 -11.66 -23.88
C THR C 278 1.67 -10.97 -24.46
N SER C 279 1.80 -9.75 -24.98
CA SER C 279 0.68 -8.91 -25.50
C SER C 279 1.19 -7.93 -26.56
N VAL C 280 0.36 -7.63 -27.56
CA VAL C 280 0.58 -6.54 -28.56
C VAL C 280 -0.79 -5.91 -28.87
N SER C 281 -0.82 -4.58 -29.04
CA SER C 281 -2.04 -3.79 -29.37
C SER C 281 -1.62 -2.45 -29.98
N PHE C 282 -1.99 -2.20 -31.24
CA PHE C 282 -1.75 -0.91 -31.94
C PHE C 282 -2.52 0.21 -31.24
N SER C 283 -1.98 1.43 -31.30
CA SER C 283 -2.70 2.69 -30.96
C SER C 283 -3.79 2.93 -32.01
N LYS C 284 -4.75 3.82 -31.72
CA LYS C 284 -5.92 4.11 -32.59
C LYS C 284 -5.45 4.53 -33.99
N SER C 285 -4.43 5.40 -34.08
CA SER C 285 -3.84 5.90 -35.35
C SER C 285 -3.18 4.75 -36.12
N GLY C 286 -2.73 3.71 -35.41
CA GLY C 286 -1.97 2.58 -35.98
C GLY C 286 -0.50 2.91 -36.16
N ARG C 287 -0.04 4.05 -35.63
CA ARG C 287 1.35 4.54 -35.85
C ARG C 287 2.32 3.74 -34.98
N LEU C 288 2.07 3.72 -33.68
CA LEU C 288 2.98 3.15 -32.65
C LEU C 288 2.35 1.85 -32.13
N LEU C 289 3.13 0.77 -32.14
CA LEU C 289 2.74 -0.58 -31.70
C LEU C 289 3.28 -0.81 -30.29
N LEU C 290 2.38 -1.07 -29.33
CA LEU C 290 2.75 -1.48 -27.95
C LEU C 290 3.05 -2.98 -27.94
N ALA C 291 3.76 -3.43 -26.90
CA ALA C 291 4.15 -4.84 -26.70
C ALA C 291 4.52 -5.07 -25.24
N GLY C 292 3.90 -6.06 -24.58
CA GLY C 292 4.12 -6.41 -23.16
C GLY C 292 5.14 -7.51 -23.01
N TYR C 293 6.31 -7.18 -22.42
CA TYR C 293 7.50 -8.06 -22.32
C TYR C 293 7.55 -8.73 -20.94
N ASP C 294 8.48 -9.68 -20.75
CA ASP C 294 8.72 -10.42 -19.48
C ASP C 294 9.91 -9.82 -18.72
N ASP C 295 10.50 -8.71 -19.21
CA ASP C 295 11.53 -7.92 -18.49
C ASP C 295 10.85 -6.91 -17.54
N PHE C 296 9.55 -7.06 -17.28
CA PHE C 296 8.71 -6.27 -16.33
C PHE C 296 8.46 -4.85 -16.87
N ASN C 297 8.62 -4.64 -18.17
CA ASN C 297 8.33 -3.36 -18.87
C ASN C 297 7.62 -3.69 -20.18
N CYS C 298 6.84 -2.75 -20.72
CA CYS C 298 6.18 -2.86 -22.04
C CYS C 298 6.70 -1.75 -22.96
N ASN C 299 7.69 -2.08 -23.80
CA ASN C 299 8.31 -1.16 -24.78
C ASN C 299 7.26 -0.68 -25.78
N VAL C 300 7.46 0.50 -26.35
CA VAL C 300 6.52 1.13 -27.34
C VAL C 300 7.29 1.28 -28.67
N TRP C 301 7.12 0.31 -29.56
CA TRP C 301 7.79 0.24 -30.88
C TRP C 301 7.06 1.14 -31.87
N ASP C 302 7.76 2.11 -32.46
CA ASP C 302 7.29 2.85 -33.65
C ASP C 302 7.04 1.81 -34.76
N ALA C 303 5.78 1.62 -35.17
CA ALA C 303 5.36 0.52 -36.08
C ALA C 303 5.57 0.90 -37.55
N LEU C 304 6.41 1.91 -37.84
CA LEU C 304 6.81 2.28 -39.22
C LEU C 304 8.32 2.12 -39.43
N LYS C 305 9.16 2.34 -38.40
CA LYS C 305 10.65 2.42 -38.54
C LYS C 305 11.41 1.42 -37.64
N ALA C 306 10.72 0.54 -36.91
CA ALA C 306 11.28 -0.51 -36.03
C ALA C 306 12.07 0.06 -34.85
N ASP C 307 12.24 1.38 -34.73
CA ASP C 307 13.03 2.03 -33.64
C ASP C 307 12.13 2.16 -32.42
N ARG C 308 12.61 1.72 -31.25
CA ARG C 308 11.95 1.92 -29.93
C ARG C 308 11.80 3.44 -29.70
N ALA C 309 10.62 3.85 -29.19
CA ALA C 309 10.26 5.27 -28.96
C ALA C 309 10.02 5.56 -27.47
N GLY C 310 10.07 4.55 -26.59
CA GLY C 310 9.83 4.75 -25.14
C GLY C 310 9.85 3.45 -24.35
N VAL C 311 9.72 3.56 -23.01
CA VAL C 311 9.66 2.42 -22.05
C VAL C 311 8.63 2.76 -20.97
N LEU C 312 7.68 1.85 -20.73
CA LEU C 312 6.64 1.94 -19.68
C LEU C 312 6.98 0.92 -18.59
N ALA C 313 7.88 1.29 -17.67
CA ALA C 313 8.41 0.45 -16.58
C ALA C 313 7.85 0.93 -15.24
N GLY C 314 6.77 0.30 -14.77
CA GLY C 314 6.19 0.51 -13.43
C GLY C 314 5.79 -0.79 -12.74
N HIS C 315 6.15 -1.95 -13.30
CA HIS C 315 5.68 -3.29 -12.86
C HIS C 315 6.80 -4.06 -12.17
N ASP C 316 6.44 -4.86 -11.15
CA ASP C 316 7.36 -5.68 -10.33
C ASP C 316 7.63 -7.01 -11.05
N ASN C 317 6.57 -7.73 -11.41
CA ASN C 317 6.59 -9.01 -12.17
C ASN C 317 6.17 -8.73 -13.62
N ARG C 318 6.26 -9.74 -14.49
CA ARG C 318 5.92 -9.68 -15.94
C ARG C 318 4.49 -9.17 -16.16
N VAL C 319 4.27 -8.50 -17.30
CA VAL C 319 2.94 -8.04 -17.80
C VAL C 319 2.34 -9.16 -18.66
N SER C 320 1.05 -9.44 -18.49
CA SER C 320 0.32 -10.57 -19.10
C SER C 320 -0.63 -10.07 -20.20
N CYS C 321 -1.38 -9.00 -19.92
CA CYS C 321 -2.38 -8.41 -20.85
C CYS C 321 -2.09 -6.92 -21.04
N LEU C 322 -2.40 -6.44 -22.25
CA LEU C 322 -2.27 -5.02 -22.67
C LEU C 322 -3.43 -4.69 -23.60
N GLY C 323 -4.38 -3.87 -23.12
CA GLY C 323 -5.57 -3.42 -23.87
C GLY C 323 -5.46 -1.95 -24.20
N VAL C 324 -5.67 -1.58 -25.46
CA VAL C 324 -5.70 -0.17 -25.95
C VAL C 324 -7.17 0.20 -26.19
N THR C 325 -7.64 1.28 -25.57
CA THR C 325 -9.03 1.78 -25.67
C THR C 325 -9.38 2.11 -27.14
N ASP C 326 -10.68 2.25 -27.43
CA ASP C 326 -11.23 2.37 -28.81
C ASP C 326 -11.25 3.83 -29.29
N ASP C 327 -10.65 4.77 -28.54
CA ASP C 327 -10.42 6.17 -28.97
C ASP C 327 -8.98 6.63 -28.67
N GLY C 328 -8.06 5.69 -28.38
CA GLY C 328 -6.63 5.94 -28.14
C GLY C 328 -6.34 6.87 -26.96
N MET C 329 -7.31 7.09 -26.07
CA MET C 329 -7.18 8.00 -24.90
C MET C 329 -6.11 7.47 -23.92
N ALA C 330 -6.03 6.15 -23.73
CA ALA C 330 -5.21 5.49 -22.69
C ALA C 330 -5.06 4.00 -22.99
N VAL C 331 -3.83 3.49 -22.82
CA VAL C 331 -3.49 2.03 -22.81
C VAL C 331 -3.51 1.58 -21.34
N ALA C 332 -3.68 0.28 -21.10
CA ALA C 332 -3.63 -0.33 -19.75
C ALA C 332 -2.90 -1.67 -19.82
N THR C 333 -1.99 -1.91 -18.88
CA THR C 333 -1.11 -3.10 -18.78
C THR C 333 -1.51 -3.91 -17.55
N GLY C 334 -1.78 -5.20 -17.71
CA GLY C 334 -2.09 -6.13 -16.60
C GLY C 334 -0.90 -6.97 -16.21
N SER C 335 -0.23 -6.62 -15.11
CA SER C 335 0.97 -7.32 -14.57
C SER C 335 0.58 -8.64 -13.90
N TRP C 336 1.51 -9.27 -13.19
CA TRP C 336 1.26 -10.38 -12.24
C TRP C 336 1.36 -9.88 -10.80
N ASP C 337 1.48 -8.56 -10.60
CA ASP C 337 1.58 -7.90 -9.26
C ASP C 337 0.19 -7.87 -8.59
N SER C 338 -0.87 -8.00 -9.38
CA SER C 338 -2.30 -7.84 -8.99
C SER C 338 -2.71 -6.36 -9.07
N PHE C 339 -1.81 -5.50 -9.55
CA PHE C 339 -2.07 -4.09 -9.94
C PHE C 339 -1.98 -4.00 -11.46
N LEU C 340 -2.99 -3.42 -12.11
CA LEU C 340 -2.91 -3.03 -13.54
C LEU C 340 -2.95 -1.50 -13.64
N LYS C 341 -1.87 -0.92 -14.14
CA LYS C 341 -1.70 0.54 -14.35
C LYS C 341 -2.57 0.97 -15.54
N ILE C 342 -2.79 2.27 -15.68
CA ILE C 342 -3.40 2.88 -16.91
C ILE C 342 -2.51 4.04 -17.35
N TRP C 343 -1.65 3.80 -18.35
CA TRP C 343 -0.73 4.80 -18.94
C TRP C 343 -1.53 5.72 -19.86
N ASN C 344 -0.95 6.87 -20.23
CA ASN C 344 -1.61 7.91 -21.06
C ASN C 344 -0.55 8.80 -21.72
N ILE D 9 -3.37 -40.83 -44.13
CA ILE D 9 -2.90 -39.99 -45.29
C ILE D 9 -3.93 -38.89 -45.62
N ALA D 10 -5.22 -39.12 -45.32
CA ALA D 10 -6.35 -38.19 -45.53
C ALA D 10 -6.04 -36.79 -44.97
N GLN D 11 -5.28 -36.71 -43.87
CA GLN D 11 -4.78 -35.42 -43.29
C GLN D 11 -3.91 -34.71 -44.34
N ALA D 12 -2.94 -35.42 -44.92
CA ALA D 12 -2.00 -34.91 -45.95
C ALA D 12 -2.78 -34.55 -47.23
N ARG D 13 -3.80 -35.34 -47.58
CA ARG D 13 -4.72 -35.04 -48.73
C ARG D 13 -5.43 -33.70 -48.50
N LYS D 14 -6.01 -33.51 -47.31
CA LYS D 14 -6.73 -32.25 -46.94
C LYS D 14 -5.73 -31.09 -46.88
N LEU D 15 -4.52 -31.34 -46.35
CA LEU D 15 -3.43 -30.31 -46.27
C LEU D 15 -3.15 -29.78 -47.69
N VAL D 16 -2.76 -30.65 -48.62
CA VAL D 16 -2.37 -30.27 -50.02
C VAL D 16 -3.59 -29.62 -50.72
N GLU D 17 -4.80 -30.11 -50.46
CA GLU D 17 -6.08 -29.50 -50.94
C GLU D 17 -6.13 -28.04 -50.49
N GLN D 18 -5.92 -27.77 -49.19
CA GLN D 18 -5.97 -26.40 -48.61
C GLN D 18 -4.85 -25.54 -49.21
N LEU D 19 -3.65 -26.10 -49.39
CA LEU D 19 -2.49 -25.39 -50.00
C LEU D 19 -2.83 -24.95 -51.42
N LYS D 20 -3.39 -25.85 -52.24
CA LYS D 20 -3.85 -25.57 -53.62
C LYS D 20 -4.90 -24.45 -53.63
N MET D 21 -5.88 -24.54 -52.72
CA MET D 21 -6.94 -23.51 -52.51
C MET D 21 -6.29 -22.16 -52.14
N GLU D 22 -5.24 -22.18 -51.32
CA GLU D 22 -4.53 -20.97 -50.83
C GLU D 22 -3.63 -20.38 -51.93
N ALA D 23 -3.11 -21.20 -52.84
CA ALA D 23 -2.07 -20.81 -53.83
C ALA D 23 -2.58 -19.72 -54.78
N ASN D 24 -3.73 -19.94 -55.42
CA ASN D 24 -4.30 -19.04 -56.45
C ASN D 24 -4.98 -17.84 -55.77
N ILE D 25 -4.18 -16.88 -55.30
CA ILE D 25 -4.62 -15.59 -54.67
C ILE D 25 -3.81 -14.45 -55.30
N ASP D 26 -4.45 -13.29 -55.49
CA ASP D 26 -3.82 -12.06 -56.05
C ASP D 26 -2.92 -11.44 -54.99
N ARG D 27 -1.62 -11.76 -55.01
CA ARG D 27 -0.58 -11.05 -54.22
C ARG D 27 -0.41 -9.65 -54.81
N ILE D 28 -0.36 -8.63 -53.93
CA ILE D 28 -0.17 -7.21 -54.31
C ILE D 28 1.27 -6.80 -53.99
N LYS D 29 1.80 -5.81 -54.70
CA LYS D 29 3.20 -5.31 -54.53
C LYS D 29 3.34 -4.71 -53.14
N VAL D 30 4.36 -5.17 -52.39
CA VAL D 30 4.65 -4.74 -50.98
C VAL D 30 4.88 -3.23 -50.98
N SER D 31 5.39 -2.66 -52.08
CA SER D 31 5.54 -1.19 -52.31
C SER D 31 4.21 -0.48 -52.08
N LYS D 32 3.15 -0.92 -52.78
CA LYS D 32 1.80 -0.30 -52.71
C LYS D 32 1.20 -0.53 -51.31
N ALA D 33 1.29 -1.76 -50.78
CA ALA D 33 0.76 -2.16 -49.46
C ALA D 33 1.41 -1.33 -48.34
N ALA D 34 2.74 -1.17 -48.38
CA ALA D 34 3.53 -0.36 -47.44
C ALA D 34 3.11 1.11 -47.52
N ALA D 35 3.06 1.66 -48.74
CA ALA D 35 2.61 3.05 -49.05
C ALA D 35 1.19 3.27 -48.49
N ASP D 36 0.30 2.29 -48.67
CA ASP D 36 -1.10 2.31 -48.17
C ASP D 36 -1.12 2.39 -46.65
N LEU D 37 -0.35 1.52 -45.97
CA LEU D 37 -0.22 1.51 -44.48
C LEU D 37 0.33 2.86 -44.00
N MET D 38 1.39 3.36 -44.66
CA MET D 38 2.02 4.67 -44.34
C MET D 38 0.98 5.79 -44.50
N ALA D 39 0.20 5.75 -45.59
CA ALA D 39 -0.85 6.75 -45.94
C ALA D 39 -1.91 6.79 -44.82
N TYR D 40 -2.53 5.65 -44.51
CA TYR D 40 -3.57 5.52 -43.45
C TYR D 40 -2.99 5.95 -42.10
N CYS D 41 -1.78 5.48 -41.77
CA CYS D 41 -1.08 5.78 -40.50
C CYS D 41 -0.90 7.29 -40.33
N GLU D 42 -0.37 7.97 -41.35
CA GLU D 42 -0.03 9.42 -41.32
C GLU D 42 -1.33 10.27 -41.36
N ALA D 43 -2.35 9.82 -42.09
CA ALA D 43 -3.62 10.56 -42.31
C ALA D 43 -4.42 10.71 -40.99
N HIS D 44 -4.24 9.79 -40.04
CA HIS D 44 -5.00 9.71 -38.75
C HIS D 44 -4.08 10.00 -37.55
N ALA D 45 -3.06 10.85 -37.73
CA ALA D 45 -2.08 11.22 -36.68
C ALA D 45 -2.62 12.35 -35.78
N LYS D 46 -3.80 12.90 -36.09
CA LYS D 46 -4.43 14.05 -35.39
C LYS D 46 -5.36 13.56 -34.28
N GLU D 47 -5.89 12.34 -34.40
CA GLU D 47 -6.95 11.77 -33.50
C GLU D 47 -6.34 10.73 -32.55
N ASP D 48 -5.07 10.91 -32.17
CA ASP D 48 -4.27 9.93 -31.39
C ASP D 48 -3.67 10.62 -30.16
N PRO D 49 -4.35 10.57 -28.98
CA PRO D 49 -3.78 11.12 -27.75
C PRO D 49 -2.51 10.45 -27.18
N LEU D 50 -1.88 9.52 -27.91
CA LEU D 50 -0.57 8.91 -27.56
C LEU D 50 0.56 9.52 -28.39
N LEU D 51 0.33 9.79 -29.69
CA LEU D 51 1.30 10.50 -30.57
C LEU D 51 1.36 11.97 -30.17
N THR D 52 0.21 12.65 -30.25
CA THR D 52 0.03 14.10 -29.99
C THR D 52 -0.55 14.26 -28.58
N PRO D 53 0.27 14.45 -27.52
CA PRO D 53 -0.24 14.54 -26.16
C PRO D 53 -1.19 15.75 -26.01
N VAL D 54 -2.49 15.49 -26.12
CA VAL D 54 -3.59 16.49 -25.97
C VAL D 54 -3.41 17.22 -24.64
N PRO D 55 -3.64 18.56 -24.58
CA PRO D 55 -3.59 19.28 -23.30
C PRO D 55 -4.48 18.68 -22.21
N ALA D 56 -4.16 18.96 -20.94
CA ALA D 56 -4.74 18.33 -19.72
C ALA D 56 -6.25 18.57 -19.62
N SER D 57 -6.82 19.50 -20.41
CA SER D 57 -8.28 19.80 -20.47
C SER D 57 -9.08 18.57 -20.93
N GLU D 58 -8.82 18.08 -22.15
CA GLU D 58 -9.63 17.03 -22.82
C GLU D 58 -9.37 15.67 -22.17
N ASN D 59 -8.09 15.33 -21.94
CA ASN D 59 -7.63 14.07 -21.31
C ASN D 59 -8.22 13.97 -19.91
N PRO D 60 -9.22 13.09 -19.67
CA PRO D 60 -9.89 13.02 -18.37
C PRO D 60 -9.15 12.17 -17.32
N PHE D 61 -8.09 11.46 -17.72
CA PHE D 61 -7.21 10.65 -16.83
C PHE D 61 -6.18 11.58 -16.19
N ASP E 1 -40.86 -13.09 -9.68
CA ASP E 1 -40.08 -11.94 -10.25
C ASP E 1 -39.80 -10.90 -9.15
N VAL E 2 -39.14 -9.79 -9.51
CA VAL E 2 -39.01 -8.57 -8.66
C VAL E 2 -40.41 -8.19 -8.16
N GLN E 3 -40.57 -8.06 -6.84
CA GLN E 3 -41.88 -7.75 -6.19
C GLN E 3 -41.64 -7.06 -4.84
N LEU E 4 -41.97 -5.77 -4.75
CA LEU E 4 -41.99 -4.98 -3.50
C LEU E 4 -43.43 -4.87 -3.01
N VAL E 5 -43.73 -5.44 -1.84
CA VAL E 5 -45.01 -5.25 -1.10
C VAL E 5 -44.68 -5.02 0.37
N GLU E 6 -45.43 -4.12 1.02
CA GLU E 6 -45.30 -3.76 2.45
C GLU E 6 -46.69 -3.81 3.10
N SER E 7 -46.74 -3.78 4.43
CA SER E 7 -48.00 -3.81 5.23
C SER E 7 -47.79 -3.07 6.57
N GLY E 8 -48.87 -2.87 7.32
CA GLY E 8 -48.90 -2.14 8.61
C GLY E 8 -49.53 -0.77 8.47
N GLY E 9 -50.58 -0.64 7.64
CA GLY E 9 -51.28 0.62 7.35
C GLY E 9 -52.34 0.92 8.40
N GLY E 10 -53.57 1.24 7.96
CA GLY E 10 -54.69 1.59 8.84
C GLY E 10 -54.59 3.02 9.36
N LEU E 11 -55.29 3.32 10.46
CA LEU E 11 -55.34 4.68 11.09
C LEU E 11 -54.65 4.62 12.46
N VAL E 12 -53.99 5.72 12.85
CA VAL E 12 -53.34 5.92 14.18
C VAL E 12 -53.70 7.33 14.68
N GLN E 13 -54.04 7.47 15.97
CA GLN E 13 -54.35 8.77 16.62
C GLN E 13 -53.05 9.57 16.73
N PRO E 14 -53.02 10.88 16.39
CA PRO E 14 -51.78 11.67 16.41
C PRO E 14 -51.03 11.63 17.75
N GLY E 15 -49.69 11.55 17.69
CA GLY E 15 -48.81 11.28 18.84
C GLY E 15 -48.58 9.80 19.07
N GLY E 16 -49.21 8.93 18.26
CA GLY E 16 -49.04 7.47 18.32
C GLY E 16 -47.75 7.03 17.65
N SER E 17 -47.67 5.76 17.26
CA SER E 17 -46.49 5.16 16.56
C SER E 17 -46.93 3.94 15.73
N ARG E 18 -46.10 3.57 14.75
CA ARG E 18 -46.28 2.39 13.87
C ARG E 18 -44.91 1.95 13.36
N LYS E 19 -44.78 0.70 12.94
CA LYS E 19 -43.60 0.18 12.21
C LYS E 19 -44.05 -0.36 10.84
N LEU E 20 -43.71 0.35 9.76
CA LEU E 20 -44.00 -0.08 8.37
C LEU E 20 -42.85 -0.95 7.86
N SER E 21 -43.17 -2.18 7.46
CA SER E 21 -42.22 -3.25 7.03
C SER E 21 -42.39 -3.52 5.54
N CYS E 22 -41.38 -3.15 4.73
CA CYS E 22 -41.32 -3.41 3.26
C CYS E 22 -40.67 -4.77 3.02
N SER E 23 -41.45 -5.74 2.53
CA SER E 23 -41.04 -7.16 2.34
C SER E 23 -40.56 -7.36 0.90
N ALA E 24 -39.28 -7.03 0.63
CA ALA E 24 -38.61 -7.21 -0.67
C ALA E 24 -38.44 -8.71 -0.95
N SER E 25 -38.77 -9.14 -2.17
CA SER E 25 -38.73 -10.56 -2.60
C SER E 25 -38.56 -10.65 -4.12
N GLY E 26 -37.54 -11.39 -4.59
CA GLY E 26 -37.33 -11.73 -6.01
C GLY E 26 -36.00 -11.25 -6.57
N PHE E 27 -35.19 -10.54 -5.78
CA PHE E 27 -33.85 -10.03 -6.18
C PHE E 27 -32.91 -10.07 -4.97
N ALA E 28 -31.71 -9.48 -5.11
CA ALA E 28 -30.71 -9.34 -4.03
C ALA E 28 -30.95 -8.04 -3.25
N PHE E 29 -31.52 -8.17 -2.06
CA PHE E 29 -31.91 -7.03 -1.18
C PHE E 29 -30.67 -6.32 -0.63
N SER E 30 -29.60 -7.07 -0.30
CA SER E 30 -28.39 -6.56 0.41
C SER E 30 -27.69 -5.45 -0.38
N SER E 31 -27.60 -5.56 -1.72
CA SER E 31 -26.84 -4.64 -2.59
C SER E 31 -27.66 -3.41 -3.00
N PHE E 32 -28.96 -3.33 -2.66
CA PHE E 32 -29.87 -2.26 -3.13
C PHE E 32 -30.08 -1.21 -2.04
N GLY E 33 -29.59 0.02 -2.30
CA GLY E 33 -29.98 1.24 -1.56
C GLY E 33 -31.47 1.46 -1.65
N MET E 34 -32.21 1.21 -0.57
CA MET E 34 -33.68 1.35 -0.53
C MET E 34 -34.05 2.75 -0.03
N HIS E 35 -35.06 3.37 -0.65
CA HIS E 35 -35.59 4.70 -0.28
C HIS E 35 -36.99 4.53 0.32
N TRP E 36 -37.52 5.62 0.89
CA TRP E 36 -38.93 5.77 1.33
C TRP E 36 -39.43 7.13 0.86
N VAL E 37 -40.43 7.13 -0.02
CA VAL E 37 -41.08 8.36 -0.56
C VAL E 37 -42.60 8.23 -0.36
N ARG E 38 -43.22 9.27 0.19
CA ARG E 38 -44.66 9.33 0.52
C ARG E 38 -45.38 10.24 -0.48
N GLN E 39 -46.71 10.29 -0.38
CA GLN E 39 -47.61 11.12 -1.23
C GLN E 39 -48.87 11.45 -0.43
N ALA E 40 -49.04 12.72 -0.03
CA ALA E 40 -50.28 13.24 0.59
C ALA E 40 -51.46 12.93 -0.32
N PRO E 41 -52.70 12.82 0.20
CA PRO E 41 -53.83 12.30 -0.58
C PRO E 41 -54.02 12.86 -2.01
N GLU E 42 -53.73 14.15 -2.25
CA GLU E 42 -53.95 14.82 -3.56
C GLU E 42 -52.78 15.76 -3.95
N LYS E 43 -51.61 15.63 -3.31
CA LYS E 43 -50.41 16.47 -3.59
C LYS E 43 -49.37 15.66 -4.38
N GLY E 44 -48.27 16.31 -4.75
CA GLY E 44 -47.09 15.67 -5.38
C GLY E 44 -46.31 14.85 -4.37
N LEU E 45 -45.34 14.06 -4.85
CA LEU E 45 -44.50 13.17 -4.00
C LEU E 45 -43.51 14.01 -3.20
N GLU E 46 -43.12 13.52 -2.02
CA GLU E 46 -42.04 14.10 -1.18
C GLU E 46 -41.05 12.98 -0.82
N TRP E 47 -39.79 13.33 -0.57
CA TRP E 47 -38.76 12.41 -0.04
C TRP E 47 -38.84 12.41 1.48
N VAL E 48 -38.68 11.23 2.10
CA VAL E 48 -38.91 10.97 3.55
C VAL E 48 -37.63 10.45 4.19
N ALA E 49 -37.17 9.28 3.76
CA ALA E 49 -36.05 8.52 4.38
C ALA E 49 -35.17 7.89 3.32
N TYR E 50 -34.09 7.21 3.75
CA TYR E 50 -33.07 6.56 2.89
C TYR E 50 -32.35 5.48 3.70
N ILE E 51 -31.99 4.37 3.05
CA ILE E 51 -31.03 3.37 3.60
C ILE E 51 -30.14 2.87 2.45
N SER E 52 -28.82 2.88 2.67
CA SER E 52 -27.79 2.43 1.69
C SER E 52 -27.58 0.92 1.82
N SER E 53 -26.66 0.37 1.02
CA SER E 53 -26.24 -1.06 1.05
C SER E 53 -25.49 -1.36 2.34
N GLY E 54 -26.04 -2.24 3.20
CA GLY E 54 -25.42 -2.69 4.46
C GLY E 54 -25.55 -1.68 5.58
N SER E 55 -26.44 -0.68 5.45
CA SER E 55 -26.71 0.38 6.46
C SER E 55 -25.45 1.17 6.80
N GLY E 56 -24.53 1.32 5.84
CA GLY E 56 -23.27 2.07 6.01
C GLY E 56 -23.48 3.58 5.90
N THR E 57 -24.64 4.01 5.38
CA THR E 57 -25.01 5.43 5.14
C THR E 57 -26.53 5.58 5.29
N ILE E 58 -26.97 6.62 6.03
CA ILE E 58 -28.41 7.00 6.19
C ILE E 58 -28.53 8.52 6.02
N TYR E 59 -29.61 8.96 5.38
CA TYR E 59 -30.07 10.37 5.31
C TYR E 59 -31.53 10.46 5.76
N TYR E 60 -32.03 11.68 5.95
CA TYR E 60 -33.43 11.99 6.35
C TYR E 60 -33.85 13.34 5.76
N ALA E 61 -35.14 13.46 5.42
CA ALA E 61 -35.80 14.73 5.06
C ALA E 61 -35.91 15.60 6.31
N ASP E 62 -35.72 16.91 6.15
CA ASP E 62 -35.70 17.91 7.26
C ASP E 62 -37.03 17.91 8.02
N THR E 63 -38.11 17.46 7.38
CA THR E 63 -39.50 17.44 7.94
C THR E 63 -39.63 16.36 9.02
N VAL E 64 -38.84 15.28 8.94
CA VAL E 64 -38.93 14.10 9.87
C VAL E 64 -37.56 13.84 10.55
N LYS E 65 -36.60 14.76 10.44
CA LYS E 65 -35.21 14.60 10.96
C LYS E 65 -35.23 14.18 12.43
N GLY E 66 -34.76 12.97 12.73
CA GLY E 66 -34.64 12.43 14.10
C GLY E 66 -35.97 11.94 14.66
N ARG E 67 -37.10 12.24 14.00
CA ARG E 67 -38.47 11.89 14.47
C ARG E 67 -38.83 10.49 13.97
N PHE E 68 -38.25 10.06 12.84
CA PHE E 68 -38.36 8.68 12.29
C PHE E 68 -37.04 7.94 12.46
N THR E 69 -37.10 6.60 12.32
CA THR E 69 -35.94 5.67 12.32
C THR E 69 -36.17 4.60 11.25
N ILE E 70 -35.28 4.52 10.26
CA ILE E 70 -35.28 3.51 9.16
C ILE E 70 -34.29 2.40 9.54
N SER E 71 -34.62 1.13 9.23
CA SER E 71 -33.76 -0.05 9.52
C SER E 71 -34.14 -1.22 8.62
N ARG E 72 -33.15 -2.05 8.25
CA ARG E 72 -33.31 -3.18 7.29
C ARG E 72 -32.76 -4.47 7.91
N ASP E 73 -33.30 -5.62 7.48
CA ASP E 73 -32.86 -6.98 7.89
C ASP E 73 -32.57 -7.80 6.63
N ASP E 74 -31.29 -7.87 6.23
CA ASP E 74 -30.84 -8.44 4.93
C ASP E 74 -31.20 -9.93 4.86
N PRO E 75 -30.80 -10.78 5.83
CA PRO E 75 -31.04 -12.24 5.72
C PRO E 75 -32.51 -12.64 5.53
N LYS E 76 -33.47 -11.79 5.96
CA LYS E 76 -34.93 -12.02 5.80
C LYS E 76 -35.48 -11.25 4.58
N ASN E 77 -34.72 -10.29 4.04
CA ASN E 77 -35.12 -9.42 2.89
C ASN E 77 -36.34 -8.60 3.30
N THR E 78 -36.17 -7.71 4.29
CA THR E 78 -37.23 -6.82 4.83
C THR E 78 -36.62 -5.45 5.19
N LEU E 79 -37.41 -4.38 5.00
CA LEU E 79 -37.04 -2.98 5.30
C LEU E 79 -38.08 -2.38 6.25
N PHE E 80 -37.66 -1.97 7.45
CA PHE E 80 -38.52 -1.40 8.53
C PHE E 80 -38.40 0.12 8.56
N LEU E 81 -39.47 0.80 9.00
CA LEU E 81 -39.47 2.25 9.32
C LEU E 81 -40.16 2.47 10.67
N GLN E 82 -39.37 2.83 11.70
CA GLN E 82 -39.87 3.18 13.06
C GLN E 82 -40.24 4.66 13.06
N MET E 83 -41.54 4.98 13.14
CA MET E 83 -42.07 6.38 13.16
C MET E 83 -42.71 6.64 14.52
N THR E 84 -42.32 7.73 15.18
CA THR E 84 -42.83 8.17 16.51
C THR E 84 -43.31 9.62 16.43
N SER E 85 -44.23 10.01 17.33
CA SER E 85 -44.80 11.37 17.50
C SER E 85 -45.35 11.89 16.16
N LEU E 86 -46.24 11.12 15.53
CA LEU E 86 -46.85 11.43 14.21
C LEU E 86 -47.73 12.68 14.36
N ARG E 87 -47.46 13.72 13.58
CA ARG E 87 -48.37 14.89 13.41
C ARG E 87 -49.49 14.50 12.44
N SER E 88 -50.43 15.42 12.19
CA SER E 88 -51.55 15.24 11.21
C SER E 88 -51.07 15.50 9.77
N GLU E 89 -49.76 15.73 9.57
CA GLU E 89 -49.16 16.13 8.26
C GLU E 89 -48.49 14.92 7.58
N ASP E 90 -48.42 13.77 8.26
CA ASP E 90 -47.74 12.54 7.75
C ASP E 90 -48.77 11.56 7.14
N THR E 91 -50.06 11.91 7.13
CA THR E 91 -51.14 11.11 6.46
C THR E 91 -50.82 11.02 4.96
N ALA E 92 -50.51 9.83 4.47
CA ALA E 92 -50.07 9.59 3.07
C ALA E 92 -49.97 8.08 2.80
N MET E 93 -49.88 7.71 1.51
CA MET E 93 -49.32 6.42 1.04
C MET E 93 -47.81 6.46 1.28
N TYR E 94 -47.20 5.31 1.53
CA TYR E 94 -45.74 5.18 1.81
C TYR E 94 -45.17 4.08 0.91
N TYR E 95 -44.53 4.49 -0.20
CA TYR E 95 -43.83 3.60 -1.16
C TYR E 95 -42.42 3.30 -0.64
N CYS E 96 -41.99 2.04 -0.71
CA CYS E 96 -40.57 1.61 -0.55
C CYS E 96 -40.02 1.26 -1.94
N VAL E 97 -39.06 2.06 -2.41
CA VAL E 97 -38.49 1.98 -3.79
C VAL E 97 -37.02 1.55 -3.67
N ARG E 98 -36.56 0.71 -4.60
CA ARG E 98 -35.15 0.27 -4.70
C ARG E 98 -34.37 1.31 -5.51
N SER E 99 -33.08 1.48 -5.21
CA SER E 99 -32.15 2.33 -5.98
C SER E 99 -30.73 1.73 -5.92
N ILE E 100 -30.20 1.32 -7.08
CA ILE E 100 -28.83 0.77 -7.21
C ILE E 100 -27.94 1.82 -7.89
N TYR E 101 -26.85 2.20 -7.21
CA TYR E 101 -25.94 3.31 -7.60
C TYR E 101 -24.56 2.75 -7.98
N TYR E 102 -24.37 2.49 -9.26
CA TYR E 102 -23.04 2.30 -9.92
C TYR E 102 -23.06 3.02 -11.27
N TYR E 103 -21.96 2.95 -12.03
CA TYR E 103 -21.82 3.61 -13.36
C TYR E 103 -22.74 2.93 -14.38
N GLY E 104 -23.64 3.71 -15.00
CA GLY E 104 -24.59 3.24 -16.03
C GLY E 104 -25.77 2.50 -15.44
N SER E 105 -26.05 2.69 -14.15
CA SER E 105 -27.17 2.05 -13.40
C SER E 105 -28.47 2.83 -13.65
N SER E 106 -29.59 2.28 -13.17
CA SER E 106 -30.95 2.88 -13.23
C SER E 106 -31.54 2.92 -11.83
N PRO E 107 -31.19 3.91 -10.98
CA PRO E 107 -31.83 4.06 -9.67
C PRO E 107 -33.33 4.39 -9.78
N PHE E 108 -34.11 3.99 -8.77
CA PHE E 108 -35.59 4.15 -8.66
C PHE E 108 -36.31 3.38 -9.78
N ASP E 109 -35.75 2.28 -10.27
CA ASP E 109 -36.26 1.55 -11.45
C ASP E 109 -37.44 0.65 -11.07
N PHE E 110 -37.79 0.53 -9.78
CA PHE E 110 -39.00 -0.21 -9.32
C PHE E 110 -39.56 0.42 -8.03
N TRP E 111 -40.89 0.50 -7.95
CA TRP E 111 -41.67 1.10 -6.84
C TRP E 111 -42.67 0.06 -6.31
N GLY E 112 -42.72 -0.13 -4.98
CA GLY E 112 -43.67 -1.04 -4.31
C GLY E 112 -45.10 -0.55 -4.47
N GLN E 113 -46.08 -1.42 -4.17
CA GLN E 113 -47.54 -1.14 -4.34
C GLN E 113 -47.97 -0.02 -3.38
N GLY E 114 -47.31 0.11 -2.23
CA GLY E 114 -47.50 1.23 -1.29
C GLY E 114 -48.70 1.02 -0.38
N THR E 115 -48.55 1.34 0.91
CA THR E 115 -49.63 1.27 1.94
C THR E 115 -49.99 2.67 2.41
N THR E 116 -51.29 2.93 2.59
CA THR E 116 -51.85 4.17 3.20
C THR E 116 -51.62 4.12 4.72
N LEU E 117 -51.24 5.25 5.31
CA LEU E 117 -51.13 5.46 6.78
C LEU E 117 -51.82 6.79 7.11
N THR E 118 -53.12 6.72 7.41
CA THR E 118 -53.97 7.90 7.76
C THR E 118 -53.83 8.18 9.26
N VAL E 119 -54.04 9.43 9.65
CA VAL E 119 -54.06 9.90 11.08
C VAL E 119 -55.24 10.87 11.26
N SER E 120 -55.80 10.92 12.48
CA SER E 120 -57.01 11.70 12.85
C SER E 120 -56.65 12.76 13.89
N SER E 136 -30.65 25.06 2.66
CA SER E 136 -30.47 25.31 1.21
C SER E 136 -30.74 24.02 0.41
N ASP E 137 -32.02 23.75 0.14
CA ASP E 137 -32.51 22.59 -0.67
C ASP E 137 -32.84 23.09 -2.08
N ILE E 138 -32.73 22.21 -3.08
CA ILE E 138 -33.10 22.49 -4.50
C ILE E 138 -34.64 22.39 -4.58
N VAL E 139 -35.28 23.36 -5.23
CA VAL E 139 -36.75 23.40 -5.45
C VAL E 139 -37.01 23.19 -6.95
N MET E 140 -37.94 22.28 -7.27
CA MET E 140 -38.30 21.90 -8.65
C MET E 140 -39.65 22.52 -9.02
N THR E 141 -39.60 23.72 -9.60
CA THR E 141 -40.78 24.55 -9.96
C THR E 141 -41.33 24.06 -11.31
N GLN E 142 -41.97 22.89 -11.33
CA GLN E 142 -42.77 22.40 -12.47
C GLN E 142 -43.95 23.37 -12.65
N ALA E 143 -43.83 24.30 -13.60
CA ALA E 143 -44.75 25.44 -13.82
C ALA E 143 -46.09 24.93 -14.37
N THR E 144 -46.04 24.05 -15.37
CA THR E 144 -47.22 23.39 -15.99
C THR E 144 -47.87 22.44 -14.98
N SER E 145 -49.20 22.39 -14.95
CA SER E 145 -50.02 21.61 -13.98
C SER E 145 -50.91 20.60 -14.69
N SER E 146 -51.62 21.01 -15.76
CA SER E 146 -52.59 20.15 -16.51
C SER E 146 -52.67 20.62 -17.97
N VAL E 147 -52.46 19.70 -18.92
CA VAL E 147 -52.60 19.93 -20.39
C VAL E 147 -53.32 18.74 -21.01
N PRO E 148 -54.48 18.93 -21.69
CA PRO E 148 -55.17 17.84 -22.38
C PRO E 148 -54.58 17.59 -23.78
N VAL E 149 -54.32 16.31 -24.12
CA VAL E 149 -53.72 15.90 -25.43
C VAL E 149 -54.53 14.73 -26.00
N THR E 150 -54.68 14.71 -27.33
CA THR E 150 -55.42 13.67 -28.10
C THR E 150 -54.46 12.53 -28.44
N PRO E 151 -54.89 11.25 -28.37
CA PRO E 151 -54.03 10.12 -28.75
C PRO E 151 -53.56 10.19 -30.21
N GLY E 152 -52.23 10.23 -30.43
CA GLY E 152 -51.58 10.24 -31.76
C GLY E 152 -50.64 11.42 -31.95
N GLU E 153 -50.82 12.50 -31.17
CA GLU E 153 -50.04 13.76 -31.31
C GLU E 153 -48.76 13.68 -30.46
N SER E 154 -47.91 14.70 -30.59
CA SER E 154 -46.68 14.95 -29.79
C SER E 154 -46.90 16.13 -28.86
N VAL E 155 -46.56 15.97 -27.57
CA VAL E 155 -46.66 17.02 -26.51
C VAL E 155 -45.33 17.04 -25.74
N SER E 156 -44.90 18.23 -25.32
CA SER E 156 -43.66 18.48 -24.53
C SER E 156 -44.04 19.03 -23.15
N ILE E 157 -43.70 18.29 -22.09
CA ILE E 157 -43.88 18.72 -20.67
C ILE E 157 -42.63 19.55 -20.30
N SER E 158 -42.74 20.45 -19.33
CA SER E 158 -41.62 21.33 -18.88
C SER E 158 -41.33 21.08 -17.39
N CYS E 159 -40.05 21.05 -17.03
CA CYS E 159 -39.53 21.04 -15.63
C CYS E 159 -38.39 22.05 -15.50
N ARG E 160 -38.46 22.93 -14.50
CA ARG E 160 -37.45 23.99 -14.22
C ARG E 160 -36.79 23.71 -12.86
N SER E 161 -35.45 23.64 -12.86
CA SER E 161 -34.61 23.49 -11.64
C SER E 161 -34.29 24.89 -11.07
N SER E 162 -33.72 24.92 -9.86
CA SER E 162 -33.32 26.15 -9.12
C SER E 162 -31.80 26.23 -8.98
N LYS E 163 -31.05 25.31 -9.61
CA LYS E 163 -29.58 25.16 -9.43
C LYS E 163 -28.98 24.42 -10.63
N SER E 164 -27.81 24.86 -11.11
CA SER E 164 -27.01 24.22 -12.19
C SER E 164 -26.94 22.70 -11.95
N LEU E 165 -27.68 21.92 -12.75
CA LEU E 165 -27.82 20.45 -12.59
C LEU E 165 -26.73 19.71 -13.37
N LEU E 166 -26.23 20.26 -14.48
CA LEU E 166 -25.01 19.75 -15.16
C LEU E 166 -23.85 19.85 -14.16
N HIS E 167 -23.52 18.73 -13.51
CA HIS E 167 -22.43 18.61 -12.52
C HIS E 167 -21.09 18.46 -13.26
N SER E 168 -19.97 18.65 -12.54
CA SER E 168 -18.58 18.53 -13.05
C SER E 168 -18.31 17.16 -13.71
N ASN E 169 -19.02 16.11 -13.30
CA ASN E 169 -18.92 14.74 -13.88
C ASN E 169 -19.24 14.76 -15.38
N GLY E 170 -20.21 15.59 -15.80
CA GLY E 170 -20.61 15.77 -17.21
C GLY E 170 -22.07 15.39 -17.46
N ASN E 171 -22.72 14.75 -16.48
CA ASN E 171 -24.13 14.27 -16.58
C ASN E 171 -25.02 15.10 -15.64
N THR E 172 -26.30 15.26 -15.99
CA THR E 172 -27.32 16.05 -15.26
C THR E 172 -28.26 15.08 -14.53
N TYR E 173 -28.27 15.11 -13.20
CA TYR E 173 -29.07 14.18 -12.34
C TYR E 173 -30.50 14.71 -12.26
N LEU E 174 -31.33 14.32 -13.22
CA LEU E 174 -32.79 14.65 -13.27
C LEU E 174 -33.55 13.48 -13.89
N TYR E 175 -34.46 12.89 -13.12
CA TYR E 175 -35.28 11.70 -13.47
C TYR E 175 -36.69 12.18 -13.82
N TRP E 176 -37.43 11.33 -14.55
CA TRP E 176 -38.85 11.56 -14.92
C TRP E 176 -39.66 10.31 -14.55
N PHE E 177 -40.64 10.47 -13.68
CA PHE E 177 -41.56 9.37 -13.22
C PHE E 177 -42.95 9.61 -13.77
N LEU E 178 -43.57 8.54 -14.31
CA LEU E 178 -45.01 8.49 -14.68
C LEU E 178 -45.76 7.68 -13.63
N GLN E 179 -46.80 8.28 -13.04
CA GLN E 179 -47.78 7.62 -12.14
C GLN E 179 -49.10 7.44 -12.90
N ARG E 180 -49.44 6.20 -13.27
CA ARG E 180 -50.74 5.85 -13.90
C ARG E 180 -51.83 6.02 -12.83
N PRO E 181 -53.08 6.37 -13.20
CA PRO E 181 -54.14 6.59 -12.21
C PRO E 181 -54.39 5.37 -11.31
N GLY E 182 -54.19 5.53 -9.99
CA GLY E 182 -54.35 4.47 -8.98
C GLY E 182 -53.31 3.35 -9.14
N GLN E 183 -52.05 3.72 -9.39
CA GLN E 183 -50.89 2.79 -9.55
C GLN E 183 -49.71 3.34 -8.77
N SER E 184 -48.58 2.61 -8.75
CA SER E 184 -47.27 3.04 -8.19
C SER E 184 -46.38 3.52 -9.34
N PRO E 185 -45.84 4.76 -9.28
CA PRO E 185 -45.14 5.35 -10.43
C PRO E 185 -43.82 4.64 -10.77
N GLN E 186 -43.63 4.32 -12.05
CA GLN E 186 -42.41 3.65 -12.59
C GLN E 186 -41.48 4.72 -13.18
N LEU E 187 -40.20 4.35 -13.38
CA LEU E 187 -39.18 5.22 -14.03
C LEU E 187 -39.47 5.28 -15.54
N LEU E 188 -39.28 6.44 -16.16
CA LEU E 188 -39.36 6.64 -17.63
C LEU E 188 -37.97 6.88 -18.19
N ILE E 189 -37.31 7.97 -17.77
CA ILE E 189 -35.92 8.34 -18.18
C ILE E 189 -35.11 8.70 -16.92
N TYR E 190 -33.84 8.29 -16.90
CA TYR E 190 -32.87 8.63 -15.83
C TYR E 190 -31.71 9.44 -16.44
N ARG E 191 -31.27 10.47 -15.71
CA ARG E 191 -30.21 11.44 -16.11
C ARG E 191 -30.62 12.13 -17.43
N MET E 192 -31.92 12.48 -17.56
CA MET E 192 -32.50 13.44 -18.54
C MET E 192 -32.48 12.94 -20.00
N SER E 193 -31.74 11.87 -20.32
CA SER E 193 -31.48 11.41 -21.72
C SER E 193 -31.84 9.93 -21.89
N ASN E 194 -31.29 9.06 -21.03
CA ASN E 194 -31.34 7.58 -21.17
C ASN E 194 -32.75 7.06 -20.81
N LEU E 195 -33.25 6.10 -21.60
CA LEU E 195 -34.54 5.38 -21.32
C LEU E 195 -34.31 4.30 -20.26
N ALA E 196 -35.37 3.96 -19.52
CA ALA E 196 -35.41 2.91 -18.48
C ALA E 196 -35.45 1.53 -19.13
N SER E 197 -35.50 0.46 -18.31
CA SER E 197 -35.65 -0.95 -18.73
C SER E 197 -37.14 -1.27 -18.90
N GLY E 198 -37.56 -1.64 -20.12
CA GLY E 198 -38.94 -2.00 -20.45
C GLY E 198 -39.86 -0.78 -20.50
N VAL E 199 -39.47 0.23 -21.29
CA VAL E 199 -40.28 1.45 -21.59
C VAL E 199 -40.35 1.59 -23.11
N PRO E 200 -41.51 1.94 -23.71
CA PRO E 200 -41.59 2.18 -25.16
C PRO E 200 -40.69 3.34 -25.61
N ASP E 201 -40.13 3.24 -26.82
CA ASP E 201 -39.09 4.15 -27.38
C ASP E 201 -39.69 5.53 -27.70
N ARG E 202 -41.02 5.65 -27.71
CA ARG E 202 -41.77 6.92 -27.92
C ARG E 202 -41.22 8.01 -26.98
N PHE E 203 -41.06 7.65 -25.70
CA PHE E 203 -40.49 8.55 -24.64
C PHE E 203 -39.06 8.92 -25.05
N SER E 204 -38.71 10.19 -24.84
CA SER E 204 -37.34 10.73 -24.96
C SER E 204 -37.24 11.97 -24.07
N GLY E 205 -36.06 12.23 -23.49
CA GLY E 205 -35.77 13.46 -22.73
C GLY E 205 -34.72 14.29 -23.45
N SER E 206 -34.71 15.60 -23.17
CA SER E 206 -33.73 16.57 -23.75
C SER E 206 -33.62 17.80 -22.85
N GLY E 207 -32.86 18.81 -23.29
CA GLY E 207 -32.72 20.12 -22.63
C GLY E 207 -31.27 20.44 -22.32
N SER E 208 -31.04 21.25 -21.28
CA SER E 208 -29.70 21.66 -20.78
C SER E 208 -29.77 21.88 -19.26
N GLY E 209 -28.72 22.46 -18.67
CA GLY E 209 -28.69 22.83 -17.24
C GLY E 209 -29.81 23.79 -16.87
N THR E 210 -30.60 23.46 -15.85
CA THR E 210 -31.66 24.29 -15.22
C THR E 210 -32.85 24.52 -16.17
N ALA E 211 -33.05 23.66 -17.18
CA ALA E 211 -34.18 23.73 -18.12
C ALA E 211 -34.35 22.38 -18.84
N PHE E 212 -35.45 21.67 -18.56
CA PHE E 212 -35.65 20.26 -18.98
C PHE E 212 -37.06 20.08 -19.56
N THR E 213 -37.23 18.99 -20.30
CA THR E 213 -38.50 18.59 -20.96
C THR E 213 -38.52 17.06 -21.13
N LEU E 214 -39.73 16.48 -21.18
CA LEU E 214 -39.98 15.07 -21.59
C LEU E 214 -40.90 15.11 -22.81
N THR E 215 -40.31 15.21 -23.99
CA THR E 215 -41.00 15.30 -25.31
C THR E 215 -41.51 13.91 -25.69
N ILE E 216 -42.60 13.47 -25.06
CA ILE E 216 -43.32 12.20 -25.41
C ILE E 216 -43.84 12.33 -26.85
N SER E 217 -43.65 11.28 -27.66
CA SER E 217 -44.01 11.24 -29.11
C SER E 217 -45.23 10.32 -29.31
N ARG E 218 -46.10 10.68 -30.25
CA ARG E 218 -47.30 9.92 -30.68
C ARG E 218 -48.00 9.31 -29.46
N LEU E 219 -48.39 10.15 -28.50
CA LEU E 219 -49.13 9.74 -27.26
C LEU E 219 -50.32 8.86 -27.65
N GLU E 220 -50.60 7.79 -26.88
CA GLU E 220 -51.79 6.92 -27.03
C GLU E 220 -52.50 6.80 -25.67
N ALA E 221 -53.49 5.90 -25.57
CA ALA E 221 -54.18 5.55 -24.30
C ALA E 221 -53.20 4.80 -23.37
N GLU E 222 -53.68 4.35 -22.21
CA GLU E 222 -52.88 3.70 -21.11
C GLU E 222 -51.53 4.41 -20.94
N ASP E 223 -51.51 5.74 -21.08
CA ASP E 223 -50.27 6.58 -21.01
C ASP E 223 -50.54 7.91 -20.30
N VAL E 224 -51.77 8.15 -19.83
CA VAL E 224 -52.16 9.39 -19.10
C VAL E 224 -51.70 9.27 -17.65
N GLY E 225 -51.74 10.38 -16.90
CA GLY E 225 -51.32 10.46 -15.49
C GLY E 225 -50.53 11.72 -15.22
N VAL E 226 -49.60 11.66 -14.26
CA VAL E 226 -48.80 12.82 -13.76
C VAL E 226 -47.31 12.50 -13.93
N TYR E 227 -46.51 13.52 -14.27
CA TYR E 227 -45.07 13.41 -14.59
C TYR E 227 -44.26 14.28 -13.63
N TYR E 228 -43.69 13.67 -12.59
CA TYR E 228 -42.78 14.32 -11.60
C TYR E 228 -41.34 14.24 -12.13
N CYS E 229 -40.59 15.33 -11.97
CA CYS E 229 -39.15 15.45 -12.33
C CYS E 229 -38.31 15.51 -11.05
N MET E 230 -38.00 14.34 -10.49
CA MET E 230 -37.19 14.20 -9.25
C MET E 230 -35.74 14.51 -9.57
N GLN E 231 -35.29 15.76 -9.34
CA GLN E 231 -33.84 16.09 -9.35
C GLN E 231 -33.18 15.24 -8.26
N HIS E 232 -32.05 14.61 -8.55
CA HIS E 232 -31.29 13.75 -7.60
C HIS E 232 -29.95 14.39 -7.23
N LEU E 233 -29.67 15.60 -7.71
CA LEU E 233 -28.30 16.20 -7.55
C LEU E 233 -27.93 16.28 -6.06
N GLU E 234 -28.83 16.69 -5.17
CA GLU E 234 -28.47 16.88 -3.73
C GLU E 234 -29.60 16.45 -2.78
N TYR E 235 -29.24 16.31 -1.50
CA TYR E 235 -30.04 15.57 -0.48
C TYR E 235 -30.59 16.42 0.67
N PRO E 236 -31.89 16.76 0.60
CA PRO E 236 -32.90 15.73 0.41
C PRO E 236 -33.38 15.86 -1.04
N LEU E 237 -33.80 14.76 -1.67
CA LEU E 237 -34.30 14.77 -3.08
C LEU E 237 -35.64 15.49 -3.06
N THR E 238 -35.88 16.41 -3.99
CA THR E 238 -37.13 17.20 -4.09
C THR E 238 -37.74 16.94 -5.46
N PHE E 239 -39.04 16.61 -5.48
CA PHE E 239 -39.82 16.33 -6.71
C PHE E 239 -40.54 17.62 -7.13
N GLY E 240 -41.10 17.61 -8.34
CA GLY E 240 -41.98 18.67 -8.86
C GLY E 240 -43.41 18.48 -8.38
N ALA E 241 -44.31 19.37 -8.81
CA ALA E 241 -45.75 19.34 -8.50
C ALA E 241 -46.45 18.25 -9.32
N GLY E 242 -45.97 17.98 -10.54
CA GLY E 242 -46.53 16.97 -11.47
C GLY E 242 -47.52 17.59 -12.44
N THR E 243 -47.47 17.17 -13.71
CA THR E 243 -48.37 17.61 -14.81
C THR E 243 -49.40 16.52 -15.11
N LYS E 244 -50.65 16.69 -14.68
CA LYS E 244 -51.74 15.69 -14.87
C LYS E 244 -52.21 15.76 -16.33
N LEU E 245 -51.80 14.78 -17.15
CA LEU E 245 -52.28 14.63 -18.56
C LEU E 245 -53.72 14.12 -18.52
N GLU E 246 -54.66 14.95 -18.99
CA GLU E 246 -56.08 14.56 -19.22
C GLU E 246 -56.24 14.18 -20.70
N LEU E 247 -57.34 13.51 -21.04
CA LEU E 247 -57.64 13.07 -22.43
C LEU E 247 -58.43 14.16 -23.15
C1 CLR F . 22.38 9.08 26.29
C2 CLR F . 23.35 10.04 26.97
C3 CLR F . 22.64 10.89 28.03
C4 CLR F . 22.05 9.98 29.10
C5 CLR F . 21.20 8.92 28.44
C6 CLR F . 19.95 8.70 28.86
C7 CLR F . 19.36 7.30 28.86
C8 CLR F . 19.96 6.46 27.74
C9 CLR F . 20.63 7.33 26.67
C10 CLR F . 21.77 8.12 27.30
C11 CLR F . 21.13 6.52 25.45
C12 CLR F . 20.11 5.53 24.92
C13 CLR F . 19.61 4.68 26.08
C14 CLR F . 18.91 5.61 27.04
C15 CLR F . 18.04 4.71 27.91
C16 CLR F . 17.70 3.52 27.01
C17 CLR F . 18.57 3.62 25.76
C18 CLR F . 20.80 4.03 26.77
C19 CLR F . 22.83 7.18 27.85
C20 CLR F . 19.21 2.29 25.40
C21 CLR F . 19.49 2.21 23.90
C22 CLR F . 18.34 1.13 25.86
C23 CLR F . 17.55 0.55 24.69
C24 CLR F . 17.74 -0.96 24.58
C25 CLR F . 16.40 -1.67 24.50
C26 CLR F . 15.61 -1.22 23.28
C27 CLR F . 16.60 -3.19 24.48
O1 CLR F . 23.59 11.78 28.63
#